data_7XH2
# 
_entry.id   7XH2 
# 
_audit_conform.dict_name       mmcif_pdbx.dic 
_audit_conform.dict_version    5.380 
_audit_conform.dict_location   http://mmcif.pdb.org/dictionaries/ascii/mmcif_pdbx.dic 
# 
loop_
_database_2.database_id 
_database_2.database_code 
_database_2.pdbx_database_accession 
_database_2.pdbx_DOI 
PDB   7XH2         pdb_00007xh2 10.2210/pdb7xh2/pdb 
WWPDB D_1300028813 ?            ?                   
# 
_pdbx_database_status.status_code                     REL 
_pdbx_database_status.status_code_sf                  REL 
_pdbx_database_status.status_code_mr                  ? 
_pdbx_database_status.entry_id                        7XH2 
_pdbx_database_status.recvd_initial_deposition_date   2022-04-07 
_pdbx_database_status.SG_entry                        N 
_pdbx_database_status.deposit_site                    PDBJ 
_pdbx_database_status.process_site                    PDBJ 
_pdbx_database_status.status_code_cs                  ? 
_pdbx_database_status.status_code_nmr_data            ? 
_pdbx_database_status.methods_development_category    ? 
_pdbx_database_status.pdb_format_compatible           Y 
# 
loop_
_audit_author.name 
_audit_author.pdbx_ordinal 
_audit_author.identifier_ORCID 
'Ma, X.'   1 ? 
'Shao, N.' 2 ? 
'Ma, M.'   3 ? 
'Tang, G.' 4 ? 
# 
_citation.abstract                  ? 
_citation.abstract_id_CAS           ? 
_citation.book_id_ISBN              ? 
_citation.book_publisher            ? 
_citation.book_publisher_city       ? 
_citation.book_title                ? 
_citation.coordinate_linkage        ? 
_citation.country                   NE 
_citation.database_id_Medline       ? 
_citation.details                   ? 
_citation.id                        primary 
_citation.journal_abbrev            'Acta Pharm Sin B' 
_citation.journal_id_ASTM           ? 
_citation.journal_id_CSD            ? 
_citation.journal_id_ISSN           2211-3835 
_citation.journal_full              ? 
_citation.journal_issue             ? 
_citation.journal_volume            13 
_citation.language                  ? 
_citation.page_first                1318 
_citation.page_last                 1325 
_citation.title                     
'Dihydrofolate reductase-like protein inactivates hemiaminal pharmacophore for self-resistance in safracin biosynthesis.' 
_citation.year                      2023 
_citation.database_id_CSD           ? 
_citation.pdbx_database_id_DOI      10.1016/j.apsb.2022.10.005 
_citation.pdbx_database_id_PubMed   36970210 
_citation.pdbx_database_id_patent   ? 
_citation.unpublished_flag          ? 
# 
loop_
_citation_author.citation_id 
_citation_author.name 
_citation_author.ordinal 
_citation_author.identifier_ORCID 
primary 'Shao, N.'    1 ? 
primary 'Ma, X.'      2 ? 
primary 'Zhang, Y.Y.' 3 ? 
primary 'Yang, D.'    4 ? 
primary 'Ma, M.'      5 ? 
primary 'Tang, G.L.'  6 ? 
# 
_cell.angle_alpha                  90.000 
_cell.angle_alpha_esd              ? 
_cell.angle_beta                   90.000 
_cell.angle_beta_esd               ? 
_cell.angle_gamma                  120.000 
_cell.angle_gamma_esd              ? 
_cell.entry_id                     7XH2 
_cell.details                      ? 
_cell.formula_units_Z              ? 
_cell.length_a                     68.881 
_cell.length_a_esd                 ? 
_cell.length_b                     68.881 
_cell.length_b_esd                 ? 
_cell.length_c                     156.019 
_cell.length_c_esd                 ? 
_cell.volume                       ? 
_cell.volume_esd                   ? 
_cell.Z_PDB                        12 
_cell.reciprocal_angle_alpha       ? 
_cell.reciprocal_angle_beta        ? 
_cell.reciprocal_angle_gamma       ? 
_cell.reciprocal_angle_alpha_esd   ? 
_cell.reciprocal_angle_beta_esd    ? 
_cell.reciprocal_angle_gamma_esd   ? 
_cell.reciprocal_length_a          ? 
_cell.reciprocal_length_b          ? 
_cell.reciprocal_length_c          ? 
_cell.reciprocal_length_a_esd      ? 
_cell.reciprocal_length_b_esd      ? 
_cell.reciprocal_length_c_esd      ? 
_cell.pdbx_unique_axis             ? 
# 
_symmetry.entry_id                         7XH2 
_symmetry.cell_setting                     ? 
_symmetry.Int_Tables_number                181 
_symmetry.space_group_name_Hall            ? 
_symmetry.space_group_name_H-M             'P 64 2 2' 
_symmetry.pdbx_full_space_group_name_H-M   ? 
# 
loop_
_entity.id 
_entity.type 
_entity.src_method 
_entity.pdbx_description 
_entity.formula_weight 
_entity.pdbx_number_of_molecules 
_entity.pdbx_ec 
_entity.pdbx_mutation 
_entity.pdbx_fragment 
_entity.details 
1 polymer     man 'Uncharacterized protein sfcH'                              22018.842 1  ? ? ? ? 
2 non-polymer syn 'NADPH DIHYDRO-NICOTINAMIDE-ADENINE-DINUCLEOTIDE PHOSPHATE' 745.421   1  ? ? ? ? 
3 water       nat water                                                       18.015    17 ? ? ? ? 
# 
_entity_name_com.entity_id   1 
_entity_name_com.name        SacH 
# 
_entity_poly.entity_id                      1 
_entity_poly.type                           'polypeptide(L)' 
_entity_poly.nstd_linkage                   no 
_entity_poly.nstd_monomer                   no 
_entity_poly.pdbx_seq_one_letter_code       
;MGSSHHHHHHSSGLVPRGSHMAMSTLVYYVAATLDGYIATQQHKLDWLENFALGDDATAYDDFYQTIGAVVMGSQTYEWI
MSNAPDDWPYQDVPAFVMSNRDLSAPANLDITFLRGDASAIAVRARQAAKGKNVWLVGGGKTAACFANAGELQQLFITTI
PTFIGTGVPVLPVDRALEVVLREQRTLQSGAMECILDVKKAD
;
_entity_poly.pdbx_seq_one_letter_code_can   
;MGSSHHHHHHSSGLVPRGSHMAMSTLVYYVAATLDGYIATQQHKLDWLENFALGDDATAYDDFYQTIGAVVMGSQTYEWI
MSNAPDDWPYQDVPAFVMSNRDLSAPANLDITFLRGDASAIAVRARQAAKGKNVWLVGGGKTAACFANAGELQQLFITTI
PTFIGTGVPVLPVDRALEVVLREQRTLQSGAMECILDVKKAD
;
_entity_poly.pdbx_strand_id                 A 
_entity_poly.pdbx_target_identifier         ? 
# 
loop_
_entity_poly_seq.entity_id 
_entity_poly_seq.num 
_entity_poly_seq.mon_id 
_entity_poly_seq.hetero 
1 1   MET n 
1 2   GLY n 
1 3   SER n 
1 4   SER n 
1 5   HIS n 
1 6   HIS n 
1 7   HIS n 
1 8   HIS n 
1 9   HIS n 
1 10  HIS n 
1 11  SER n 
1 12  SER n 
1 13  GLY n 
1 14  LEU n 
1 15  VAL n 
1 16  PRO n 
1 17  ARG n 
1 18  GLY n 
1 19  SER n 
1 20  HIS n 
1 21  MET n 
1 22  ALA n 
1 23  MET n 
1 24  SER n 
1 25  THR n 
1 26  LEU n 
1 27  VAL n 
1 28  TYR n 
1 29  TYR n 
1 30  VAL n 
1 31  ALA n 
1 32  ALA n 
1 33  THR n 
1 34  LEU n 
1 35  ASP n 
1 36  GLY n 
1 37  TYR n 
1 38  ILE n 
1 39  ALA n 
1 40  THR n 
1 41  GLN n 
1 42  GLN n 
1 43  HIS n 
1 44  LYS n 
1 45  LEU n 
1 46  ASP n 
1 47  TRP n 
1 48  LEU n 
1 49  GLU n 
1 50  ASN n 
1 51  PHE n 
1 52  ALA n 
1 53  LEU n 
1 54  GLY n 
1 55  ASP n 
1 56  ASP n 
1 57  ALA n 
1 58  THR n 
1 59  ALA n 
1 60  TYR n 
1 61  ASP n 
1 62  ASP n 
1 63  PHE n 
1 64  TYR n 
1 65  GLN n 
1 66  THR n 
1 67  ILE n 
1 68  GLY n 
1 69  ALA n 
1 70  VAL n 
1 71  VAL n 
1 72  MET n 
1 73  GLY n 
1 74  SER n 
1 75  GLN n 
1 76  THR n 
1 77  TYR n 
1 78  GLU n 
1 79  TRP n 
1 80  ILE n 
1 81  MET n 
1 82  SER n 
1 83  ASN n 
1 84  ALA n 
1 85  PRO n 
1 86  ASP n 
1 87  ASP n 
1 88  TRP n 
1 89  PRO n 
1 90  TYR n 
1 91  GLN n 
1 92  ASP n 
1 93  VAL n 
1 94  PRO n 
1 95  ALA n 
1 96  PHE n 
1 97  VAL n 
1 98  MET n 
1 99  SER n 
1 100 ASN n 
1 101 ARG n 
1 102 ASP n 
1 103 LEU n 
1 104 SER n 
1 105 ALA n 
1 106 PRO n 
1 107 ALA n 
1 108 ASN n 
1 109 LEU n 
1 110 ASP n 
1 111 ILE n 
1 112 THR n 
1 113 PHE n 
1 114 LEU n 
1 115 ARG n 
1 116 GLY n 
1 117 ASP n 
1 118 ALA n 
1 119 SER n 
1 120 ALA n 
1 121 ILE n 
1 122 ALA n 
1 123 VAL n 
1 124 ARG n 
1 125 ALA n 
1 126 ARG n 
1 127 GLN n 
1 128 ALA n 
1 129 ALA n 
1 130 LYS n 
1 131 GLY n 
1 132 LYS n 
1 133 ASN n 
1 134 VAL n 
1 135 TRP n 
1 136 LEU n 
1 137 VAL n 
1 138 GLY n 
1 139 GLY n 
1 140 GLY n 
1 141 LYS n 
1 142 THR n 
1 143 ALA n 
1 144 ALA n 
1 145 CYS n 
1 146 PHE n 
1 147 ALA n 
1 148 ASN n 
1 149 ALA n 
1 150 GLY n 
1 151 GLU n 
1 152 LEU n 
1 153 GLN n 
1 154 GLN n 
1 155 LEU n 
1 156 PHE n 
1 157 ILE n 
1 158 THR n 
1 159 THR n 
1 160 ILE n 
1 161 PRO n 
1 162 THR n 
1 163 PHE n 
1 164 ILE n 
1 165 GLY n 
1 166 THR n 
1 167 GLY n 
1 168 VAL n 
1 169 PRO n 
1 170 VAL n 
1 171 LEU n 
1 172 PRO n 
1 173 VAL n 
1 174 ASP n 
1 175 ARG n 
1 176 ALA n 
1 177 LEU n 
1 178 GLU n 
1 179 VAL n 
1 180 VAL n 
1 181 LEU n 
1 182 ARG n 
1 183 GLU n 
1 184 GLN n 
1 185 ARG n 
1 186 THR n 
1 187 LEU n 
1 188 GLN n 
1 189 SER n 
1 190 GLY n 
1 191 ALA n 
1 192 MET n 
1 193 GLU n 
1 194 CYS n 
1 195 ILE n 
1 196 LEU n 
1 197 ASP n 
1 198 VAL n 
1 199 LYS n 
1 200 LYS n 
1 201 ALA n 
1 202 ASP n 
# 
_entity_src_gen.entity_id                          1 
_entity_src_gen.pdbx_src_id                        1 
_entity_src_gen.pdbx_alt_source_flag               sample 
_entity_src_gen.pdbx_seq_type                      'Biological sequence' 
_entity_src_gen.pdbx_beg_seq_num                   1 
_entity_src_gen.pdbx_end_seq_num                   202 
_entity_src_gen.gene_src_common_name               ? 
_entity_src_gen.gene_src_genus                     ? 
_entity_src_gen.pdbx_gene_src_gene                 ? 
_entity_src_gen.gene_src_species                   ? 
_entity_src_gen.gene_src_strain                    ? 
_entity_src_gen.gene_src_tissue                    ? 
_entity_src_gen.gene_src_tissue_fraction           ? 
_entity_src_gen.gene_src_details                   ? 
_entity_src_gen.pdbx_gene_src_fragment             ? 
_entity_src_gen.pdbx_gene_src_scientific_name      'Pseudomonas fluorescens' 
_entity_src_gen.pdbx_gene_src_ncbi_taxonomy_id     294 
_entity_src_gen.pdbx_gene_src_variant              ? 
_entity_src_gen.pdbx_gene_src_cell_line            ? 
_entity_src_gen.pdbx_gene_src_atcc                 ? 
_entity_src_gen.pdbx_gene_src_organ                ? 
_entity_src_gen.pdbx_gene_src_organelle            ? 
_entity_src_gen.pdbx_gene_src_cell                 ? 
_entity_src_gen.pdbx_gene_src_cellular_location    ? 
_entity_src_gen.host_org_common_name               ? 
_entity_src_gen.pdbx_host_org_scientific_name      
;Escherichia coli 'BL21-Gold(DE3)pLysS AG'
;
_entity_src_gen.pdbx_host_org_ncbi_taxonomy_id     866768 
_entity_src_gen.host_org_genus                     ? 
_entity_src_gen.pdbx_host_org_gene                 ? 
_entity_src_gen.pdbx_host_org_organ                ? 
_entity_src_gen.host_org_species                   ? 
_entity_src_gen.pdbx_host_org_tissue               ? 
_entity_src_gen.pdbx_host_org_tissue_fraction      ? 
_entity_src_gen.pdbx_host_org_strain               ? 
_entity_src_gen.pdbx_host_org_variant              ? 
_entity_src_gen.pdbx_host_org_cell_line            ? 
_entity_src_gen.pdbx_host_org_atcc                 ? 
_entity_src_gen.pdbx_host_org_culture_collection   ? 
_entity_src_gen.pdbx_host_org_cell                 ? 
_entity_src_gen.pdbx_host_org_organelle            ? 
_entity_src_gen.pdbx_host_org_cellular_location    ? 
_entity_src_gen.pdbx_host_org_vector_type          ? 
_entity_src_gen.pdbx_host_org_vector               ? 
_entity_src_gen.host_org_details                   ? 
_entity_src_gen.expression_system_id               ? 
_entity_src_gen.plasmid_name                       ? 
_entity_src_gen.plasmid_details                    ? 
_entity_src_gen.pdbx_description                   ? 
# 
_struct_ref.id                         1 
_struct_ref.db_name                    UNP 
_struct_ref.db_code                    Q5JCL3_PSEFL 
_struct_ref.pdbx_db_accession          Q5JCL3 
_struct_ref.pdbx_db_isoform            ? 
_struct_ref.entity_id                  1 
_struct_ref.pdbx_seq_one_letter_code   
;MSTLVYYVAATLDGYIATQQHKLDWLENFALGDDATAYDDFYQTIGAVVMGSQTYEWIMSNAPDDWPYQDVPAFVMSNRD
LSAPANLDITFLRGDASAIAVRARQAAKGKNVWLVGGGKTAACFANAGELQQLFITTIPTFIGTGVPVLPVDRALEVVLR
EQRTLQSGAMECILDVKKAD
;
_struct_ref.pdbx_align_begin           1 
# 
_struct_ref_seq.align_id                      1 
_struct_ref_seq.ref_id                        1 
_struct_ref_seq.pdbx_PDB_id_code              7XH2 
_struct_ref_seq.pdbx_strand_id                A 
_struct_ref_seq.seq_align_beg                 23 
_struct_ref_seq.pdbx_seq_align_beg_ins_code   ? 
_struct_ref_seq.seq_align_end                 202 
_struct_ref_seq.pdbx_seq_align_end_ins_code   ? 
_struct_ref_seq.pdbx_db_accession             Q5JCL3 
_struct_ref_seq.db_align_beg                  1 
_struct_ref_seq.pdbx_db_align_beg_ins_code    ? 
_struct_ref_seq.db_align_end                  180 
_struct_ref_seq.pdbx_db_align_end_ins_code    ? 
_struct_ref_seq.pdbx_auth_seq_align_beg       1 
_struct_ref_seq.pdbx_auth_seq_align_end       180 
# 
loop_
_struct_ref_seq_dif.align_id 
_struct_ref_seq_dif.pdbx_pdb_id_code 
_struct_ref_seq_dif.mon_id 
_struct_ref_seq_dif.pdbx_pdb_strand_id 
_struct_ref_seq_dif.seq_num 
_struct_ref_seq_dif.pdbx_pdb_ins_code 
_struct_ref_seq_dif.pdbx_seq_db_name 
_struct_ref_seq_dif.pdbx_seq_db_accession_code 
_struct_ref_seq_dif.db_mon_id 
_struct_ref_seq_dif.pdbx_seq_db_seq_num 
_struct_ref_seq_dif.details 
_struct_ref_seq_dif.pdbx_auth_seq_num 
_struct_ref_seq_dif.pdbx_ordinal 
1 7XH2 MET A 1  ? UNP Q5JCL3 ? ? 'initiating methionine' -21 1  
1 7XH2 GLY A 2  ? UNP Q5JCL3 ? ? 'expression tag'        -20 2  
1 7XH2 SER A 3  ? UNP Q5JCL3 ? ? 'expression tag'        -19 3  
1 7XH2 SER A 4  ? UNP Q5JCL3 ? ? 'expression tag'        -18 4  
1 7XH2 HIS A 5  ? UNP Q5JCL3 ? ? 'expression tag'        -17 5  
1 7XH2 HIS A 6  ? UNP Q5JCL3 ? ? 'expression tag'        -16 6  
1 7XH2 HIS A 7  ? UNP Q5JCL3 ? ? 'expression tag'        -15 7  
1 7XH2 HIS A 8  ? UNP Q5JCL3 ? ? 'expression tag'        -14 8  
1 7XH2 HIS A 9  ? UNP Q5JCL3 ? ? 'expression tag'        -13 9  
1 7XH2 HIS A 10 ? UNP Q5JCL3 ? ? 'expression tag'        -12 10 
1 7XH2 SER A 11 ? UNP Q5JCL3 ? ? 'expression tag'        -11 11 
1 7XH2 SER A 12 ? UNP Q5JCL3 ? ? 'expression tag'        -10 12 
1 7XH2 GLY A 13 ? UNP Q5JCL3 ? ? 'expression tag'        -9  13 
1 7XH2 LEU A 14 ? UNP Q5JCL3 ? ? 'expression tag'        -8  14 
1 7XH2 VAL A 15 ? UNP Q5JCL3 ? ? 'expression tag'        -7  15 
1 7XH2 PRO A 16 ? UNP Q5JCL3 ? ? 'expression tag'        -6  16 
1 7XH2 ARG A 17 ? UNP Q5JCL3 ? ? 'expression tag'        -5  17 
1 7XH2 GLY A 18 ? UNP Q5JCL3 ? ? 'expression tag'        -4  18 
1 7XH2 SER A 19 ? UNP Q5JCL3 ? ? 'expression tag'        -3  19 
1 7XH2 HIS A 20 ? UNP Q5JCL3 ? ? 'expression tag'        -2  20 
1 7XH2 MET A 21 ? UNP Q5JCL3 ? ? 'expression tag'        -1  21 
1 7XH2 ALA A 22 ? UNP Q5JCL3 ? ? 'expression tag'        0   22 
# 
loop_
_chem_comp.id 
_chem_comp.type 
_chem_comp.mon_nstd_flag 
_chem_comp.name 
_chem_comp.pdbx_synonyms 
_chem_comp.formula 
_chem_comp.formula_weight 
ALA 'L-peptide linking' y ALANINE                                                     ? 'C3 H7 N O2'        89.093  
ARG 'L-peptide linking' y ARGININE                                                    ? 'C6 H15 N4 O2 1'    175.209 
ASN 'L-peptide linking' y ASPARAGINE                                                  ? 'C4 H8 N2 O3'       132.118 
ASP 'L-peptide linking' y 'ASPARTIC ACID'                                             ? 'C4 H7 N O4'        133.103 
CYS 'L-peptide linking' y CYSTEINE                                                    ? 'C3 H7 N O2 S'      121.158 
GLN 'L-peptide linking' y GLUTAMINE                                                   ? 'C5 H10 N2 O3'      146.144 
GLU 'L-peptide linking' y 'GLUTAMIC ACID'                                             ? 'C5 H9 N O4'        147.129 
GLY 'peptide linking'   y GLYCINE                                                     ? 'C2 H5 N O2'        75.067  
HIS 'L-peptide linking' y HISTIDINE                                                   ? 'C6 H10 N3 O2 1'    156.162 
HOH non-polymer         . WATER                                                       ? 'H2 O'              18.015  
ILE 'L-peptide linking' y ISOLEUCINE                                                  ? 'C6 H13 N O2'       131.173 
LEU 'L-peptide linking' y LEUCINE                                                     ? 'C6 H13 N O2'       131.173 
LYS 'L-peptide linking' y LYSINE                                                      ? 'C6 H15 N2 O2 1'    147.195 
MET 'L-peptide linking' y METHIONINE                                                  ? 'C5 H11 N O2 S'     149.211 
NDP non-polymer         . 'NADPH DIHYDRO-NICOTINAMIDE-ADENINE-DINUCLEOTIDE PHOSPHATE' ? 'C21 H30 N7 O17 P3' 745.421 
PHE 'L-peptide linking' y PHENYLALANINE                                               ? 'C9 H11 N O2'       165.189 
PRO 'L-peptide linking' y PROLINE                                                     ? 'C5 H9 N O2'        115.130 
SER 'L-peptide linking' y SERINE                                                      ? 'C3 H7 N O3'        105.093 
THR 'L-peptide linking' y THREONINE                                                   ? 'C4 H9 N O3'        119.119 
TRP 'L-peptide linking' y TRYPTOPHAN                                                  ? 'C11 H12 N2 O2'     204.225 
TYR 'L-peptide linking' y TYROSINE                                                    ? 'C9 H11 N O3'       181.189 
VAL 'L-peptide linking' y VALINE                                                      ? 'C5 H11 N O2'       117.146 
# 
_exptl.absorpt_coefficient_mu     ? 
_exptl.absorpt_correction_T_max   ? 
_exptl.absorpt_correction_T_min   ? 
_exptl.absorpt_correction_type    ? 
_exptl.absorpt_process_details    ? 
_exptl.entry_id                   7XH2 
_exptl.crystals_number            1 
_exptl.details                    ? 
_exptl.method                     'X-RAY DIFFRACTION' 
_exptl.method_details             ? 
# 
_exptl_crystal.colour                      ? 
_exptl_crystal.density_diffrn              ? 
_exptl_crystal.density_Matthews            2.43 
_exptl_crystal.density_method              ? 
_exptl_crystal.density_percent_sol         49.30 
_exptl_crystal.description                 ? 
_exptl_crystal.F_000                       ? 
_exptl_crystal.id                          1 
_exptl_crystal.preparation                 ? 
_exptl_crystal.size_max                    ? 
_exptl_crystal.size_mid                    ? 
_exptl_crystal.size_min                    ? 
_exptl_crystal.size_rad                    ? 
_exptl_crystal.colour_lustre               ? 
_exptl_crystal.colour_modifier             ? 
_exptl_crystal.colour_primary              ? 
_exptl_crystal.density_meas                ? 
_exptl_crystal.density_meas_esd            ? 
_exptl_crystal.density_meas_gt             ? 
_exptl_crystal.density_meas_lt             ? 
_exptl_crystal.density_meas_temp           ? 
_exptl_crystal.density_meas_temp_esd       ? 
_exptl_crystal.density_meas_temp_gt        ? 
_exptl_crystal.density_meas_temp_lt        ? 
_exptl_crystal.pdbx_crystal_image_url      ? 
_exptl_crystal.pdbx_crystal_image_format   ? 
_exptl_crystal.pdbx_mosaicity              ? 
_exptl_crystal.pdbx_mosaicity_esd          ? 
# 
_exptl_crystal_grow.apparatus       ? 
_exptl_crystal_grow.atmosphere      ? 
_exptl_crystal_grow.crystal_id      1 
_exptl_crystal_grow.details         ? 
_exptl_crystal_grow.method          'VAPOR DIFFUSION, HANGING DROP' 
_exptl_crystal_grow.method_ref      ? 
_exptl_crystal_grow.pH              ? 
_exptl_crystal_grow.pressure        ? 
_exptl_crystal_grow.pressure_esd    ? 
_exptl_crystal_grow.seeding         ? 
_exptl_crystal_grow.seeding_ref     ? 
_exptl_crystal_grow.temp            289 
_exptl_crystal_grow.temp_details    ? 
_exptl_crystal_grow.temp_esd        ? 
_exptl_crystal_grow.time            ? 
_exptl_crystal_grow.pdbx_details    '28% (w/v) PEG 1500, 100mM PCB buffer pH 7.0' 
_exptl_crystal_grow.pdbx_pH_range   ? 
# 
_diffrn.ambient_environment              ? 
_diffrn.ambient_temp                     100 
_diffrn.ambient_temp_details             ? 
_diffrn.ambient_temp_esd                 ? 
_diffrn.crystal_id                       1 
_diffrn.crystal_support                  ? 
_diffrn.crystal_treatment                ? 
_diffrn.details                          ? 
_diffrn.id                               1 
_diffrn.ambient_pressure                 ? 
_diffrn.ambient_pressure_esd             ? 
_diffrn.ambient_pressure_gt              ? 
_diffrn.ambient_pressure_lt              ? 
_diffrn.ambient_temp_gt                  ? 
_diffrn.ambient_temp_lt                  ? 
_diffrn.pdbx_serial_crystal_experiment   N 
# 
_diffrn_detector.details                      ? 
_diffrn_detector.detector                     PIXEL 
_diffrn_detector.diffrn_id                    1 
_diffrn_detector.type                         'RIGAKU HyPix-6000HE' 
_diffrn_detector.area_resol_mean              ? 
_diffrn_detector.dtime                        ? 
_diffrn_detector.pdbx_frames_total            ? 
_diffrn_detector.pdbx_collection_time_total   ? 
_diffrn_detector.pdbx_collection_date         2021-09-02 
_diffrn_detector.pdbx_frequency               ? 
# 
_diffrn_radiation.collimation                      ? 
_diffrn_radiation.diffrn_id                        1 
_diffrn_radiation.filter_edge                      ? 
_diffrn_radiation.inhomogeneity                    ? 
_diffrn_radiation.monochromator                    ? 
_diffrn_radiation.polarisn_norm                    ? 
_diffrn_radiation.polarisn_ratio                   ? 
_diffrn_radiation.probe                            ? 
_diffrn_radiation.type                             ? 
_diffrn_radiation.xray_symbol                      ? 
_diffrn_radiation.wavelength_id                    1 
_diffrn_radiation.pdbx_monochromatic_or_laue_m_l   M 
_diffrn_radiation.pdbx_wavelength_list             ? 
_diffrn_radiation.pdbx_wavelength                  ? 
_diffrn_radiation.pdbx_diffrn_protocol             'SINGLE WAVELENGTH' 
_diffrn_radiation.pdbx_analyzer                    ? 
_diffrn_radiation.pdbx_scattering_type             x-ray 
# 
_diffrn_radiation_wavelength.id           1 
_diffrn_radiation_wavelength.wavelength   1.54184 
_diffrn_radiation_wavelength.wt           1.0 
# 
_diffrn_source.current                     ? 
_diffrn_source.details                     ? 
_diffrn_source.diffrn_id                   1 
_diffrn_source.power                       ? 
_diffrn_source.size                        ? 
_diffrn_source.source                      'ROTATING ANODE' 
_diffrn_source.target                      ? 
_diffrn_source.type                        'RIGAKU PhotonJet-R' 
_diffrn_source.voltage                     ? 
_diffrn_source.take-off_angle              ? 
_diffrn_source.pdbx_wavelength_list        1.54184 
_diffrn_source.pdbx_wavelength             ? 
_diffrn_source.pdbx_synchrotron_beamline   ? 
_diffrn_source.pdbx_synchrotron_site       ? 
# 
_reflns.B_iso_Wilson_estimate                          ? 
_reflns.entry_id                                       7XH2 
_reflns.data_reduction_details                         ? 
_reflns.data_reduction_method                          ? 
_reflns.d_resolution_high                              2.8 
_reflns.d_resolution_low                               29.84 
_reflns.details                                        ? 
_reflns.limit_h_max                                    ? 
_reflns.limit_h_min                                    ? 
_reflns.limit_k_max                                    ? 
_reflns.limit_k_min                                    ? 
_reflns.limit_l_max                                    ? 
_reflns.limit_l_min                                    ? 
_reflns.number_all                                     ? 
_reflns.number_obs                                     5881 
_reflns.observed_criterion                             ? 
_reflns.observed_criterion_F_max                       ? 
_reflns.observed_criterion_F_min                       ? 
_reflns.observed_criterion_I_max                       ? 
_reflns.observed_criterion_I_min                       ? 
_reflns.observed_criterion_sigma_F                     ? 
_reflns.observed_criterion_sigma_I                     ? 
_reflns.percent_possible_obs                           99.0 
_reflns.R_free_details                                 ? 
_reflns.Rmerge_F_all                                   ? 
_reflns.Rmerge_F_obs                                   ? 
_reflns.Friedel_coverage                               ? 
_reflns.number_gt                                      ? 
_reflns.threshold_expression                           ? 
_reflns.pdbx_redundancy                                20 
_reflns.pdbx_Rmerge_I_obs                              0.101 
_reflns.pdbx_Rmerge_I_all                              ? 
_reflns.pdbx_Rsym_value                                ? 
_reflns.pdbx_netI_over_av_sigmaI                       ? 
_reflns.pdbx_netI_over_sigmaI                          46.87 
_reflns.pdbx_res_netI_over_av_sigmaI_2                 ? 
_reflns.pdbx_res_netI_over_sigmaI_2                    ? 
_reflns.pdbx_chi_squared                               ? 
_reflns.pdbx_scaling_rejects                           ? 
_reflns.pdbx_d_res_high_opt                            ? 
_reflns.pdbx_d_res_low_opt                             ? 
_reflns.pdbx_d_res_opt_method                          ? 
_reflns.phase_calculation_details                      ? 
_reflns.pdbx_Rrim_I_all                                ? 
_reflns.pdbx_Rpim_I_all                                ? 
_reflns.pdbx_d_opt                                     ? 
_reflns.pdbx_number_measured_all                       ? 
_reflns.pdbx_diffrn_id                                 1 
_reflns.pdbx_ordinal                                   1 
_reflns.pdbx_CC_half                                   ? 
_reflns.pdbx_CC_star                                   ? 
_reflns.pdbx_R_split                                   ? 
_reflns.pdbx_aniso_diffraction_limit_axis_1_ortho[1]   ? 
_reflns.pdbx_aniso_diffraction_limit_axis_1_ortho[2]   ? 
_reflns.pdbx_aniso_diffraction_limit_axis_1_ortho[3]   ? 
_reflns.pdbx_aniso_diffraction_limit_axis_2_ortho[1]   ? 
_reflns.pdbx_aniso_diffraction_limit_axis_2_ortho[2]   ? 
_reflns.pdbx_aniso_diffraction_limit_axis_2_ortho[3]   ? 
_reflns.pdbx_aniso_diffraction_limit_axis_3_ortho[1]   ? 
_reflns.pdbx_aniso_diffraction_limit_axis_3_ortho[2]   ? 
_reflns.pdbx_aniso_diffraction_limit_axis_3_ortho[3]   ? 
_reflns.pdbx_aniso_diffraction_limit_1                 ? 
_reflns.pdbx_aniso_diffraction_limit_2                 ? 
_reflns.pdbx_aniso_diffraction_limit_3                 ? 
_reflns.pdbx_aniso_B_tensor_eigenvector_1_ortho[1]     ? 
_reflns.pdbx_aniso_B_tensor_eigenvector_1_ortho[2]     ? 
_reflns.pdbx_aniso_B_tensor_eigenvector_1_ortho[3]     ? 
_reflns.pdbx_aniso_B_tensor_eigenvector_2_ortho[1]     ? 
_reflns.pdbx_aniso_B_tensor_eigenvector_2_ortho[2]     ? 
_reflns.pdbx_aniso_B_tensor_eigenvector_2_ortho[3]     ? 
_reflns.pdbx_aniso_B_tensor_eigenvector_3_ortho[1]     ? 
_reflns.pdbx_aniso_B_tensor_eigenvector_3_ortho[2]     ? 
_reflns.pdbx_aniso_B_tensor_eigenvector_3_ortho[3]     ? 
_reflns.pdbx_aniso_B_tensor_eigenvalue_1               ? 
_reflns.pdbx_aniso_B_tensor_eigenvalue_2               ? 
_reflns.pdbx_aniso_B_tensor_eigenvalue_3               ? 
_reflns.pdbx_orthogonalization_convention              ? 
_reflns.pdbx_percent_possible_ellipsoidal              ? 
_reflns.pdbx_percent_possible_spherical                ? 
_reflns.pdbx_percent_possible_ellipsoidal_anomalous    ? 
_reflns.pdbx_percent_possible_spherical_anomalous      ? 
_reflns.pdbx_redundancy_anomalous                      ? 
_reflns.pdbx_CC_half_anomalous                         ? 
_reflns.pdbx_absDiff_over_sigma_anomalous              ? 
_reflns.pdbx_percent_possible_anomalous                ? 
_reflns.pdbx_observed_signal_threshold                 ? 
_reflns.pdbx_signal_type                               ? 
_reflns.pdbx_signal_details                            ? 
_reflns.pdbx_signal_software_id                        ? 
# 
_reflns_shell.d_res_high                                    2.8 
_reflns_shell.d_res_low                                     2.9 
_reflns_shell.meanI_over_sigI_all                           ? 
_reflns_shell.meanI_over_sigI_obs                           ? 
_reflns_shell.number_measured_all                           ? 
_reflns_shell.number_measured_obs                           ? 
_reflns_shell.number_possible                               ? 
_reflns_shell.number_unique_all                             ? 
_reflns_shell.number_unique_obs                             589 
_reflns_shell.percent_possible_all                          ? 
_reflns_shell.percent_possible_obs                          ? 
_reflns_shell.Rmerge_F_all                                  ? 
_reflns_shell.Rmerge_F_obs                                  ? 
_reflns_shell.Rmerge_I_all                                  ? 
_reflns_shell.Rmerge_I_obs                                  0.261 
_reflns_shell.meanI_over_sigI_gt                            ? 
_reflns_shell.meanI_over_uI_all                             ? 
_reflns_shell.meanI_over_uI_gt                              ? 
_reflns_shell.number_measured_gt                            ? 
_reflns_shell.number_unique_gt                              ? 
_reflns_shell.percent_possible_gt                           ? 
_reflns_shell.Rmerge_F_gt                                   ? 
_reflns_shell.Rmerge_I_gt                                   ? 
_reflns_shell.pdbx_redundancy                               ? 
_reflns_shell.pdbx_Rsym_value                               ? 
_reflns_shell.pdbx_chi_squared                              ? 
_reflns_shell.pdbx_netI_over_sigmaI_all                     ? 
_reflns_shell.pdbx_netI_over_sigmaI_obs                     ? 
_reflns_shell.pdbx_Rrim_I_all                               ? 
_reflns_shell.pdbx_Rpim_I_all                               ? 
_reflns_shell.pdbx_rejects                                  ? 
_reflns_shell.pdbx_ordinal                                  1 
_reflns_shell.pdbx_diffrn_id                                1 
_reflns_shell.pdbx_CC_half                                  ? 
_reflns_shell.pdbx_CC_star                                  ? 
_reflns_shell.pdbx_R_split                                  ? 
_reflns_shell.pdbx_percent_possible_ellipsoidal             ? 
_reflns_shell.pdbx_percent_possible_spherical               ? 
_reflns_shell.pdbx_percent_possible_ellipsoidal_anomalous   ? 
_reflns_shell.pdbx_percent_possible_spherical_anomalous     ? 
_reflns_shell.pdbx_redundancy_anomalous                     ? 
_reflns_shell.pdbx_CC_half_anomalous                        ? 
_reflns_shell.pdbx_absDiff_over_sigma_anomalous             ? 
_reflns_shell.pdbx_percent_possible_anomalous               ? 
# 
_refine.aniso_B[1][1]                            -0.3100 
_refine.aniso_B[1][2]                            -0.1600 
_refine.aniso_B[1][3]                            -0.0000 
_refine.aniso_B[2][2]                            -0.3100 
_refine.aniso_B[2][3]                            0.0000 
_refine.aniso_B[3][3]                            1.0200 
_refine.B_iso_max                                77.880 
_refine.B_iso_mean                               30.5360 
_refine.B_iso_min                                3.310 
_refine.correlation_coeff_Fo_to_Fc               0.9000 
_refine.correlation_coeff_Fo_to_Fc_free          0.7910 
_refine.details                                  
'HYDROGENS HAVE BEEN ADDED IN THE RIDING POSITIONS U VALUES      : REFINED INDIVIDUALLY' 
_refine.diff_density_max                         ? 
_refine.diff_density_max_esd                     ? 
_refine.diff_density_min                         ? 
_refine.diff_density_min_esd                     ? 
_refine.diff_density_rms                         ? 
_refine.diff_density_rms_esd                     ? 
_refine.entry_id                                 7XH2 
_refine.pdbx_refine_id                           'X-RAY DIFFRACTION' 
_refine.ls_abs_structure_details                 ? 
_refine.ls_abs_structure_Flack                   ? 
_refine.ls_abs_structure_Flack_esd               ? 
_refine.ls_abs_structure_Rogers                  ? 
_refine.ls_abs_structure_Rogers_esd              ? 
_refine.ls_d_res_high                            2.8000 
_refine.ls_d_res_low                             29.8400 
_refine.ls_extinction_coef                       ? 
_refine.ls_extinction_coef_esd                   ? 
_refine.ls_extinction_expression                 ? 
_refine.ls_extinction_method                     ? 
_refine.ls_goodness_of_fit_all                   ? 
_refine.ls_goodness_of_fit_all_esd               ? 
_refine.ls_goodness_of_fit_obs                   ? 
_refine.ls_goodness_of_fit_obs_esd               ? 
_refine.ls_hydrogen_treatment                    ? 
_refine.ls_matrix_type                           ? 
_refine.ls_number_constraints                    ? 
_refine.ls_number_parameters                     ? 
_refine.ls_number_reflns_all                     ? 
_refine.ls_number_reflns_obs                     5135 
_refine.ls_number_reflns_R_free                  567 
_refine.ls_number_reflns_R_work                  ? 
_refine.ls_number_restraints                     ? 
_refine.ls_percent_reflns_obs                    96.6300 
_refine.ls_percent_reflns_R_free                 9.9000 
_refine.ls_R_factor_all                          ? 
_refine.ls_R_factor_obs                          0.2299 
_refine.ls_R_factor_R_free                       0.3029 
_refine.ls_R_factor_R_free_error                 ? 
_refine.ls_R_factor_R_free_error_details         ? 
_refine.ls_R_factor_R_work                       0.2220 
_refine.ls_R_Fsqd_factor_obs                     ? 
_refine.ls_R_I_factor_obs                        ? 
_refine.ls_redundancy_reflns_all                 ? 
_refine.ls_redundancy_reflns_obs                 ? 
_refine.ls_restrained_S_all                      ? 
_refine.ls_restrained_S_obs                      ? 
_refine.ls_shift_over_esd_max                    ? 
_refine.ls_shift_over_esd_mean                   ? 
_refine.ls_structure_factor_coef                 ? 
_refine.ls_weighting_details                     ? 
_refine.ls_weighting_scheme                      ? 
_refine.ls_wR_factor_all                         ? 
_refine.ls_wR_factor_obs                         ? 
_refine.ls_wR_factor_R_free                      ? 
_refine.ls_wR_factor_R_work                      ? 
_refine.occupancy_max                            ? 
_refine.occupancy_min                            ? 
_refine.solvent_model_details                    MASK 
_refine.solvent_model_param_bsol                 ? 
_refine.solvent_model_param_ksol                 ? 
_refine.pdbx_R_complete                          ? 
_refine.ls_R_factor_gt                           ? 
_refine.ls_goodness_of_fit_gt                    ? 
_refine.ls_goodness_of_fit_ref                   ? 
_refine.ls_shift_over_su_max                     ? 
_refine.ls_shift_over_su_max_lt                  ? 
_refine.ls_shift_over_su_mean                    ? 
_refine.ls_shift_over_su_mean_lt                 ? 
_refine.pdbx_ls_sigma_I                          ? 
_refine.pdbx_ls_sigma_F                          0.000 
_refine.pdbx_ls_sigma_Fsqd                       ? 
_refine.pdbx_data_cutoff_high_absF               ? 
_refine.pdbx_data_cutoff_high_rms_absF           ? 
_refine.pdbx_data_cutoff_low_absF                ? 
_refine.pdbx_isotropic_thermal_model             ? 
_refine.pdbx_ls_cross_valid_method               THROUGHOUT 
_refine.pdbx_method_to_determine_struct          'MOLECULAR REPLACEMENT' 
_refine.pdbx_starting_model                      2XW7 
_refine.pdbx_stereochemistry_target_values       'MAXIMUM LIKELIHOOD' 
_refine.pdbx_R_Free_selection_details            RANDOM 
_refine.pdbx_stereochem_target_val_spec_case     ? 
_refine.pdbx_overall_ESU_R                       ? 
_refine.pdbx_overall_ESU_R_Free                  0.4670 
_refine.pdbx_solvent_vdw_probe_radii             1.2000 
_refine.pdbx_solvent_ion_probe_radii             0.8000 
_refine.pdbx_solvent_shrinkage_radii             0.8000 
_refine.pdbx_real_space_R                        ? 
_refine.pdbx_density_correlation                 ? 
_refine.pdbx_pd_number_of_powder_patterns        ? 
_refine.pdbx_pd_number_of_points                 ? 
_refine.pdbx_pd_meas_number_of_points            ? 
_refine.pdbx_pd_proc_ls_prof_R_factor            ? 
_refine.pdbx_pd_proc_ls_prof_wR_factor           ? 
_refine.pdbx_pd_Marquardt_correlation_coeff      ? 
_refine.pdbx_pd_Fsqrd_R_factor                   ? 
_refine.pdbx_pd_ls_matrix_band_width             ? 
_refine.pdbx_overall_phase_error                 ? 
_refine.pdbx_overall_SU_R_free_Cruickshank_DPI   ? 
_refine.pdbx_overall_SU_R_free_Blow_DPI          ? 
_refine.pdbx_overall_SU_R_Blow_DPI               ? 
_refine.pdbx_TLS_residual_ADP_flag               ? 
_refine.pdbx_diffrn_id                           1 
_refine.overall_SU_B                             17.8670 
_refine.overall_SU_ML                            0.3450 
_refine.overall_SU_R_Cruickshank_DPI             ? 
_refine.overall_SU_R_free                        ? 
_refine.overall_FOM_free_R_set                   ? 
_refine.overall_FOM_work_R_set                   ? 
_refine.pdbx_average_fsc_overall                 ? 
_refine.pdbx_average_fsc_work                    ? 
_refine.pdbx_average_fsc_free                    ? 
# 
_refine_hist.pdbx_refine_id                   'X-RAY DIFFRACTION' 
_refine_hist.cycle_id                         final 
_refine_hist.details                          ? 
_refine_hist.d_res_high                       2.8000 
_refine_hist.d_res_low                        29.8400 
_refine_hist.number_atoms_solvent             17 
_refine_hist.number_atoms_total               1415 
_refine_hist.number_reflns_all                ? 
_refine_hist.number_reflns_obs                ? 
_refine_hist.number_reflns_R_free             ? 
_refine_hist.number_reflns_R_work             ? 
_refine_hist.R_factor_all                     ? 
_refine_hist.R_factor_obs                     ? 
_refine_hist.R_factor_R_free                  ? 
_refine_hist.R_factor_R_work                  ? 
_refine_hist.pdbx_number_residues_total       176 
_refine_hist.pdbx_B_iso_mean_ligand           41.30 
_refine_hist.pdbx_B_iso_mean_solvent          25.98 
_refine_hist.pdbx_number_atoms_protein        1350 
_refine_hist.pdbx_number_atoms_nucleic_acid   0 
_refine_hist.pdbx_number_atoms_ligand         48 
_refine_hist.pdbx_number_atoms_lipid          ? 
_refine_hist.pdbx_number_atoms_carb           ? 
_refine_hist.pdbx_pseudo_atom_details         ? 
# 
_refine_ls_shell.pdbx_refine_id                   'X-RAY DIFFRACTION' 
_refine_ls_shell.d_res_high                       2.8000 
_refine_ls_shell.d_res_low                        2.8730 
_refine_ls_shell.number_reflns_all                402 
_refine_ls_shell.number_reflns_obs                ? 
_refine_ls_shell.number_reflns_R_free             41 
_refine_ls_shell.number_reflns_R_work             361 
_refine_ls_shell.percent_reflns_obs               93.7100 
_refine_ls_shell.percent_reflns_R_free            ? 
_refine_ls_shell.R_factor_all                     ? 
_refine_ls_shell.R_factor_obs                     ? 
_refine_ls_shell.R_factor_R_free                  0.3720 
_refine_ls_shell.R_factor_R_free_error            0.0000 
_refine_ls_shell.R_factor_R_work                  0.2470 
_refine_ls_shell.redundancy_reflns_all            ? 
_refine_ls_shell.redundancy_reflns_obs            ? 
_refine_ls_shell.wR_factor_all                    ? 
_refine_ls_shell.wR_factor_obs                    ? 
_refine_ls_shell.wR_factor_R_free                 ? 
_refine_ls_shell.wR_factor_R_work                 ? 
_refine_ls_shell.pdbx_R_complete                  ? 
_refine_ls_shell.pdbx_total_number_of_bins_used   20 
_refine_ls_shell.pdbx_phase_error                 ? 
_refine_ls_shell.pdbx_fsc_work                    ? 
_refine_ls_shell.pdbx_fsc_free                    ? 
# 
_struct.entry_id                     7XH2 
_struct.title                        'Dihydrofolate Reductase-like Protein SacH in safracin biosynthesis' 
_struct.pdbx_model_details           ? 
_struct.pdbx_formula_weight          ? 
_struct.pdbx_formula_weight_method   ? 
_struct.pdbx_model_type_details      ? 
_struct.pdbx_CASP_flag               N 
# 
_struct_keywords.entry_id        7XH2 
_struct_keywords.text            'reductase, safracin biosynthesis, self-resistance., OXIDOREDUCTASE' 
_struct_keywords.pdbx_keywords   OXIDOREDUCTASE 
# 
loop_
_struct_asym.id 
_struct_asym.pdbx_blank_PDB_chainid_flag 
_struct_asym.pdbx_modified 
_struct_asym.entity_id 
_struct_asym.details 
A N N 1 ? 
B N N 2 ? 
C N N 3 ? 
# 
loop_
_struct_conf.conf_type_id 
_struct_conf.id 
_struct_conf.pdbx_PDB_helix_id 
_struct_conf.beg_label_comp_id 
_struct_conf.beg_label_asym_id 
_struct_conf.beg_label_seq_id 
_struct_conf.pdbx_beg_PDB_ins_code 
_struct_conf.end_label_comp_id 
_struct_conf.end_label_asym_id 
_struct_conf.end_label_seq_id 
_struct_conf.pdbx_end_PDB_ins_code 
_struct_conf.beg_auth_comp_id 
_struct_conf.beg_auth_asym_id 
_struct_conf.beg_auth_seq_id 
_struct_conf.end_auth_comp_id 
_struct_conf.end_auth_asym_id 
_struct_conf.end_auth_seq_id 
_struct_conf.pdbx_PDB_helix_class 
_struct_conf.details 
_struct_conf.pdbx_PDB_helix_length 
HELX_P HELX_P1 AA1 LEU A 45  ? ASN A 50  ? LEU A 23  ASN A 28  1 ? 6  
HELX_P HELX_P2 AA2 ALA A 59  ? GLN A 65  ? ALA A 37  GLN A 43  1 ? 7  
HELX_P HELX_P3 AA3 SER A 74  ? ALA A 84  ? SER A 52  ALA A 62  1 ? 11 
HELX_P HELX_P4 AA4 ASP A 117 ? LYS A 130 ? ASP A 95  LYS A 108 1 ? 14 
HELX_P HELX_P5 AA5 GLY A 139 ? ALA A 149 ? GLY A 117 ALA A 127 1 ? 11 
# 
_struct_conf_type.id          HELX_P 
_struct_conf_type.criteria    ? 
_struct_conf_type.reference   ? 
# 
_struct_mon_prot_cis.pdbx_id                1 
_struct_mon_prot_cis.label_comp_id          GLY 
_struct_mon_prot_cis.label_seq_id           138 
_struct_mon_prot_cis.label_asym_id          A 
_struct_mon_prot_cis.label_alt_id           . 
_struct_mon_prot_cis.pdbx_PDB_ins_code      ? 
_struct_mon_prot_cis.auth_comp_id           GLY 
_struct_mon_prot_cis.auth_seq_id            116 
_struct_mon_prot_cis.auth_asym_id           A 
_struct_mon_prot_cis.pdbx_label_comp_id_2   GLY 
_struct_mon_prot_cis.pdbx_label_seq_id_2    139 
_struct_mon_prot_cis.pdbx_label_asym_id_2   A 
_struct_mon_prot_cis.pdbx_PDB_ins_code_2    ? 
_struct_mon_prot_cis.pdbx_auth_comp_id_2    GLY 
_struct_mon_prot_cis.pdbx_auth_seq_id_2     117 
_struct_mon_prot_cis.pdbx_auth_asym_id_2    A 
_struct_mon_prot_cis.pdbx_PDB_model_num     1 
_struct_mon_prot_cis.pdbx_omega_angle       9.85 
# 
loop_
_struct_sheet.id 
_struct_sheet.type 
_struct_sheet.number_strands 
_struct_sheet.details 
AA1 ? 8 ? 
AA2 ? 2 ? 
# 
loop_
_struct_sheet_order.sheet_id 
_struct_sheet_order.range_id_1 
_struct_sheet_order.range_id_2 
_struct_sheet_order.offset 
_struct_sheet_order.sense 
AA1 1 2 ? parallel      
AA1 2 3 ? parallel      
AA1 3 4 ? parallel      
AA1 4 5 ? parallel      
AA1 5 6 ? parallel      
AA1 6 7 ? anti-parallel 
AA1 7 8 ? anti-parallel 
AA2 1 2 ? anti-parallel 
# 
loop_
_struct_sheet_range.sheet_id 
_struct_sheet_range.id 
_struct_sheet_range.beg_label_comp_id 
_struct_sheet_range.beg_label_asym_id 
_struct_sheet_range.beg_label_seq_id 
_struct_sheet_range.pdbx_beg_PDB_ins_code 
_struct_sheet_range.end_label_comp_id 
_struct_sheet_range.end_label_asym_id 
_struct_sheet_range.end_label_seq_id 
_struct_sheet_range.pdbx_end_PDB_ins_code 
_struct_sheet_range.beg_auth_comp_id 
_struct_sheet_range.beg_auth_asym_id 
_struct_sheet_range.beg_auth_seq_id 
_struct_sheet_range.end_auth_comp_id 
_struct_sheet_range.end_auth_asym_id 
_struct_sheet_range.end_auth_seq_id 
AA1 1 ILE A 111 ? LEU A 114 ? ILE A 89  LEU A 92  
AA1 2 ALA A 95  ? MET A 98  ? ALA A 73  MET A 76  
AA1 3 ILE A 67  ? GLY A 73  ? ILE A 45  GLY A 51  
AA1 4 ASN A 133 ? GLY A 138 ? ASN A 111 GLY A 116 
AA1 5 LEU A 26  ? ALA A 32  ? LEU A 4   ALA A 10  
AA1 6 GLN A 154 ? THR A 159 ? GLN A 132 THR A 137 
AA1 7 MET A 192 ? ASP A 197 ? MET A 170 ASP A 175 
AA1 8 VAL A 180 ? THR A 186 ? VAL A 158 THR A 164 
AA2 1 TYR A 37  ? THR A 40  ? TYR A 15  THR A 18  
AA2 2 GLY A 167 ? PRO A 169 ? GLY A 145 PRO A 147 
# 
loop_
_pdbx_struct_sheet_hbond.sheet_id 
_pdbx_struct_sheet_hbond.range_id_1 
_pdbx_struct_sheet_hbond.range_id_2 
_pdbx_struct_sheet_hbond.range_1_label_atom_id 
_pdbx_struct_sheet_hbond.range_1_label_comp_id 
_pdbx_struct_sheet_hbond.range_1_label_asym_id 
_pdbx_struct_sheet_hbond.range_1_label_seq_id 
_pdbx_struct_sheet_hbond.range_1_PDB_ins_code 
_pdbx_struct_sheet_hbond.range_1_auth_atom_id 
_pdbx_struct_sheet_hbond.range_1_auth_comp_id 
_pdbx_struct_sheet_hbond.range_1_auth_asym_id 
_pdbx_struct_sheet_hbond.range_1_auth_seq_id 
_pdbx_struct_sheet_hbond.range_2_label_atom_id 
_pdbx_struct_sheet_hbond.range_2_label_comp_id 
_pdbx_struct_sheet_hbond.range_2_label_asym_id 
_pdbx_struct_sheet_hbond.range_2_label_seq_id 
_pdbx_struct_sheet_hbond.range_2_PDB_ins_code 
_pdbx_struct_sheet_hbond.range_2_auth_atom_id 
_pdbx_struct_sheet_hbond.range_2_auth_comp_id 
_pdbx_struct_sheet_hbond.range_2_auth_asym_id 
_pdbx_struct_sheet_hbond.range_2_auth_seq_id 
AA1 1 2 O THR A 112 ? O THR A 90  N ALA A 95  ? N ALA A 73  
AA1 2 3 O MET A 98  ? O MET A 76  N MET A 72  ? N MET A 50  
AA1 3 4 N ALA A 69  ? N ALA A 47  O TRP A 135 ? O TRP A 113 
AA1 4 5 O VAL A 134 ? O VAL A 112 N VAL A 27  ? N VAL A 5   
AA1 5 6 N TYR A 28  ? N TYR A 6   O PHE A 156 ? O PHE A 134 
AA1 6 7 N THR A 159 ? N THR A 137 O MET A 192 ? O MET A 170 
AA1 7 8 O ILE A 195 ? O ILE A 173 N ARG A 182 ? N ARG A 160 
AA2 1 2 N ALA A 39  ? N ALA A 17  O VAL A 168 ? O VAL A 146 
# 
_atom_sites.entry_id                    7XH2 
_atom_sites.Cartn_transf_matrix[1][1]   ? 
_atom_sites.Cartn_transf_matrix[1][2]   ? 
_atom_sites.Cartn_transf_matrix[1][3]   ? 
_atom_sites.Cartn_transf_matrix[2][1]   ? 
_atom_sites.Cartn_transf_matrix[2][2]   ? 
_atom_sites.Cartn_transf_matrix[2][3]   ? 
_atom_sites.Cartn_transf_matrix[3][1]   ? 
_atom_sites.Cartn_transf_matrix[3][2]   ? 
_atom_sites.Cartn_transf_matrix[3][3]   ? 
_atom_sites.Cartn_transf_vector[1]      ? 
_atom_sites.Cartn_transf_vector[2]      ? 
_atom_sites.Cartn_transf_vector[3]      ? 
_atom_sites.fract_transf_matrix[1][1]   -0.01333884 
_atom_sites.fract_transf_matrix[1][2]   0.00958349 
_atom_sites.fract_transf_matrix[1][3]   -0.00335593 
_atom_sites.fract_transf_matrix[2][1]   -0.01027728 
_atom_sites.fract_transf_matrix[2][2]   0.00469451 
_atom_sites.fract_transf_matrix[2][3]   0.01238430 
_atom_sites.fract_transf_matrix[3][1]   0.00354023 
_atom_sites.fract_transf_matrix[3][2]   0.00525829 
_atom_sites.fract_transf_matrix[3][3]   0.00094465 
_atom_sites.fract_transf_vector[1]      0.213143 
_atom_sites.fract_transf_vector[2]      -0.259374 
_atom_sites.fract_transf_vector[3]      -0.076773 
_atom_sites.solution_primary            ? 
_atom_sites.solution_secondary          ? 
_atom_sites.solution_hydrogens          ? 
_atom_sites.special_details             ? 
# 
loop_
_atom_type.symbol 
C 
N 
O 
P 
S 
# 
loop_
_atom_site.group_PDB 
_atom_site.id 
_atom_site.type_symbol 
_atom_site.label_atom_id 
_atom_site.label_alt_id 
_atom_site.label_comp_id 
_atom_site.label_asym_id 
_atom_site.label_entity_id 
_atom_site.label_seq_id 
_atom_site.pdbx_PDB_ins_code 
_atom_site.Cartn_x 
_atom_site.Cartn_y 
_atom_site.Cartn_z 
_atom_site.occupancy 
_atom_site.B_iso_or_equiv 
_atom_site.pdbx_formal_charge 
_atom_site.auth_seq_id 
_atom_site.auth_comp_id 
_atom_site.auth_asym_id 
_atom_site.auth_atom_id 
_atom_site.pdbx_PDB_model_num 
ATOM   1    N N   . MET A 1 23  ? -6.228  14.236  -10.375 1.00 55.12 ?  1   MET A N   1 
ATOM   2    C CA  . MET A 1 23  ? -5.849  15.424  -9.630  1.00 59.94 ?  1   MET A CA  1 
ATOM   3    C C   . MET A 1 23  ? -5.282  15.012  -8.298  1.00 57.69 ?  1   MET A C   1 
ATOM   4    O O   . MET A 1 23  ? -4.201  15.438  -7.919  1.00 54.35 ?  1   MET A O   1 
ATOM   5    C CB  . MET A 1 23  ? -7.047  16.329  -9.422  1.00 61.03 ?  1   MET A CB  1 
ATOM   6    C CG  . MET A 1 23  ? -7.318  17.340  -10.514 1.00 61.27 ?  1   MET A CG  1 
ATOM   7    S SD  . MET A 1 23  ? -6.081  18.589  -10.758 1.00 57.95 ?  1   MET A SD  1 
ATOM   8    C CE  . MET A 1 23  ? -5.101  17.782  -12.002 1.00 54.25 ?  1   MET A CE  1 
ATOM   9    N N   . SER A 1 24  ? -6.008  14.180  -7.574  1.00 56.03 ?  2   SER A N   1 
ATOM   10   C CA  . SER A 1 24  ? -5.514  13.622  -6.327  1.00 57.49 ?  2   SER A CA  1 
ATOM   11   C C   . SER A 1 24  ? -4.940  12.316  -6.763  1.00 54.18 ?  2   SER A C   1 
ATOM   12   O O   . SER A 1 24  ? -5.604  11.511  -7.370  1.00 63.68 ?  2   SER A O   1 
ATOM   13   C CB  . SER A 1 24  ? -6.588  13.328  -5.311  1.00 61.32 ?  2   SER A CB  1 
ATOM   14   O OG  . SER A 1 24  ? -7.855  13.646  -5.795  1.00 64.77 ?  2   SER A OG  1 
ATOM   15   N N   . THR A 1 25  ? -3.705  12.101  -6.390  1.00 47.19 ?  3   THR A N   1 
ATOM   16   C CA  . THR A 1 25  ? -2.925  10.963  -6.799  1.00 41.59 ?  3   THR A CA  1 
ATOM   17   C C   . THR A 1 25  ? -3.030  9.659   -6.069  1.00 34.64 ?  3   THR A C   1 
ATOM   18   O O   . THR A 1 25  ? -3.087  9.624   -4.895  1.00 36.51 ?  3   THR A O   1 
ATOM   19   C CB  . THR A 1 25  ? -1.471  11.398  -6.750  1.00 41.52 ?  3   THR A CB  1 
ATOM   20   O OG1 . THR A 1 25  ? -1.361  12.641  -7.427  1.00 42.99 ?  3   THR A OG1 1 
ATOM   21   C CG2 . THR A 1 25  ? -0.592  10.433  -7.423  1.00 43.50 ?  3   THR A CG2 1 
ATOM   22   N N   . LEU A 1 26  ? -3.077  8.577   -6.812  1.00 29.12 ?  4   LEU A N   1 
ATOM   23   C CA  . LEU A 1 26  ? -3.046  7.244   -6.258  1.00 26.29 ?  4   LEU A CA  1 
ATOM   24   C C   . LEU A 1 26  ? -1.596  6.876   -6.102  1.00 23.40 ?  4   LEU A C   1 
ATOM   25   O O   . LEU A 1 26  ? -0.899  6.685   -7.038  1.00 21.61 ?  4   LEU A O   1 
ATOM   26   C CB  . LEU A 1 26  ? -3.761  6.261   -7.163  1.00 27.36 ?  4   LEU A CB  1 
ATOM   27   C CG  . LEU A 1 26  ? -4.149  4.907   -6.583  1.00 28.77 ?  4   LEU A CG  1 
ATOM   28   C CD1 . LEU A 1 26  ? -4.801  5.061   -5.246  1.00 29.12 ?  4   LEU A CD1 1 
ATOM   29   C CD2 . LEU A 1 26  ? -5.074  4.175   -7.489  1.00 28.36 ?  4   LEU A CD2 1 
ATOM   30   N N   . VAL A 1 27  ? -1.172  6.789   -4.869  1.00 20.85 ?  5   VAL A N   1 
ATOM   31   C CA  . VAL A 1 27  ? 0.234   6.499   -4.468  1.00 20.19 ?  5   VAL A CA  1 
ATOM   32   C C   . VAL A 1 27  ? 0.244   5.132   -3.802  1.00 18.97 ?  5   VAL A C   1 
ATOM   33   O O   . VAL A 1 27  ? -0.559  4.948   -2.916  1.00 19.18 ?  5   VAL A O   1 
ATOM   34   C CB  . VAL A 1 27  ? 0.808   7.577   -3.524  1.00 20.77 ?  5   VAL A CB  1 
ATOM   35   C CG1 . VAL A 1 27  ? 0.080   7.683   -2.192  1.00 21.44 ?  5   VAL A CG1 1 
ATOM   36   C CG2 . VAL A 1 27  ? 2.289   7.381   -3.272  1.00 20.96 ?  5   VAL A CG2 1 
ATOM   37   N N   . TYR A 1 28  ? 1.138   4.235   -4.207  1.00 19.55 ?  6   TYR A N   1 
ATOM   38   C CA  . TYR A 1 28  ? 1.325   2.886   -3.602  1.00 20.01 ?  6   TYR A CA  1 
ATOM   39   C C   . TYR A 1 28  ? 2.547   2.925   -2.673  1.00 19.05 ?  6   TYR A C   1 
ATOM   40   O O   . TYR A 1 28  ? 3.701   2.920   -3.124  1.00 19.54 ?  6   TYR A O   1 
ATOM   41   C CB  . TYR A 1 28  ? 1.373   1.833   -4.717  1.00 21.09 ?  6   TYR A CB  1 
ATOM   42   C CG  . TYR A 1 28  ? 1.571   0.409   -4.271  1.00 21.73 ?  6   TYR A CG  1 
ATOM   43   C CD1 . TYR A 1 28  ? 1.185   -0.027  -3.009  1.00 22.45 ?  6   TYR A CD1 1 
ATOM   44   C CD2 . TYR A 1 28  ? 2.167   -0.508  -5.118  1.00 21.80 ?  6   TYR A CD2 1 
ATOM   45   C CE1 . TYR A 1 28  ? 1.382   -1.341  -2.610  1.00 23.66 ?  6   TYR A CE1 1 
ATOM   46   C CE2 . TYR A 1 28  ? 2.357   -1.825  -4.735  1.00 22.61 ?  6   TYR A CE2 1 
ATOM   47   C CZ  . TYR A 1 28  ? 1.955   -2.251  -3.483  1.00 22.90 ?  6   TYR A CZ  1 
ATOM   48   O OH  . TYR A 1 28  ? 2.145   -3.557  -3.131  1.00 23.90 ?  6   TYR A OH  1 
ATOM   49   N N   . TYR A 1 29  ? 2.295   3.027   -1.375  1.00 18.40 ?  7   TYR A N   1 
ATOM   50   C CA  . TYR A 1 29  ? 3.343   3.211   -0.345  1.00 18.30 ?  7   TYR A CA  1 
ATOM   51   C C   . TYR A 1 29  ? 3.495   1.886   0.386   1.00 18.58 ?  7   TYR A C   1 
ATOM   52   O O   . TYR A 1 29  ? 2.515   1.412   0.966   1.00 19.32 ?  7   TYR A O   1 
ATOM   53   C CB  . TYR A 1 29  ? 2.970   4.388   0.550   1.00 17.76 ?  7   TYR A CB  1 
ATOM   54   C CG  . TYR A 1 29  ? 3.889   4.658   1.719   1.00 17.11 ?  7   TYR A CG  1 
ATOM   55   C CD1 . TYR A 1 29  ? 3.855   3.863   2.854   1.00 17.02 ?  7   TYR A CD1 1 
ATOM   56   C CD2 . TYR A 1 29  ? 4.726   5.767   1.736   1.00 16.26 ?  7   TYR A CD2 1 
ATOM   57   C CE1 . TYR A 1 29  ? 4.677   4.116   3.943   1.00 16.20 ?  7   TYR A CE1 1 
ATOM   58   C CE2 . TYR A 1 29  ? 5.533   6.050   2.826   1.00 15.50 ?  7   TYR A CE2 1 
ATOM   59   C CZ  . TYR A 1 29  ? 5.513   5.219   3.929   1.00 15.28 ?  7   TYR A CZ  1 
ATOM   60   O OH  . TYR A 1 29  ? 6.291   5.475   5.010   1.00 14.42 ?  7   TYR A OH  1 
ATOM   61   N N   . VAL A 1 30  ? 4.696   1.316   0.347   1.00 19.23 ?  8   VAL A N   1 
ATOM   62   C CA  . VAL A 1 30  ? 4.908   -0.148  0.540   1.00 18.96 ?  8   VAL A CA  1 
ATOM   63   C C   . VAL A 1 30  ? 6.381   -0.378  0.846   1.00 17.79 ?  8   VAL A C   1 
ATOM   64   O O   . VAL A 1 30  ? 7.226   0.338   0.294   1.00 16.45 ?  8   VAL A O   1 
ATOM   65   C CB  . VAL A 1 30  ? 4.438   -0.938  -0.705  1.00 19.90 ?  8   VAL A CB  1 
ATOM   66   C CG1 . VAL A 1 30  ? 5.242   -0.581  -1.946  1.00 19.52 ?  8   VAL A CG1 1 
ATOM   67   C CG2 . VAL A 1 30  ? 4.445   -2.439  -0.479  1.00 19.84 ?  8   VAL A CG2 1 
ATOM   68   N N   . ALA A 1 31  ? 6.642   -1.326  1.729   1.00 18.49 ?  9   ALA A N   1 
ATOM   69   C CA  . ALA A 1 31  ? 7.993   -1.776  2.103   1.00 19.92 ?  9   ALA A CA  1 
ATOM   70   C C   . ALA A 1 31  ? 8.233   -3.143  1.472   1.00 20.25 ?  9   ALA A C   1 
ATOM   71   O O   . ALA A 1 31  ? 7.377   -4.014  1.632   1.00 22.30 ?  9   ALA A O   1 
ATOM   72   C CB  . ALA A 1 31  ? 8.107   -1.861  3.593   1.00 21.02 ?  9   ALA A CB  1 
ATOM   73   N N   . ALA A 1 32  ? 9.353   -3.314  0.775   1.00 20.64 ?  10  ALA A N   1 
ATOM   74   C CA  . ALA A 1 32  ? 9.622   -4.486  -0.089  1.00 19.84 ?  10  ALA A CA  1 
ATOM   75   C C   . ALA A 1 32  ? 11.054  -4.993  0.135   1.00 19.37 ?  10  ALA A C   1 
ATOM   76   O O   . ALA A 1 32  ? 11.941  -4.216  0.561   1.00 18.13 ?  10  ALA A O   1 
ATOM   77   C CB  . ALA A 1 32  ? 9.357   -4.134  -1.541  1.00 19.36 ?  10  ALA A CB  1 
ATOM   78   N N   . THR A 1 33  ? 11.225  -6.289  -0.114  1.00 19.35 ?  11  THR A N   1 
ATOM   79   C CA  . THR A 1 33  ? 12.497  -7.039  -0.126  1.00 18.99 ?  11  THR A CA  1 
ATOM   80   C C   . THR A 1 33  ? 13.265  -6.722  -1.409  1.00 18.67 ?  11  THR A C   1 
ATOM   81   O O   . THR A 1 33  ? 12.710  -6.115  -2.313  1.00 16.85 ?  11  THR A O   1 
ATOM   82   C CB  . THR A 1 33  ? 12.181  -8.535  -0.072  1.00 20.16 ?  11  THR A CB  1 
ATOM   83   O OG1 . THR A 1 33  ? 11.325  -8.777  -1.199  1.00 19.96 ?  11  THR A OG1 1 
ATOM   84   C CG2 . THR A 1 33  ? 11.533  -8.965  1.232   1.00 20.60 ?  11  THR A CG2 1 
ATOM   85   N N   . LEU A 1 34  ? 14.478  -7.197  -1.505  1.00 19.80 ?  12  LEU A N   1 
ATOM   86   C CA  . LEU A 1 34  ? 15.222  -7.012  -2.705  1.00 21.75 ?  12  LEU A CA  1 
ATOM   87   C C   . LEU A 1 34  ? 14.634  -7.943  -3.737  1.00 22.33 ?  12  LEU A C   1 
ATOM   88   O O   . LEU A 1 34  ? 14.675  -7.643  -4.902  1.00 22.53 ?  12  LEU A O   1 
ATOM   89   C CB  . LEU A 1 34  ? 16.712  -7.246  -2.494  1.00 22.34 ?  12  LEU A CB  1 
ATOM   90   C CG  . LEU A 1 34  ? 17.469  -6.442  -1.456  1.00 21.16 ?  12  LEU A CG  1 
ATOM   91   C CD1 . LEU A 1 34  ? 18.744  -7.065  -1.006  1.00 21.90 ?  12  LEU A CD1 1 
ATOM   92   C CD2 . LEU A 1 34  ? 17.730  -5.063  -1.906  1.00 20.50 ?  12  LEU A CD2 1 
ATOM   93   N N   . ASP A 1 35  ? 14.083  -9.071  -3.315  1.00 22.58 ?  13  ASP A N   1 
ATOM   94   C CA  . ASP A 1 35  ? 13.423  -9.946  -4.258  1.00 24.43 ?  13  ASP A CA  1 
ATOM   95   C C   . ASP A 1 35  ? 12.029  -9.476  -4.676  1.00 23.24 ?  13  ASP A C   1 
ATOM   96   O O   . ASP A 1 35  ? 11.326  -10.170 -5.327  1.00 21.06 ?  13  ASP A O   1 
ATOM   97   C CB  . ASP A 1 35  ? 13.472  -11.433 -3.896  1.00 26.23 ?  13  ASP A CB  1 
ATOM   98   C CG  . ASP A 1 35  ? 12.742  -11.761 -2.669  1.00 28.55 ?  13  ASP A CG  1 
ATOM   99   O OD1 . ASP A 1 35  ? 12.049  -10.890 -2.163  1.00 29.79 ?  13  ASP A OD1 1 
ATOM   100  O OD2 . ASP A 1 35  ? 12.867  -12.870 -2.190  1.00 29.56 ?  13  ASP A OD2 1 
ATOM   101  N N   . GLY A 1 36  ? 11.623  -8.308  -4.215  1.00 23.45 ?  14  GLY A N   1 
ATOM   102  C CA  . GLY A 1 36  ? 10.397  -7.626  -4.678  1.00 23.50 ?  14  GLY A CA  1 
ATOM   103  C C   . GLY A 1 36  ? 9.146   -8.256  -4.099  1.00 21.89 ?  14  GLY A C   1 
ATOM   104  O O   . GLY A 1 36  ? 8.151   -8.370  -4.852  1.00 21.80 ?  14  GLY A O   1 
ATOM   105  N N   . TYR A 1 37  ? 9.220   -8.633  -2.814  1.00 20.26 ?  15  TYR A N   1 
ATOM   106  C CA  . TYR A 1 37  ? 8.133   -9.246  -2.024  1.00 20.78 ?  15  TYR A CA  1 
ATOM   107  C C   . TYR A 1 37  ? 7.762   -8.302  -0.885  1.00 22.97 ?  15  TYR A C   1 
ATOM   108  O O   . TYR A 1 37  ? 8.653   -7.747  -0.238  1.00 23.43 ?  15  TYR A O   1 
ATOM   109  C CB  . TYR A 1 37  ? 8.539   -10.627 -1.509  1.00 19.77 ?  15  TYR A CB  1 
ATOM   110  C CG  . TYR A 1 37  ? 8.845   -11.594 -2.613  1.00 18.12 ?  15  TYR A CG  1 
ATOM   111  C CD1 . TYR A 1 37  ? 7.856   -12.053 -3.458  1.00 17.61 ?  15  TYR A CD1 1 
ATOM   112  C CD2 . TYR A 1 37  ? 10.145  -11.977 -2.866  1.00 18.52 ?  15  TYR A CD2 1 
ATOM   113  C CE1 . TYR A 1 37  ? 8.147   -12.908 -4.507  1.00 18.16 ?  15  TYR A CE1 1 
ATOM   114  C CE2 . TYR A 1 37  ? 10.460  -12.834 -3.906  1.00 18.51 ?  15  TYR A CE2 1 
ATOM   115  C CZ  . TYR A 1 37  ? 9.457   -13.307 -4.734  1.00 18.43 ?  15  TYR A CZ  1 
ATOM   116  O OH  . TYR A 1 37  ? 9.789   -14.138 -5.766  1.00 17.60 ?  15  TYR A OH  1 
ATOM   117  N N   . ILE A 1 38  ? 6.462   -8.122  -0.672  1.00 26.16 ?  16  ILE A N   1 
ATOM   118  C CA  . ILE A 1 38  ? 5.898   -7.229  0.377   1.00 29.08 ?  16  ILE A CA  1 
ATOM   119  C C   . ILE A 1 38  ? 5.503   -8.070  1.579   1.00 30.99 ?  16  ILE A C   1 
ATOM   120  O O   . ILE A 1 38  ? 5.037   -7.456  2.528   1.00 35.71 ?  16  ILE A O   1 
ATOM   121  C CB  . ILE A 1 38  ? 4.690   -6.453  -0.159  1.00 30.48 ?  16  ILE A CB  1 
ATOM   122  C CG1 . ILE A 1 38  ? 3.442   -7.344  -0.262  1.00 32.05 ?  16  ILE A CG1 1 
ATOM   123  C CG2 . ILE A 1 38  ? 5.070   -5.809  -1.477  1.00 29.62 ?  16  ILE A CG2 1 
ATOM   124  C CD1 . ILE A 1 38  ? 2.221   -6.664  -0.876  1.00 33.31 ?  16  ILE A CD1 1 
ATOM   125  N N   . ALA A 1 39  ? 5.693   -9.400  1.527   1.00 33.60 ?  17  ALA A N   1 
ATOM   126  C CA  . ALA A 1 39  ? 5.345   -10.364 2.603   1.00 31.81 ?  17  ALA A CA  1 
ATOM   127  C C   . ALA A 1 39  ? 5.857   -11.772 2.284   1.00 29.99 ?  17  ALA A C   1 
ATOM   128  O O   . ALA A 1 39  ? 5.907   -12.131 1.100   1.00 28.04 ?  17  ALA A O   1 
ATOM   129  C CB  . ALA A 1 39  ? 3.848   -10.393 2.772   1.00 32.99 ?  17  ALA A CB  1 
ATOM   130  N N   . THR A 1 40  ? 6.135   -12.576 3.279   1.00 31.33 ?  18  THR A N   1 
ATOM   131  C CA  . THR A 1 40  ? 6.535   -13.938 3.057   1.00 32.83 ?  18  THR A CA  1 
ATOM   132  C C   . THR A 1 40  ? 5.325   -14.743 2.706   1.00 36.58 ?  18  THR A C   1 
ATOM   133  O O   . THR A 1 40  ? 4.238   -14.375 3.076   1.00 43.98 ?  18  THR A O   1 
ATOM   134  C CB  . THR A 1 40  ? 7.185   -14.546 4.299   1.00 30.76 ?  18  THR A CB  1 
ATOM   135  O OG1 . THR A 1 40  ? 6.294   -14.515 5.396   1.00 30.71 ?  18  THR A OG1 1 
ATOM   136  C CG2 . THR A 1 40  ? 8.391   -13.820 4.672   1.00 29.89 ?  18  THR A CG2 1 
ATOM   137  N N   . GLN A 1 41  ? 5.537   -15.841 2.008   1.00 38.73 ?  19  GLN A N   1 
ATOM   138  C CA  . GLN A 1 41  ? 4.516   -16.773 1.580   1.00 38.89 ?  19  GLN A CA  1 
ATOM   139  C C   . GLN A 1 41  ? 3.437   -17.120 2.604   1.00 33.67 ?  19  GLN A C   1 
ATOM   140  O O   . GLN A 1 41  ? 2.345   -17.437 2.259   1.00 30.28 ?  19  GLN A O   1 
ATOM   141  C CB  . GLN A 1 41  ? 5.213   -18.052 1.247   1.00 42.24 ?  19  GLN A CB  1 
ATOM   142  C CG  . GLN A 1 41  ? 4.328   -19.092 0.650   1.00 47.50 ?  19  GLN A CG  1 
ATOM   143  C CD  . GLN A 1 41  ? 5.173   -20.226 0.217   1.00 54.75 ?  19  GLN A CD  1 
ATOM   144  O OE1 . GLN A 1 41  ? 6.377   -20.146 0.299   1.00 63.05 ?  19  GLN A OE1 1 
ATOM   145  N NE2 . GLN A 1 41  ? 4.562   -21.298 -0.211  1.00 58.14 ?  19  GLN A NE2 1 
ATOM   146  N N   . GLN A 1 42  ? 3.781   -17.125 3.868   1.00 33.06 ?  20  GLN A N   1 
ATOM   147  C CA  . GLN A 1 42  ? 2.734   -17.244 4.930   1.00 33.76 ?  20  GLN A CA  1 
ATOM   148  C C   . GLN A 1 42  ? 2.396   -15.833 5.432   1.00 32.65 ?  20  GLN A C   1 
ATOM   149  O O   . GLN A 1 42  ? 2.046   -15.714 6.605   1.00 31.58 ?  20  GLN A O   1 
ATOM   150  C CB  . GLN A 1 42  ? 3.161   -18.040 6.171   1.00 34.14 ?  20  GLN A CB  1 
ATOM   151  C CG  . GLN A 1 42  ? 3.181   -19.551 6.009   1.00 34.91 ?  20  GLN A CG  1 
ATOM   152  C CD  . GLN A 1 42  ? 4.587   -20.045 5.767   1.00 34.95 ?  20  GLN A CD  1 
ATOM   153  O OE1 . GLN A 1 42  ? 5.290   -19.509 4.913   1.00 32.55 ?  20  GLN A OE1 1 
ATOM   154  N NE2 . GLN A 1 42  ? 5.014   -21.034 6.543   1.00 33.12 ?  20  GLN A NE2 1 
ATOM   155  N N   . HIS A 1 43  ? 2.546   -14.799 4.612   1.00 34.47 ?  21  HIS A N   1 
ATOM   156  C CA  . HIS A 1 43  ? 2.045   -13.423 4.879   1.00 35.37 ?  21  HIS A CA  1 
ATOM   157  C C   . HIS A 1 43  ? 2.641   -12.886 6.190   1.00 34.93 ?  21  HIS A C   1 
ATOM   158  O O   . HIS A 1 43  ? 1.965   -12.097 6.820   1.00 37.66 ?  21  HIS A O   1 
ATOM   159  C CB  . HIS A 1 43  ? 0.505   -13.382 4.897   1.00 34.66 ?  21  HIS A CB  1 
ATOM   160  C CG  . HIS A 1 43  ? -0.097  -13.507 3.538   1.00 36.18 ?  21  HIS A CG  1 
ATOM   161  N ND1 . HIS A 1 43  ? -0.568  -12.421 2.837   1.00 38.56 ?  21  HIS A ND1 1 
ATOM   162  C CD2 . HIS A 1 43  ? -0.267  -14.569 2.719   1.00 38.90 ?  21  HIS A CD2 1 
ATOM   163  C CE1 . HIS A 1 43  ? -1.024  -12.806 1.656   1.00 38.19 ?  21  HIS A CE1 1 
ATOM   164  N NE2 . HIS A 1 43  ? -0.843  -14.113 1.551   1.00 38.29 ?  21  HIS A NE2 1 
ATOM   165  N N   . LYS A 1 44  ? 3.874   -13.189 6.516   1.00 36.58 ?  22  LYS A N   1 
ATOM   166  C CA  . LYS A 1 44  ? 4.509   -12.660 7.696   1.00 35.55 ?  22  LYS A CA  1 
ATOM   167  C C   . LYS A 1 44  ? 5.341   -11.457 7.331   1.00 31.38 ?  22  LYS A C   1 
ATOM   168  O O   . LYS A 1 44  ? 5.541   -11.174 6.204   1.00 28.17 ?  22  LYS A O   1 
ATOM   169  C CB  . LYS A 1 44  ? 5.409   -13.714 8.313   1.00 39.33 ?  22  LYS A CB  1 
ATOM   170  C CG  . LYS A 1 44  ? 4.680   -14.871 8.921   1.00 42.39 ?  22  LYS A CG  1 
ATOM   171  C CD  . LYS A 1 44  ? 4.504   -14.686 10.399  1.00 43.31 ?  22  LYS A CD  1 
ATOM   172  C CE  . LYS A 1 44  ? 3.424   -15.579 10.972  1.00 44.69 ?  22  LYS A CE  1 
ATOM   173  N NZ  . LYS A 1 44  ? 3.682   -17.018 10.786  1.00 43.82 ?  22  LYS A NZ  1 
ATOM   174  N N   . LEU A 1 45  ? 5.815   -10.744 8.316   1.00 30.95 ?  23  LEU A N   1 
ATOM   175  C CA  . LEU A 1 45  ? 6.578   -9.588  8.024   1.00 33.00 ?  23  LEU A CA  1 
ATOM   176  C C   . LEU A 1 45  ? 7.703   -9.334  8.956   1.00 35.67 ?  23  LEU A C   1 
ATOM   177  O O   . LEU A 1 45  ? 8.039   -8.205  9.143   1.00 41.66 ?  23  LEU A O   1 
ATOM   178  C CB  . LEU A 1 45  ? 5.693   -8.358  7.951   1.00 33.87 ?  23  LEU A CB  1 
ATOM   179  C CG  . LEU A 1 45  ? 5.320   -7.846  6.571   1.00 34.93 ?  23  LEU A CG  1 
ATOM   180  C CD1 . LEU A 1 45  ? 3.923   -8.219  6.183   1.00 33.34 ?  23  LEU A CD1 1 
ATOM   181  C CD2 . LEU A 1 45  ? 5.523   -6.367  6.454   1.00 34.01 ?  23  LEU A CD2 1 
ATOM   182  N N   . ASP A 1 46  ? 8.236   -10.381 9.572   1.00 33.37 ?  24  ASP A N   1 
ATOM   183  C CA  . ASP A 1 46  ? 9.432   -10.358 10.377  1.00 32.47 ?  24  ASP A CA  1 
ATOM   184  C C   . ASP A 1 46  ? 10.597  -9.625  9.780   1.00 31.86 ?  24  ASP A C   1 
ATOM   185  O O   . ASP A 1 46  ? 11.198  -8.783  10.377  1.00 35.82 ?  24  ASP A O   1 
ATOM   186  C CB  . ASP A 1 46  ? 9.862   -11.764 10.727  1.00 33.27 ?  24  ASP A CB  1 
ATOM   187  C CG  . ASP A 1 46  ? 9.409   -12.770 9.731   1.00 36.35 ?  24  ASP A CG  1 
ATOM   188  O OD1 . ASP A 1 46  ? 9.696   -12.604 8.569   1.00 37.22 ?  24  ASP A OD1 1 
ATOM   189  O OD2 . ASP A 1 46  ? 8.735   -13.719 10.085  1.00 37.36 ?  24  ASP A OD2 1 
ATOM   190  N N   . TRP A 1 47  ? 10.894  -9.958  8.557   1.00 30.00 ?  25  TRP A N   1 
ATOM   191  C CA  . TRP A 1 47  ? 11.979  -9.373  7.829   1.00 28.74 ?  25  TRP A CA  1 
ATOM   192  C C   . TRP A 1 47  ? 12.017  -7.886  7.956   1.00 28.67 ?  25  TRP A C   1 
ATOM   193  O O   . TRP A 1 47  ? 13.050  -7.302  7.898   1.00 31.30 ?  25  TRP A O   1 
ATOM   194  C CB  . TRP A 1 47  ? 11.948  -9.891  6.396   1.00 28.81 ?  25  TRP A CB  1 
ATOM   195  C CG  . TRP A 1 47  ? 10.648  -9.756  5.688   1.00 27.60 ?  25  TRP A CG  1 
ATOM   196  C CD1 . TRP A 1 47  ? 9.700   -10.666 5.608   1.00 27.02 ?  25  TRP A CD1 1 
ATOM   197  C CD2 . TRP A 1 47  ? 10.198  -8.648  4.924   1.00 26.48 ?  25  TRP A CD2 1 
ATOM   198  N NE1 . TRP A 1 47  ? 8.670   -10.216 4.887   1.00 27.28 ?  25  TRP A NE1 1 
ATOM   199  C CE2 . TRP A 1 47  ? 8.955   -8.963  4.451   1.00 26.31 ?  25  TRP A CE2 1 
ATOM   200  C CE3 . TRP A 1 47  ? 10.728  -7.407  4.612   1.00 27.49 ?  25  TRP A CE3 1 
ATOM   201  C CZ2 . TRP A 1 47  ? 8.228   -8.101  3.692   1.00 25.10 ?  25  TRP A CZ2 1 
ATOM   202  C CZ3 . TRP A 1 47  ? 10.002  -6.569  3.863   1.00 26.45 ?  25  TRP A CZ3 1 
ATOM   203  C CH2 . TRP A 1 47  ? 8.781   -6.908  3.405   1.00 24.29 ?  25  TRP A CH2 1 
ATOM   204  N N   . LEU A 1 48  ? 10.882  -7.270  8.143   1.00 27.83 ?  26  LEU A N   1 
ATOM   205  C CA  . LEU A 1 48  ? 10.804  -5.782  8.242   1.00 28.69 ?  26  LEU A CA  1 
ATOM   206  C C   . LEU A 1 48  ? 10.742  -5.263  9.684   1.00 28.28 ?  26  LEU A C   1 
ATOM   207  O O   . LEU A 1 48  ? 11.461  -4.280  10.019  1.00 26.43 ?  26  LEU A O   1 
ATOM   208  C CB  . LEU A 1 48  ? 9.558   -5.366  7.444   1.00 26.83 ?  26  LEU A CB  1 
ATOM   209  C CG  . LEU A 1 48  ? 9.175   -3.891  7.531   1.00 23.83 ?  26  LEU A CG  1 
ATOM   210  C CD1 . LEU A 1 48  ? 10.323  -3.002  7.126   1.00 23.05 ?  26  LEU A CD1 1 
ATOM   211  C CD2 . LEU A 1 48  ? 7.959   -3.583  6.683   1.00 24.53 ?  26  LEU A CD2 1 
ATOM   212  N N   . GLU A 1 49  ? 9.856   -5.871  10.471  1.00 30.81 ?  27  GLU A N   1 
ATOM   213  C CA  . GLU A 1 49  ? 9.600   -5.531  11.892  1.00 34.74 ?  27  GLU A CA  1 
ATOM   214  C C   . GLU A 1 49  ? 10.841  -5.900  12.701  1.00 34.96 ?  27  GLU A C   1 
ATOM   215  O O   . GLU A 1 49  ? 10.991  -5.371  13.828  1.00 35.55 ?  27  GLU A O   1 
ATOM   216  C CB  . GLU A 1 49  ? 8.407   -6.296  12.464  1.00 36.72 ?  27  GLU A CB  1 
ATOM   217  C CG  . GLU A 1 49  ? 7.058   -5.707  12.125  1.00 38.65 ?  27  GLU A CG  1 
ATOM   218  C CD  . GLU A 1 49  ? 5.888   -6.481  12.727  1.00 43.41 ?  27  GLU A CD  1 
ATOM   219  O OE1 . GLU A 1 49  ? 6.119   -7.576  13.277  1.00 41.27 ?  27  GLU A OE1 1 
ATOM   220  O OE2 . GLU A 1 49  ? 4.742   -5.990  12.647  1.00 48.47 ?  27  GLU A OE2 1 
ATOM   221  N N   . ASN A 1 50  ? 11.683  -6.782  12.161  1.00 32.91 ?  28  ASN A N   1 
ATOM   222  C CA  . ASN A 1 50  ? 12.882  -7.257  12.885  1.00 33.32 ?  28  ASN A CA  1 
ATOM   223  C C   . ASN A 1 50  ? 14.121  -6.501  12.416  1.00 31.82 ?  28  ASN A C   1 
ATOM   224  O O   . ASN A 1 50  ? 15.193  -6.805  12.951  1.00 33.12 ?  28  ASN A O   1 
ATOM   225  C CB  . ASN A 1 50  ? 13.027  -8.772  12.789  1.00 34.48 ?  28  ASN A CB  1 
ATOM   226  C CG  . ASN A 1 50  ? 11.999  -9.493  13.635  1.00 36.27 ?  28  ASN A CG  1 
ATOM   227  O OD1 . ASN A 1 50  ? 11.302  -8.879  14.452  1.00 35.88 ?  28  ASN A OD1 1 
ATOM   228  N ND2 . ASN A 1 50  ? 11.908  -10.801 13.450  1.00 36.40 ?  28  ASN A ND2 1 
ATOM   229  N N   . PHE A 1 51  ? 13.988  -5.534  11.508  1.00 31.00 ?  29  PHE A N   1 
ATOM   230  C CA  . PHE A 1 51  ? 15.132  -4.741  10.984  1.00 31.47 ?  29  PHE A CA  1 
ATOM   231  C C   . PHE A 1 51  ? 14.891  -3.263  11.293  1.00 33.45 ?  29  PHE A C   1 
ATOM   232  O O   . PHE A 1 51  ? 13.848  -2.689  10.870  1.00 35.75 ?  29  PHE A O   1 
ATOM   233  C CB  . PHE A 1 51  ? 15.337  -5.033  9.497   1.00 32.12 ?  29  PHE A CB  1 
ATOM   234  C CG  . PHE A 1 51  ? 16.083  -3.996  8.689   1.00 33.55 ?  29  PHE A CG  1 
ATOM   235  C CD1 . PHE A 1 51  ? 15.420  -2.901  8.138   1.00 32.09 ?  29  PHE A CD1 1 
ATOM   236  C CD2 . PHE A 1 51  ? 17.438  -4.145  8.413   1.00 34.76 ?  29  PHE A CD2 1 
ATOM   237  C CE1 . PHE A 1 51  ? 16.099  -1.978  7.358   1.00 31.93 ?  29  PHE A CE1 1 
ATOM   238  C CE2 . PHE A 1 51  ? 18.117  -3.205  7.640   1.00 34.51 ?  29  PHE A CE2 1 
ATOM   239  C CZ  . PHE A 1 51  ? 17.445  -2.129  7.105   1.00 31.92 ?  29  PHE A CZ  1 
ATOM   240  N N   . ALA A 1 52  ? 15.817  -2.676  12.049  1.00 34.26 ?  30  ALA A N   1 
ATOM   241  C CA  . ALA A 1 52  ? 15.753  -1.261  12.476  1.00 36.96 ?  30  ALA A CA  1 
ATOM   242  C C   . ALA A 1 52  ? 16.026  -0.398  11.242  1.00 36.48 ?  30  ALA A C   1 
ATOM   243  O O   . ALA A 1 52  ? 17.004  -0.677  10.539  1.00 39.97 ?  30  ALA A O   1 
ATOM   244  C CB  . ALA A 1 52  ? 16.713  -1.000  13.618  1.00 35.35 ?  30  ALA A CB  1 
ATOM   245  N N   . LEU A 1 53  ? 15.144  0.555   10.959  1.00 36.60 ?  31  LEU A N   1 
ATOM   246  C CA  . LEU A 1 53  ? 15.182  1.391   9.730   1.00 37.98 ?  31  LEU A CA  1 
ATOM   247  C C   . LEU A 1 53  ? 16.255  2.472   9.894   1.00 37.23 ?  31  LEU A C   1 
ATOM   248  O O   . LEU A 1 53  ? 17.073  2.640   8.968   1.00 36.58 ?  31  LEU A O   1 
ATOM   249  C CB  . LEU A 1 53  ? 13.794  1.998   9.489   1.00 37.50 ?  31  LEU A CB  1 
ATOM   250  C CG  . LEU A 1 53  ? 13.034  1.428   8.303   1.00 38.51 ?  31  LEU A CG  1 
ATOM   251  C CD1 . LEU A 1 53  ? 11.630  2.009   8.213   1.00 41.68 ?  31  LEU A CD1 1 
ATOM   252  C CD2 . LEU A 1 53  ? 13.799  1.708   7.025   1.00 39.73 ?  31  LEU A CD2 1 
ATOM   253  N N   . GLY A 1 54  ? 16.212  3.194   11.018  1.00 39.19 ?  32  GLY A N   1 
ATOM   254  C CA  . GLY A 1 54  ? 17.123  4.312   11.335  1.00 41.84 ?  32  GLY A CA  1 
ATOM   255  C C   . GLY A 1 54  ? 16.459  5.680   11.228  1.00 44.50 ?  32  GLY A C   1 
ATOM   256  O O   . GLY A 1 54  ? 15.545  5.866   10.372  1.00 40.71 ?  32  GLY A O   1 
ATOM   257  N N   . ASP A 1 55  ? 16.925  6.609   12.031  1.00 46.85 ?  33  ASP A N   1 
ATOM   258  C CA  . ASP A 1 55  ? 16.377  7.929   12.067  1.00 47.27 ?  33  ASP A CA  1 
ATOM   259  C C   . ASP A 1 55  ? 16.366  8.630   10.763  1.00 43.18 ?  33  ASP A C   1 
ATOM   260  O O   . ASP A 1 55  ? 15.512  9.423   10.521  1.00 40.70 ?  33  ASP A O   1 
ATOM   261  C CB  . ASP A 1 55  ? 17.186  8.730   13.039  1.00 50.30 ?  33  ASP A CB  1 
ATOM   262  C CG  . ASP A 1 55  ? 17.211  8.110   14.358  1.00 53.05 ?  33  ASP A CG  1 
ATOM   263  O OD1 . ASP A 1 55  ? 16.273  7.362   14.640  1.00 52.52 ?  33  ASP A OD1 1 
ATOM   264  O OD2 . ASP A 1 55  ? 18.156  8.357   15.107  1.00 55.50 ?  33  ASP A OD2 1 
ATOM   265  N N   . ASP A 1 56  ? 17.318  8.319   9.923   1.00 39.80 ?  34  ASP A N   1 
ATOM   266  C CA  . ASP A 1 56  ? 17.444  8.983   8.656   1.00 42.22 ?  34  ASP A CA  1 
ATOM   267  C C   . ASP A 1 56  ? 16.328  8.749   7.671   1.00 40.32 ?  34  ASP A C   1 
ATOM   268  O O   . ASP A 1 56  ? 16.280  9.386   6.631   1.00 34.46 ?  34  ASP A O   1 
ATOM   269  C CB  . ASP A 1 56  ? 18.787  8.618   8.021   1.00 44.64 ?  34  ASP A CB  1 
ATOM   270  C CG  . ASP A 1 56  ? 19.049  7.132   7.954   1.00 47.44 ?  34  ASP A CG  1 
ATOM   271  O OD1 . ASP A 1 56  ? 18.457  6.348   8.676   1.00 49.72 ?  34  ASP A OD1 1 
ATOM   272  O OD2 . ASP A 1 56  ? 19.883  6.737   7.160   1.00 45.82 ?  34  ASP A OD2 1 
ATOM   273  N N   . ALA A 1 57  ? 15.406  7.876   8.054   1.00 37.44 ?  35  ALA A N   1 
ATOM   274  C CA  . ALA A 1 57  ? 14.305  7.380   7.192   1.00 32.54 ?  35  ALA A CA  1 
ATOM   275  C C   . ALA A 1 57  ? 13.184  8.417   7.123   1.00 30.12 ?  35  ALA A C   1 
ATOM   276  O O   . ALA A 1 57  ? 12.798  8.915   8.188   1.00 29.52 ?  35  ALA A O   1 
ATOM   277  C CB  . ALA A 1 57  ? 13.818  6.059   7.727   1.00 31.62 ?  35  ALA A CB  1 
ATOM   278  N N   . THR A 1 58  ? 12.670  8.720   5.926   1.00 28.90 ?  36  THR A N   1 
ATOM   279  C CA  . THR A 1 58  ? 11.471  9.592   5.756   1.00 29.02 ?  36  THR A CA  1 
ATOM   280  C C   . THR A 1 58  ? 10.414  9.166   6.783   1.00 26.57 ?  36  THR A C   1 
ATOM   281  O O   . THR A 1 58  ? 10.096  7.976   6.838   1.00 24.45 ?  36  THR A O   1 
ATOM   282  C CB  . THR A 1 58  ? 10.842  9.500   4.359   1.00 29.00 ?  36  THR A CB  1 
ATOM   283  O OG1 . THR A 1 58  ? 11.762  9.923   3.355   1.00 28.50 ?  36  THR A OG1 1 
ATOM   284  C CG2 . THR A 1 58  ? 9.580   10.331  4.256   1.00 29.82 ?  36  THR A CG2 1 
ATOM   285  N N   . ALA A 1 59  ? 9.893   10.093  7.574   1.00 26.94 ?  37  ALA A N   1 
ATOM   286  C CA  . ALA A 1 59  ? 9.016   9.778   8.730   1.00 27.02 ?  37  ALA A CA  1 
ATOM   287  C C   . ALA A 1 59  ? 7.578   9.576   8.251   1.00 26.03 ?  37  ALA A C   1 
ATOM   288  O O   . ALA A 1 59  ? 7.074   10.377  7.452   1.00 26.04 ?  37  ALA A O   1 
ATOM   289  C CB  . ALA A 1 59  ? 9.098   10.847  9.794   1.00 26.62 ?  37  ALA A CB  1 
ATOM   290  N N   . TYR A 1 60  ? 6.945   8.540   8.779   1.00 27.46 ?  38  TYR A N   1 
ATOM   291  C CA  . TYR A 1 60  ? 5.595   8.065   8.385   1.00 29.11 ?  38  TYR A CA  1 
ATOM   292  C C   . TYR A 1 60  ? 4.567   9.201   8.366   1.00 28.66 ?  38  TYR A C   1 
ATOM   293  O O   . TYR A 1 60  ? 3.740   9.209   7.422   1.00 29.07 ?  38  TYR A O   1 
ATOM   294  C CB  . TYR A 1 60  ? 5.105   6.976   9.342   1.00 28.82 ?  38  TYR A CB  1 
ATOM   295  C CG  . TYR A 1 60  ? 3.723   6.478   9.027   1.00 27.92 ?  38  TYR A CG  1 
ATOM   296  C CD1 . TYR A 1 60  ? 3.370   6.140   7.732   1.00 30.14 ?  38  TYR A CD1 1 
ATOM   297  C CD2 . TYR A 1 60  ? 2.772   6.340   10.014  1.00 27.56 ?  38  TYR A CD2 1 
ATOM   298  C CE1 . TYR A 1 60  ? 2.101   5.676   7.428   1.00 31.05 ?  38  TYR A CE1 1 
ATOM   299  C CE2 . TYR A 1 60  ? 1.504   5.868   9.732   1.00 28.89 ?  38  TYR A CE2 1 
ATOM   300  C CZ  . TYR A 1 60  ? 1.165   5.538   8.435   1.00 29.25 ?  38  TYR A CZ  1 
ATOM   301  O OH  . TYR A 1 60  ? -0.077  5.079   8.140   1.00 27.98 ?  38  TYR A OH  1 
ATOM   302  N N   . ASP A 1 61  ? 4.580   10.075  9.384   1.00 28.11 ?  39  ASP A N   1 
ATOM   303  C CA  . ASP A 1 61  ? 3.555   11.146  9.557   1.00 26.97 ?  39  ASP A CA  1 
ATOM   304  C C   . ASP A 1 61  ? 3.687   12.135  8.408   1.00 26.15 ?  39  ASP A C   1 
ATOM   305  O O   . ASP A 1 61  ? 2.635   12.596  7.899   1.00 24.57 ?  39  ASP A O   1 
ATOM   306  C CB  . ASP A 1 61  ? 3.669   11.870  10.900  1.00 27.98 ?  39  ASP A CB  1 
ATOM   307  C CG  . ASP A 1 61  ? 4.028   10.943  12.046  1.00 27.90 ?  39  ASP A CG  1 
ATOM   308  O OD1 . ASP A 1 61  ? 3.317   9.908   12.238  1.00 26.88 ?  39  ASP A OD1 1 
ATOM   309  O OD2 . ASP A 1 61  ? 5.032   11.244  12.704  1.00 26.07 ?  39  ASP A OD2 1 
ATOM   310  N N   . ASP A 1 62  ? 4.930   12.427  8.012   1.00 27.85 ?  40  ASP A N   1 
ATOM   311  C CA  . ASP A 1 62  ? 5.230   13.347  6.883   1.00 30.07 ?  40  ASP A CA  1 
ATOM   312  C C   . ASP A 1 62  ? 4.514   12.846  5.616   1.00 28.77 ?  40  ASP A C   1 
ATOM   313  O O   . ASP A 1 62  ? 4.029   13.735  4.868   1.00 27.97 ?  40  ASP A O   1 
ATOM   314  C CB  . ASP A 1 62  ? 6.737   13.545  6.707   1.00 31.97 ?  40  ASP A CB  1 
ATOM   315  C CG  . ASP A 1 62  ? 7.366   14.356  7.821   1.00 31.63 ?  40  ASP A CG  1 
ATOM   316  O OD1 . ASP A 1 62  ? 6.778   15.351  8.224   1.00 34.88 ?  40  ASP A OD1 1 
ATOM   317  O OD2 . ASP A 1 62  ? 8.422   13.973  8.280   1.00 33.64 ?  40  ASP A OD2 1 
ATOM   318  N N   . PHE A 1 63  ? 4.418   11.513  5.407   1.00 26.21 ?  41  PHE A N   1 
ATOM   319  C CA  . PHE A 1 63  ? 3.744   10.878  4.235   1.00 25.59 ?  41  PHE A CA  1 
ATOM   320  C C   . PHE A 1 63  ? 2.226   10.828  4.439   1.00 24.18 ?  41  PHE A C   1 
ATOM   321  O O   . PHE A 1 63  ? 1.467   11.189  3.476   1.00 21.88 ?  41  PHE A O   1 
ATOM   322  C CB  . PHE A 1 63  ? 4.222   9.447   3.948   1.00 26.48 ?  41  PHE A CB  1 
ATOM   323  C CG  . PHE A 1 63  ? 3.209   8.579   3.223   1.00 27.38 ?  41  PHE A CG  1 
ATOM   324  C CD1 . PHE A 1 63  ? 2.813   8.866   1.919   1.00 27.87 ?  41  PHE A CD1 1 
ATOM   325  C CD2 . PHE A 1 63  ? 2.629   7.478   3.840   1.00 27.74 ?  41  PHE A CD2 1 
ATOM   326  C CE1 . PHE A 1 63  ? 1.889   8.077   1.250   1.00 26.60 ?  41  PHE A CE1 1 
ATOM   327  C CE2 . PHE A 1 63  ? 1.691   6.697   3.173   1.00 28.17 ?  41  PHE A CE2 1 
ATOM   328  C CZ  . PHE A 1 63  ? 1.319   6.999   1.881   1.00 26.78 ?  41  PHE A CZ  1 
ATOM   329  N N   . TYR A 1 64  ? 1.809   10.344  5.618   1.00 22.36 ?  42  TYR A N   1 
ATOM   330  C CA  . TYR A 1 64  ? 0.382   10.140  5.992   1.00 23.00 ?  42  TYR A CA  1 
ATOM   331  C C   . TYR A 1 64  ? -0.366  11.468  5.886   1.00 22.68 ?  42  TYR A C   1 
ATOM   332  O O   . TYR A 1 64  ? -1.443  11.508  5.306   1.00 23.19 ?  42  TYR A O   1 
ATOM   333  C CB  . TYR A 1 64  ? 0.227   9.557   7.401   1.00 22.21 ?  42  TYR A CB  1 
ATOM   334  C CG  . TYR A 1 64  ? -1.132  8.962   7.680   1.00 20.97 ?  42  TYR A CG  1 
ATOM   335  C CD1 . TYR A 1 64  ? -1.836  8.275   6.705   1.00 18.77 ?  42  TYR A CD1 1 
ATOM   336  C CD2 . TYR A 1 64  ? -1.701  9.068   8.940   1.00 21.79 ?  42  TYR A CD2 1 
ATOM   337  C CE1 . TYR A 1 64  ? -3.071  7.716   6.972   1.00 18.36 ?  42  TYR A CE1 1 
ATOM   338  C CE2 . TYR A 1 64  ? -2.937  8.514   9.227   1.00 20.13 ?  42  TYR A CE2 1 
ATOM   339  C CZ  . TYR A 1 64  ? -3.616  7.833   8.236   1.00 18.75 ?  42  TYR A CZ  1 
ATOM   340  O OH  . TYR A 1 64  ? -4.826  7.297   8.524   1.00 17.90 ?  42  TYR A OH  1 
ATOM   341  N N   . GLN A 1 65  ? 0.235   12.531  6.402   1.00 24.45 ?  43  GLN A N   1 
ATOM   342  C CA  . GLN A 1 65  ? -0.307  13.905  6.344   1.00 25.17 ?  43  GLN A CA  1 
ATOM   343  C C   . GLN A 1 65  ? -0.776  14.234  4.924   1.00 24.02 ?  43  GLN A C   1 
ATOM   344  O O   . GLN A 1 65  ? -1.698  15.039  4.837   1.00 24.07 ?  43  GLN A O   1 
ATOM   345  C CB  . GLN A 1 65  ? 0.728   14.911  6.840   1.00 28.09 ?  43  GLN A CB  1 
ATOM   346  C CG  . GLN A 1 65  ? 0.195   16.338  6.799   1.00 30.45 ?  43  GLN A CG  1 
ATOM   347  C CD  . GLN A 1 65  ? 1.192   17.383  7.224   1.00 31.51 ?  43  GLN A CD  1 
ATOM   348  O OE1 . GLN A 1 65  ? 0.826   18.384  7.832   1.00 32.86 ?  43  GLN A OE1 1 
ATOM   349  N NE2 . GLN A 1 65  ? 2.452   17.155  6.903   1.00 32.84 ?  43  GLN A NE2 1 
ATOM   350  N N   . THR A 1 66  ? -0.181  13.668  3.860   1.00 23.95 ?  44  THR A N   1 
ATOM   351  C CA  . THR A 1 66  ? -0.566  13.942  2.435   1.00 23.85 ?  44  THR A CA  1 
ATOM   352  C C   . THR A 1 66  ? -1.717  13.048  1.932   1.00 23.68 ?  44  THR A C   1 
ATOM   353  O O   . THR A 1 66  ? -1.994  13.059  0.703   1.00 22.18 ?  44  THR A O   1 
ATOM   354  C CB  . THR A 1 66  ? 0.677   13.840  1.537   1.00 23.94 ?  44  THR A CB  1 
ATOM   355  O OG1 . THR A 1 66  ? 1.057   12.471  1.400   1.00 22.84 ?  44  THR A OG1 1 
ATOM   356  C CG2 . THR A 1 66  ? 1.840   14.644  2.078   1.00 24.04 ?  44  THR A CG2 1 
ATOM   357  N N   . ILE A 1 67  ? -2.385  12.338  2.854   1.00 25.04 ?  45  ILE A N   1 
ATOM   358  C CA  . ILE A 1 67  ? -3.358  11.233  2.593   1.00 24.85 ?  45  ILE A CA  1 
ATOM   359  C C   . ILE A 1 67  ? -4.694  11.595  3.233   1.00 26.40 ?  45  ILE A C   1 
ATOM   360  O O   . ILE A 1 67  ? -4.722  11.867  4.445   1.00 28.83 ?  45  ILE A O   1 
ATOM   361  C CB  . ILE A 1 67  ? -2.831  9.905   3.179   1.00 24.59 ?  45  ILE A CB  1 
ATOM   362  C CG1 . ILE A 1 67  ? -1.547  9.444   2.473   1.00 24.36 ?  45  ILE A CG1 1 
ATOM   363  C CG2 . ILE A 1 67  ? -3.919  8.827   3.195   1.00 23.66 ?  45  ILE A CG2 1 
ATOM   364  C CD1 . ILE A 1 67  ? -1.625  9.450   0.951   1.00 23.60 ?  45  ILE A CD1 1 
ATOM   365  N N   . GLY A 1 68  ? -5.766  11.554  2.455   1.00 27.23 ?  46  GLY A N   1 
ATOM   366  C CA  . GLY A 1 68  ? -7.126  11.634  2.997   1.00 29.64 ?  46  GLY A CA  1 
ATOM   367  C C   . GLY A 1 68  ? -7.982  10.451  2.594   1.00 31.05 ?  46  GLY A C   1 
ATOM   368  O O   . GLY A 1 68  ? -9.208  10.516  2.765   1.00 36.24 ?  46  GLY A O   1 
ATOM   369  N N   . ALA A 1 69  ? -7.388  9.397   2.065   1.00 30.83 ?  47  ALA A N   1 
ATOM   370  C CA  . ALA A 1 69  ? -8.129  8.176   1.703   1.00 31.30 ?  47  ALA A CA  1 
ATOM   371  C C   . ALA A 1 69  ? -7.144  7.017   1.640   1.00 30.69 ?  47  ALA A C   1 
ATOM   372  O O   . ALA A 1 69  ? -6.079  7.189   1.023   1.00 35.42 ?  47  ALA A O   1 
ATOM   373  C CB  . ALA A 1 69  ? -8.850  8.389   0.392   1.00 32.10 ?  47  ALA A CB  1 
ATOM   374  N N   . VAL A 1 70  ? -7.465  5.907   2.299   1.00 28.34 ?  48  VAL A N   1 
ATOM   375  C CA  . VAL A 1 70  ? -6.721  4.629   2.133   1.00 26.02 ?  48  VAL A CA  1 
ATOM   376  C C   . VAL A 1 70  ? -7.628  3.700   1.331   1.00 24.68 ?  48  VAL A C   1 
ATOM   377  O O   . VAL A 1 70  ? -8.848  3.933   1.352   1.00 23.53 ?  48  VAL A O   1 
ATOM   378  C CB  . VAL A 1 70  ? -6.261  4.042   3.480   1.00 24.82 ?  48  VAL A CB  1 
ATOM   379  C CG1 . VAL A 1 70  ? -5.324  4.998   4.208   1.00 21.90 ?  48  VAL A CG1 1 
ATOM   380  C CG2 . VAL A 1 70  ? -7.439  3.625   4.361   1.00 26.02 ?  48  VAL A CG2 1 
ATOM   381  N N   . VAL A 1 71  ? -7.035  2.745   0.617   1.00 24.91 ?  49  VAL A N   1 
ATOM   382  C CA  . VAL A 1 71  ? -7.696  1.753   -0.241  1.00 24.95 ?  49  VAL A CA  1 
ATOM   383  C C   . VAL A 1 71  ? -6.899  0.452   -0.197  1.00 23.76 ?  49  VAL A C   1 
ATOM   384  O O   . VAL A 1 71  ? -5.740  0.480   -0.255  1.00 25.04 ?  49  VAL A O   1 
ATOM   385  C CB  . VAL A 1 71  ? -7.905  2.272   -1.673  1.00 24.55 ?  49  VAL A CB  1 
ATOM   386  C CG1 . VAL A 1 71  ? -6.617  2.553   -2.361  1.00 25.45 ?  49  VAL A CG1 1 
ATOM   387  C CG2 . VAL A 1 71  ? -8.695  1.318   -2.492  1.00 24.34 ?  49  VAL A CG2 1 
ATOM   388  N N   . MET A 1 72  ? -7.535  -0.696  -0.088  1.00 23.02 ?  50  MET A N   1 
ATOM   389  C CA  . MET A 1 72  ? -6.814  -1.930  0.061   1.00 22.34 ?  50  MET A CA  1 
ATOM   390  C C   . MET A 1 72  ? -7.598  -3.115  -0.327  1.00 22.39 ?  50  MET A C   1 
ATOM   391  O O   . MET A 1 72  ? -8.700  -3.005  -0.752  1.00 24.66 ?  50  MET A O   1 
ATOM   392  C CB  . MET A 1 72  ? -6.450  -2.127  1.511   1.00 23.54 ?  50  MET A CB  1 
ATOM   393  C CG  . MET A 1 72  ? -7.615  -2.436  2.428   1.00 23.34 ?  50  MET A CG  1 
ATOM   394  S SD  . MET A 1 72  ? -7.262  -2.375  4.134   1.00 22.14 ?  50  MET A SD  1 
ATOM   395  C CE  . MET A 1 72  ? -7.223  -0.625  4.324   1.00 22.14 ?  50  MET A CE  1 
ATOM   396  N N   . GLY A 1 73  ? -6.993  -4.270  -0.162  1.00 21.82 ?  51  GLY A N   1 
ATOM   397  C CA  . GLY A 1 73  ? -7.604  -5.513  -0.503  1.00 22.10 ?  51  GLY A CA  1 
ATOM   398  C C   . GLY A 1 73  ? -8.025  -6.293  0.680   1.00 22.71 ?  51  GLY A C   1 
ATOM   399  O O   . GLY A 1 73  ? -7.621  -6.038  1.760   1.00 21.94 ?  51  GLY A O   1 
ATOM   400  N N   . SER A 1 74  ? -8.825  -7.302  0.420   1.00 25.15 ?  52  SER A N   1 
ATOM   401  C CA  . SER A 1 74  ? -9.462  -8.164  1.451   1.00 25.85 ?  52  SER A CA  1 
ATOM   402  C C   . SER A 1 74  ? -8.375  -8.776  2.331   1.00 24.61 ?  52  SER A C   1 
ATOM   403  O O   . SER A 1 74  ? -8.556  -8.765  3.543   1.00 21.31 ?  52  SER A O   1 
ATOM   404  C CB  . SER A 1 74  ? -10.380 -9.197  0.818   1.00 26.37 ?  52  SER A CB  1 
ATOM   405  O OG  . SER A 1 74  ? -9.678  -10.162 0.058   1.00 24.40 ?  52  SER A OG  1 
ATOM   406  N N   . GLN A 1 75  ? -7.269  -9.212  1.719   1.00 28.50 ?  53  GLN A N   1 
ATOM   407  C CA  . GLN A 1 75  ? -6.137  -9.912  2.394   1.00 31.66 ?  53  GLN A CA  1 
ATOM   408  C C   . GLN A 1 75  ? -5.426  -8.984  3.377   1.00 30.08 ?  53  GLN A C   1 
ATOM   409  O O   . GLN A 1 75  ? -5.230  -9.403  4.538   1.00 30.10 ?  53  GLN A O   1 
ATOM   410  C CB  . GLN A 1 75  ? -5.115  -10.434 1.381   1.00 36.84 ?  53  GLN A CB  1 
ATOM   411  C CG  . GLN A 1 75  ? -5.410  -11.837 0.891   1.00 41.91 ?  53  GLN A CG  1 
ATOM   412  C CD  . GLN A 1 75  ? -5.673  -12.697 2.098   1.00 45.40 ?  53  GLN A CD  1 
ATOM   413  O OE1 . GLN A 1 75  ? -4.826  -12.801 2.992   1.00 44.49 ?  53  GLN A OE1 1 
ATOM   414  N NE2 . GLN A 1 75  ? -6.887  -13.229 2.165   1.00 46.10 ?  53  GLN A NE2 1 
ATOM   415  N N   . THR A 1 76  ? -5.007  -7.803  2.916   1.00 29.04 ?  54  THR A N   1 
ATOM   416  C CA  . THR A 1 76  ? -4.290  -6.790  3.741   1.00 31.03 ?  54  THR A CA  1 
ATOM   417  C C   . THR A 1 76  ? -5.193  -6.415  4.925   1.00 30.48 ?  54  THR A C   1 
ATOM   418  O O   . THR A 1 76  ? -4.681  -6.389  6.054   1.00 31.77 ?  54  THR A O   1 
ATOM   419  C CB  . THR A 1 76  ? -3.811  -5.593  2.888   1.00 31.89 ?  54  THR A CB  1 
ATOM   420  O OG1 . THR A 1 76  ? -2.899  -6.063  1.885   1.00 30.15 ?  54  THR A OG1 1 
ATOM   421  C CG2 . THR A 1 76  ? -3.171  -4.477  3.694   1.00 28.72 ?  54  THR A CG2 1 
ATOM   422  N N   . TYR A 1 77  ? -6.487  -6.161  4.688   1.00 29.76 ?  55  TYR A N   1 
ATOM   423  C CA  . TYR A 1 77  ? -7.464  -5.811  5.755   1.00 30.07 ?  55  TYR A CA  1 
ATOM   424  C C   . TYR A 1 77  ? -7.487  -6.871  6.859   1.00 28.91 ?  55  TYR A C   1 
ATOM   425  O O   . TYR A 1 77  ? -7.225  -6.524  8.029   1.00 29.22 ?  55  TYR A O   1 
ATOM   426  C CB  . TYR A 1 77  ? -8.864  -5.623  5.164   1.00 32.88 ?  55  TYR A CB  1 
ATOM   427  C CG  . TYR A 1 77  ? -10.020 -5.631  6.138   1.00 35.30 ?  55  TYR A CG  1 
ATOM   428  C CD1 . TYR A 1 77  ? -10.106 -4.724  7.191   1.00 36.59 ?  55  TYR A CD1 1 
ATOM   429  C CD2 . TYR A 1 77  ? -11.073 -6.514  5.957   1.00 37.26 ?  55  TYR A CD2 1 
ATOM   430  C CE1 . TYR A 1 77  ? -11.185 -4.726  8.062   1.00 37.34 ?  55  TYR A CE1 1 
ATOM   431  C CE2 . TYR A 1 77  ? -12.159 -6.531  6.818   1.00 39.60 ?  55  TYR A CE2 1 
ATOM   432  C CZ  . TYR A 1 77  ? -12.211 -5.639  7.873   1.00 39.30 ?  55  TYR A CZ  1 
ATOM   433  O OH  . TYR A 1 77  ? -13.286 -5.688  8.702   1.00 39.42 ?  55  TYR A OH  1 
ATOM   434  N N   . GLU A 1 78  ? -7.747  -8.131  6.494   1.00 29.12 ?  56  GLU A N   1 
ATOM   435  C CA  . GLU A 1 78  ? -7.952  -9.250  7.451   1.00 30.01 ?  56  GLU A CA  1 
ATOM   436  C C   . GLU A 1 78  ? -6.686  -9.314  8.296   1.00 28.70 ?  56  GLU A C   1 
ATOM   437  O O   . GLU A 1 78  ? -6.776  -9.647  9.484   1.00 28.83 ?  56  GLU A O   1 
ATOM   438  C CB  . GLU A 1 78  ? -8.220  -10.571 6.728   1.00 34.18 ?  56  GLU A CB  1 
ATOM   439  C CG  . GLU A 1 78  ? -9.480  -10.572 5.869   1.00 36.56 ?  56  GLU A CG  1 
ATOM   440  C CD  . GLU A 1 78  ? -10.424 -11.757 6.042   1.00 39.94 ?  56  GLU A CD  1 
ATOM   441  O OE1 . GLU A 1 78  ? -9.979  -12.811 6.548   1.00 43.63 ?  56  GLU A OE1 1 
ATOM   442  O OE2 . GLU A 1 78  ? -11.617 -11.629 5.672   1.00 42.78 ?  56  GLU A OE2 1 
ATOM   443  N N   . TRP A 1 79  ? -5.560  -8.932  7.701   1.00 29.84 ?  57  TRP A N   1 
ATOM   444  C CA  . TRP A 1 79  ? -4.227  -8.942  8.353   1.00 30.31 ?  57  TRP A CA  1 
ATOM   445  C C   . TRP A 1 79  ? -4.133  -7.834  9.385   1.00 28.35 ?  57  TRP A C   1 
ATOM   446  O O   . TRP A 1 79  ? -3.427  -8.035  10.368  1.00 30.43 ?  57  TRP A O   1 
ATOM   447  C CB  . TRP A 1 79  ? -3.086  -8.805  7.339   1.00 31.36 ?  57  TRP A CB  1 
ATOM   448  C CG  . TRP A 1 79  ? -1.734  -8.997  7.957   1.00 31.62 ?  57  TRP A CG  1 
ATOM   449  C CD1 . TRP A 1 79  ? -1.023  -10.154 7.975   1.00 32.47 ?  57  TRP A CD1 1 
ATOM   450  C CD2 . TRP A 1 79  ? -0.927  -8.016  8.643   1.00 33.29 ?  57  TRP A CD2 1 
ATOM   451  N NE1 . TRP A 1 79  ? 0.166   -9.965  8.622   1.00 35.75 ?  57  TRP A NE1 1 
ATOM   452  C CE2 . TRP A 1 79  ? 0.263   -8.662  9.035   1.00 35.34 ?  57  TRP A CE2 1 
ATOM   453  C CE3 . TRP A 1 79  ? -1.082  -6.662  8.971   1.00 34.21 ?  57  TRP A CE3 1 
ATOM   454  C CZ2 . TRP A 1 79  ? 1.285   -8.004  9.729   1.00 35.84 ?  57  TRP A CZ2 1 
ATOM   455  C CZ3 . TRP A 1 79  ? -0.075  -6.010  9.654   1.00 33.99 ?  57  TRP A CZ3 1 
ATOM   456  C CH2 . TRP A 1 79  ? 1.094   -6.674  10.027  1.00 34.35 ?  57  TRP A CH2 1 
ATOM   457  N N   . ILE A 1 80  ? -4.747  -6.686  9.141   1.00 29.53 ?  58  ILE A N   1 
ATOM   458  C CA  . ILE A 1 80  ? -4.701  -5.574  10.136  1.00 31.29 ?  58  ILE A CA  1 
ATOM   459  C C   . ILE A 1 80  ? -5.692  -5.897  11.262  1.00 32.75 ?  58  ILE A C   1 
ATOM   460  O O   . ILE A 1 80  ? -5.301  -5.733  12.449  1.00 30.70 ?  58  ILE A O   1 
ATOM   461  C CB  . ILE A 1 80  ? -4.930  -4.198  9.494   1.00 29.50 ?  58  ILE A CB  1 
ATOM   462  C CG1 . ILE A 1 80  ? -4.037  -3.991  8.265   1.00 30.80 ?  58  ILE A CG1 1 
ATOM   463  C CG2 . ILE A 1 80  ? -4.697  -3.117  10.524  1.00 28.74 ?  58  ILE A CG2 1 
ATOM   464  C CD1 . ILE A 1 80  ? -4.542  -2.960  7.276   1.00 30.39 ?  58  ILE A CD1 1 
ATOM   465  N N   . MET A 1 81  ? -6.879  -6.414  10.917  1.00 34.95 ?  59  MET A N   1 
ATOM   466  C CA  . MET A 1 81  ? -7.918  -6.806  11.910  1.00 37.61 ?  59  MET A CA  1 
ATOM   467  C C   . MET A 1 81  ? -7.415  -7.976  12.786  1.00 40.60 ?  59  MET A C   1 
ATOM   468  O O   . MET A 1 81  ? -7.341  -7.771  14.021  1.00 43.68 ?  59  MET A O   1 
ATOM   469  C CB  . MET A 1 81  ? -9.235  -7.151  11.215  1.00 36.85 ?  59  MET A CB  1 
ATOM   470  C CG  . MET A 1 81  ? -9.875  -5.956  10.528  1.00 37.42 ?  59  MET A CG  1 
ATOM   471  S SD  . MET A 1 81  ? -10.714 -4.800  11.667  1.00 36.10 ?  59  MET A SD  1 
ATOM   472  C CE  . MET A 1 81  ? -9.324  -3.907  12.375  1.00 33.84 ?  59  MET A CE  1 
ATOM   473  N N   . SER A 1 82  ? -7.004  -9.115  12.210  1.00 37.72 ?  60  SER A N   1 
ATOM   474  C CA  . SER A 1 82  ? -6.415  -10.247 12.977  1.00 38.44 ?  60  SER A CA  1 
ATOM   475  C C   . SER A 1 82  ? -5.209  -9.790  13.825  1.00 43.94 ?  60  SER A C   1 
ATOM   476  O O   . SER A 1 82  ? -5.106  -10.272 14.969  1.00 50.48 ?  60  SER A O   1 
ATOM   477  C CB  . SER A 1 82  ? -6.051  -11.390 12.084  1.00 35.74 ?  60  SER A CB  1 
ATOM   478  O OG  . SER A 1 82  ? -4.889  -11.092 11.346  1.00 35.60 ?  60  SER A OG  1 
ATOM   479  N N   . ASN A 1 83  ? -4.343  -8.893  13.321  1.00 46.26 ?  61  ASN A N   1 
ATOM   480  C CA  . ASN A 1 83  ? -3.025  -8.570  13.942  1.00 47.39 ?  61  ASN A CA  1 
ATOM   481  C C   . ASN A 1 83  ? -3.104  -7.314  14.823  1.00 48.62 ?  61  ASN A C   1 
ATOM   482  O O   . ASN A 1 83  ? -2.206  -7.167  15.685  1.00 49.46 ?  61  ASN A O   1 
ATOM   483  C CB  . ASN A 1 83  ? -1.907  -8.415  12.905  1.00 49.85 ?  61  ASN A CB  1 
ATOM   484  C CG  . ASN A 1 83  ? -0.558  -8.912  13.402  1.00 51.53 ?  61  ASN A CG  1 
ATOM   485  O OD1 . ASN A 1 83  ? -0.463  -10.014 13.951  1.00 50.47 ?  61  ASN A OD1 1 
ATOM   486  N ND2 . ASN A 1 83  ? 0.496   -8.131  13.195  1.00 46.98 ?  61  ASN A ND2 1 
ATOM   487  N N   . ALA A 1 84  ? -4.108  -6.481  14.590  1.00 50.35 ?  62  ALA A N   1 
ATOM   488  C CA  . ALA A 1 84  ? -4.366  -5.274  15.352  1.00 48.22 ?  62  ALA A CA  1 
ATOM   489  C C   . ALA A 1 84  ? -5.850  -5.060  15.399  1.00 46.70 ?  62  ALA A C   1 
ATOM   490  O O   . ALA A 1 84  ? -6.345  -4.166  14.784  1.00 47.52 ?  62  ALA A O   1 
ATOM   491  C CB  . ALA A 1 84  ? -3.712  -4.099  14.692  1.00 46.47 ?  62  ALA A CB  1 
ATOM   492  N N   . PRO A 1 85  ? -6.560  -5.853  16.183  1.00 48.95 ?  63  PRO A N   1 
ATOM   493  C CA  . PRO A 1 85  ? -8.013  -5.839  16.289  1.00 53.44 ?  63  PRO A CA  1 
ATOM   494  C C   . PRO A 1 85  ? -8.624  -4.610  16.904  1.00 55.86 ?  63  PRO A C   1 
ATOM   495  O O   . PRO A 1 85  ? -9.598  -4.095  16.409  1.00 54.77 ?  63  PRO A O   1 
ATOM   496  C CB  . PRO A 1 85  ? -8.309  -7.026  17.200  1.00 49.44 ?  63  PRO A CB  1 
ATOM   497  C CG  . PRO A 1 85  ? -7.022  -7.711  17.403  1.00 50.59 ?  63  PRO A CG  1 
ATOM   498  C CD  . PRO A 1 85  ? -5.979  -6.680  17.228  1.00 50.97 ?  63  PRO A CD  1 
ATOM   499  N N   . ASP A 1 86  ? -8.074  -4.183  18.036  1.00 56.27 ?  64  ASP A N   1 
ATOM   500  C CA  . ASP A 1 86  ? -8.600  -3.026  18.748  1.00 56.51 ?  64  ASP A CA  1 
ATOM   501  C C   . ASP A 1 86  ? -7.824  -1.750  18.462  1.00 58.13 ?  64  ASP A C   1 
ATOM   502  O O   . ASP A 1 86  ? -7.703  -0.884  19.328  1.00 61.06 ?  64  ASP A O   1 
ATOM   503  C CB  . ASP A 1 86  ? -8.624  -3.295  20.256  1.00 55.45 ?  64  ASP A CB  1 
ATOM   504  C CG  . ASP A 1 86  ? -9.029  -4.718  20.587  1.00 54.19 ?  64  ASP A CG  1 
ATOM   505  O OD1 . ASP A 1 86  ? -9.979  -5.228  19.957  1.00 53.16 ?  64  ASP A OD1 1 
ATOM   506  O OD2 . ASP A 1 86  ? -8.399  -5.324  21.478  1.00 50.33 ?  64  ASP A OD2 1 
ATOM   507  N N   . ASP A 1 87  ? -7.293  -1.628  17.252  1.00 53.02 ?  65  ASP A N   1 
ATOM   508  C CA  . ASP A 1 87  ? -6.529  -0.438  16.899  1.00 51.05 ?  65  ASP A CA  1 
ATOM   509  C C   . ASP A 1 87  ? -6.517  -0.404  15.378  1.00 48.34 ?  65  ASP A C   1 
ATOM   510  O O   . ASP A 1 87  ? -5.715  -1.087  14.741  1.00 50.52 ?  65  ASP A O   1 
ATOM   511  C CB  . ASP A 1 87  ? -5.132  -0.496  17.524  1.00 52.93 ?  65  ASP A CB  1 
ATOM   512  C CG  . ASP A 1 87  ? -5.014  0.363   18.768  1.00 53.68 ?  65  ASP A CG  1 
ATOM   513  O OD1 . ASP A 1 87  ? -5.396  -0.112  19.858  1.00 53.77 ?  65  ASP A OD1 1 
ATOM   514  O OD2 . ASP A 1 87  ? -4.538  1.512   18.655  1.00 56.40 ?  65  ASP A OD2 1 
ATOM   515  N N   . TRP A 1 88  ? -7.460  0.301   14.787  1.00 45.38 ?  66  TRP A N   1 
ATOM   516  C CA  . TRP A 1 88  ? -7.467  0.498   13.353  1.00 43.89 ?  66  TRP A CA  1 
ATOM   517  C C   . TRP A 1 88  ? -6.395  1.547   13.144  1.00 42.82 ?  66  TRP A C   1 
ATOM   518  O O   . TRP A 1 88  ? -6.218  2.448   13.959  1.00 47.30 ?  66  TRP A O   1 
ATOM   519  C CB  . TRP A 1 88  ? -8.831  0.971   12.872  1.00 41.97 ?  66  TRP A CB  1 
ATOM   520  C CG  . TRP A 1 88  ? -9.020  1.116   11.398  1.00 40.90 ?  66  TRP A CG  1 
ATOM   521  C CD1 . TRP A 1 88  ? -9.449  2.198   10.773  1.00 42.65 ?  66  TRP A CD1 1 
ATOM   522  C CD2 . TRP A 1 88  ? -8.834  0.134   10.394  1.00 40.57 ?  66  TRP A CD2 1 
ATOM   523  N NE1 . TRP A 1 88  ? -9.533  1.993   9.447   1.00 41.83 ?  66  TRP A NE1 1 
ATOM   524  C CE2 . TRP A 1 88  ? -9.142  0.724   9.183   1.00 41.33 ?  66  TRP A CE2 1 
ATOM   525  C CE3 . TRP A 1 88  ? -8.393  -1.175  10.394  1.00 40.71 ?  66  TRP A CE3 1 
ATOM   526  C CZ2 . TRP A 1 88  ? -9.041  0.060   7.998   1.00 41.68 ?  66  TRP A CZ2 1 
ATOM   527  C CZ3 . TRP A 1 88  ? -8.300  -1.822  9.227   1.00 41.34 ?  66  TRP A CZ3 1 
ATOM   528  C CH2 . TRP A 1 88  ? -8.631  -1.218  8.046   1.00 41.88 ?  66  TRP A CH2 1 
ATOM   529  N N   . PRO A 1 89  ? -5.685  1.469   12.036  1.00 37.97 ?  67  PRO A N   1 
ATOM   530  C CA  . PRO A 1 89  ? -4.587  2.405   11.889  1.00 35.73 ?  67  PRO A CA  1 
ATOM   531  C C   . PRO A 1 89  ? -4.891  3.624   11.080  1.00 32.81 ?  67  PRO A C   1 
ATOM   532  O O   . PRO A 1 89  ? -4.110  4.519   11.055  1.00 29.89 ?  67  PRO A O   1 
ATOM   533  C CB  . PRO A 1 89  ? -3.546  1.565   11.171  1.00 36.41 ?  67  PRO A CB  1 
ATOM   534  C CG  . PRO A 1 89  ? -4.131  0.199   11.036  1.00 36.63 ?  67  PRO A CG  1 
ATOM   535  C CD  . PRO A 1 89  ? -5.579  0.392   11.065  1.00 36.84 ?  67  PRO A CD  1 
ATOM   536  N N   . TYR A 1 90  ? -6.075  3.666   10.526  1.00 31.68 ?  68  TYR A N   1 
ATOM   537  C CA  . TYR A 1 90  ? -6.553  4.725   9.602   1.00 31.45 ?  68  TYR A CA  1 
ATOM   538  C C   . TYR A 1 90  ? -7.946  5.060   10.134  1.00 31.27 ?  68  TYR A C   1 
ATOM   539  O O   . TYR A 1 90  ? -8.938  4.593   9.543   1.00 30.53 ?  68  TYR A O   1 
ATOM   540  C CB  . TYR A 1 90  ? -6.641  4.176   8.178   1.00 32.89 ?  68  TYR A CB  1 
ATOM   541  C CG  . TYR A 1 90  ? -5.551  3.201   7.834   1.00 34.12 ?  68  TYR A CG  1 
ATOM   542  C CD1 . TYR A 1 90  ? -4.226  3.522   8.081   1.00 35.27 ?  68  TYR A CD1 1 
ATOM   543  C CD2 . TYR A 1 90  ? -5.828  1.965   7.269   1.00 36.69 ?  68  TYR A CD2 1 
ATOM   544  C CE1 . TYR A 1 90  ? -3.200  2.639   7.789   1.00 34.77 ?  68  TYR A CE1 1 
ATOM   545  C CE2 . TYR A 1 90  ? -4.810  1.070   6.964   1.00 35.94 ?  68  TYR A CE2 1 
ATOM   546  C CZ  . TYR A 1 90  ? -3.493  1.414   7.224   1.00 33.30 ?  68  TYR A CZ  1 
ATOM   547  O OH  . TYR A 1 90  ? -2.455  0.594   6.940   1.00 30.34 ?  68  TYR A OH  1 
ATOM   548  N N   . GLN A 1 91  ? -8.015  5.863   11.196  1.00 33.42 ?  69  GLN A N   1 
ATOM   549  C CA  . GLN A 1 91  ? -9.293  6.287   11.830  1.00 35.85 ?  69  GLN A CA  1 
ATOM   550  C C   . GLN A 1 91  ? -9.504  7.744   11.393  1.00 34.71 ?  69  GLN A C   1 
ATOM   551  O O   . GLN A 1 91  ? -10.673 8.144   11.293  1.00 29.34 ?  69  GLN A O   1 
ATOM   552  C CB  . GLN A 1 91  ? -9.275  6.121   13.345  1.00 37.55 ?  69  GLN A CB  1 
ATOM   553  C CG  . GLN A 1 91  ? -9.431  4.662   13.743  1.00 41.44 ?  69  GLN A CG  1 
ATOM   554  C CD  . GLN A 1 91  ? -9.446  4.394   15.228  1.00 40.65 ?  69  GLN A CD  1 
ATOM   555  O OE1 . GLN A 1 91  ? -8.959  3.358   15.682  1.00 40.87 ?  69  GLN A OE1 1 
ATOM   556  N NE2 . GLN A 1 91  ? -10.021 5.310   15.989  1.00 38.05 ?  69  GLN A NE2 1 
ATOM   557  N N   . ASP A 1 92  ? -8.416  8.485   11.135  1.00 37.08 ?  70  ASP A N   1 
ATOM   558  C CA  . ASP A 1 92  ? -8.458  9.870   10.599  1.00 40.15 ?  70  ASP A CA  1 
ATOM   559  C C   . ASP A 1 92  ? -9.329  9.865   9.339   1.00 38.92 ?  70  ASP A C   1 
ATOM   560  O O   . ASP A 1 92  ? -10.266 10.706  9.270   1.00 36.19 ?  70  ASP A O   1 
ATOM   561  C CB  . ASP A 1 92  ? -7.072  10.430  10.258  1.00 44.55 ?  70  ASP A CB  1 
ATOM   562  C CG  . ASP A 1 92  ? -6.190  10.756  11.458  1.00 52.58 ?  70  ASP A CG  1 
ATOM   563  O OD1 . ASP A 1 92  ? -6.730  10.824  12.596  1.00 58.03 ?  70  ASP A OD1 1 
ATOM   564  O OD2 . ASP A 1 92  ? -4.956  10.901  11.262  1.00 50.38 ?  70  ASP A OD2 1 
ATOM   565  N N   . VAL A 1 93  ? -9.068  8.904   8.433   1.00 36.41 ?  71  VAL A N   1 
ATOM   566  C CA  . VAL A 1 93  ? -9.444  8.949   6.982   1.00 31.93 ?  71  VAL A CA  1 
ATOM   567  C C   . VAL A 1 93  ? -10.461 7.871   6.622   1.00 26.17 ?  71  VAL A C   1 
ATOM   568  O O   . VAL A 1 93  ? -10.537 6.831   7.260   1.00 22.75 ?  71  VAL A O   1 
ATOM   569  C CB  . VAL A 1 93  ? -8.193  8.811   6.097   1.00 35.12 ?  71  VAL A CB  1 
ATOM   570  C CG1 . VAL A 1 93  ? -7.228  9.981   6.275   1.00 37.71 ?  71  VAL A CG1 1 
ATOM   571  C CG2 . VAL A 1 93  ? -7.470  7.494   6.337   1.00 37.03 ?  71  VAL A CG2 1 
ATOM   572  N N   . PRO A 1 94  ? -11.262 8.079   5.556   1.00 24.45 ?  72  PRO A N   1 
ATOM   573  C CA  . PRO A 1 94  ? -12.101 7.028   4.997   1.00 25.09 ?  72  PRO A CA  1 
ATOM   574  C C   . PRO A 1 94  ? -11.254 5.913   4.376   1.00 24.36 ?  72  PRO A C   1 
ATOM   575  O O   . PRO A 1 94  ? -10.262 6.236   3.733   1.00 22.31 ?  72  PRO A O   1 
ATOM   576  C CB  . PRO A 1 94  ? -12.959 7.697   3.912   1.00 23.99 ?  72  PRO A CB  1 
ATOM   577  C CG  . PRO A 1 94  ? -12.197 8.941   3.588   1.00 24.43 ?  72  PRO A CG  1 
ATOM   578  C CD  . PRO A 1 94  ? -11.476 9.350   4.864   1.00 24.67 ?  72  PRO A CD  1 
ATOM   579  N N   . ALA A 1 95  ? -11.706 4.667   4.597   1.00 24.02 ?  73  ALA A N   1 
ATOM   580  C CA  . ALA A 1 95  ? -11.065 3.393   4.200   1.00 24.34 ?  73  ALA A CA  1 
ATOM   581  C C   . ALA A 1 95  ? -11.934 2.689   3.162   1.00 23.68 ?  73  ALA A C   1 
ATOM   582  O O   . ALA A 1 95  ? -13.147 2.545   3.414   1.00 23.36 ?  73  ALA A O   1 
ATOM   583  C CB  . ALA A 1 95  ? -10.872 2.519   5.411   1.00 24.70 ?  73  ALA A CB  1 
ATOM   584  N N   . PHE A 1 96  ? -11.323 2.243   2.065   1.00 23.53 ?  74  PHE A N   1 
ATOM   585  C CA  . PHE A 1 96  ? -11.954 1.354   1.059   1.00 25.26 ?  74  PHE A CA  1 
ATOM   586  C C   . PHE A 1 96  ? -11.299 -0.028  1.143   1.00 25.53 ?  74  PHE A C   1 
ATOM   587  O O   . PHE A 1 96  ? -10.070 -0.095  1.041   1.00 26.30 ?  74  PHE A O   1 
ATOM   588  C CB  . PHE A 1 96  ? -11.886 2.027   -0.310  1.00 26.00 ?  74  PHE A CB  1 
ATOM   589  C CG  . PHE A 1 96  ? -12.675 3.309   -0.352  1.00 26.77 ?  74  PHE A CG  1 
ATOM   590  C CD1 . PHE A 1 96  ? -14.058 3.280   -0.353  1.00 27.25 ?  74  PHE A CD1 1 
ATOM   591  C CD2 . PHE A 1 96  ? -12.042 4.539   -0.309  1.00 27.28 ?  74  PHE A CD2 1 
ATOM   592  C CE1 . PHE A 1 96  ? -14.796 4.457   -0.364  1.00 29.06 ?  74  PHE A CE1 1 
ATOM   593  C CE2 . PHE A 1 96  ? -12.782 5.713   -0.319  1.00 29.16 ?  74  PHE A CE2 1 
ATOM   594  C CZ  . PHE A 1 96  ? -14.158 5.676   -0.362  1.00 27.98 ?  74  PHE A CZ  1 
ATOM   595  N N   . VAL A 1 97  ? -12.086 -1.079  1.413   1.00 27.16 ?  75  VAL A N   1 
ATOM   596  C CA  . VAL A 1 97  ? -11.606 -2.498  1.418   1.00 29.05 ?  75  VAL A CA  1 
ATOM   597  C C   . VAL A 1 97  ? -12.245 -3.174  0.226   1.00 30.22 ?  75  VAL A C   1 
ATOM   598  O O   . VAL A 1 97  ? -13.483 -3.185  0.195   1.00 30.25 ?  75  VAL A O   1 
ATOM   599  C CB  . VAL A 1 97  ? -11.911 -3.304  2.694   1.00 27.57 ?  75  VAL A CB  1 
ATOM   600  C CG1 . VAL A 1 97  ? -11.361 -4.717  2.598   1.00 26.69 ?  75  VAL A CG1 1 
ATOM   601  C CG2 . VAL A 1 97  ? -11.360 -2.627  3.930   1.00 28.68 ?  75  VAL A CG2 1 
ATOM   602  N N   . MET A 1 98  ? -11.408 -3.645  -0.705  1.00 32.64 ?  76  MET A N   1 
ATOM   603  C CA  . MET A 1 98  ? -11.824 -4.367  -1.930  1.00 33.86 ?  76  MET A CA  1 
ATOM   604  C C   . MET A 1 98  ? -11.984 -5.854  -1.589  1.00 32.83 ?  76  MET A C   1 
ATOM   605  O O   . MET A 1 98  ? -11.146 -6.427  -0.842  1.00 30.57 ?  76  MET A O   1 
ATOM   606  C CB  . MET A 1 98  ? -10.821 -4.178  -3.073  1.00 35.48 ?  76  MET A CB  1 
ATOM   607  C CG  . MET A 1 98  ? -10.785 -2.755  -3.605  1.00 37.15 ?  76  MET A CG  1 
ATOM   608  S SD  . MET A 1 98  ? -9.529  -2.497  -4.910  1.00 35.11 ?  76  MET A SD  1 
ATOM   609  C CE  . MET A 1 98  ? -10.349 -3.398  -6.220  1.00 34.23 ?  76  MET A CE  1 
ATOM   610  N N   . SER A 1 99  ? -13.062 -6.436  -2.106  1.00 31.96 ?  77  SER A N   1 
ATOM   611  C CA  . SER A 1 99  ? -13.464 -7.848  -1.911  1.00 31.00 ?  77  SER A CA  1 
ATOM   612  C C   . SER A 1 99  ? -14.631 -8.127  -2.847  1.00 30.89 ?  77  SER A C   1 
ATOM   613  O O   . SER A 1 99  ? -15.211 -7.166  -3.366  1.00 32.44 ?  77  SER A O   1 
ATOM   614  C CB  . SER A 1 99  ? -13.743 -8.137  -0.478  1.00 29.92 ?  77  SER A CB  1 
ATOM   615  O OG  . SER A 1 99  ? -14.477 -9.338  -0.367  1.00 28.34 ?  77  SER A OG  1 
ATOM   616  N N   . ASN A 1 100 ? -14.920 -9.369  -3.078  1.00 33.24 ?  78  ASN A N   1 
ATOM   617  C CA  . ASN A 1 100 ? -16.067 -9.729  -3.839  1.00 34.86 ?  78  ASN A CA  1 
ATOM   618  C C   . ASN A 1 100 ? -16.897 -10.569 -2.889  1.00 36.15 ?  78  ASN A C   1 
ATOM   619  O O   . ASN A 1 100 ? -17.812 -11.195 -3.311  1.00 37.89 ?  78  ASN A O   1 
ATOM   620  C CB  . ASN A 1 100 ? -15.740 -10.535 -5.079  1.00 36.64 ?  78  ASN A CB  1 
ATOM   621  C CG  . ASN A 1 100 ? -15.827 -9.730  -6.347  1.00 36.03 ?  78  ASN A CG  1 
ATOM   622  O OD1 . ASN A 1 100 ? -16.371 -8.665  -6.370  1.00 38.04 ?  78  ASN A OD1 1 
ATOM   623  N ND2 . ASN A 1 100 ? -15.262 -10.241 -7.396  1.00 35.30 ?  78  ASN A ND2 1 
ATOM   624  N N   . ARG A 1 101 ? -16.531 -10.553 -1.620  1.00 41.19 ?  79  ARG A N   1 
ATOM   625  C CA  . ARG A 1 101 ? -17.218 -11.281 -0.574  1.00 43.97 ?  79  ARG A CA  1 
ATOM   626  C C   . ARG A 1 101 ? -18.213 -10.371 0.147   1.00 43.80 ?  79  ARG A C   1 
ATOM   627  O O   . ARG A 1 101 ? -18.410 -9.246  -0.243  1.00 35.97 ?  79  ARG A O   1 
ATOM   628  C CB  . ARG A 1 101 ? -16.251 -11.937 0.409   1.00 46.39 ?  79  ARG A CB  1 
ATOM   629  C CG  . ARG A 1 101 ? -15.341 -13.005 -0.168  1.00 51.35 ?  79  ARG A CG  1 
ATOM   630  C CD  . ARG A 1 101 ? -16.068 -14.254 -0.640  1.00 57.46 ?  79  ARG A CD  1 
ATOM   631  N NE  . ARG A 1 101 ? -15.694 -15.469 0.094   1.00 62.91 ?  79  ARG A NE  1 
ATOM   632  C CZ  . ARG A 1 101 ? -15.710 -16.726 -0.371  1.00 59.92 ?  79  ARG A CZ  1 
ATOM   633  N NH1 . ARG A 1 101 ? -15.346 -17.718 0.422   1.00 58.86 ?  79  ARG A NH1 1 
ATOM   634  N NH2 . ARG A 1 101 ? -16.060 -17.008 -1.606  1.00 55.70 ?  79  ARG A NH2 1 
ATOM   635  N N   . ASP A 1 102 ? -18.780 -10.853 1.246   1.00 46.80 ?  80  ASP A N   1 
ATOM   636  C CA  . ASP A 1 102 ? -19.885 -10.139 1.934   1.00 47.45 ?  80  ASP A CA  1 
ATOM   637  C C   . ASP A 1 102 ? -19.425 -9.563  3.270   1.00 45.11 ?  80  ASP A C   1 
ATOM   638  O O   . ASP A 1 102 ? -20.232 -9.519  4.227   1.00 41.59 ?  80  ASP A O   1 
ATOM   639  C CB  . ASP A 1 102 ? -21.098 -11.053 2.097   1.00 50.13 ?  80  ASP A CB  1 
ATOM   640  C CG  . ASP A 1 102 ? -22.409 -10.296 2.069   1.00 49.39 ?  80  ASP A CG  1 
ATOM   641  O OD1 . ASP A 1 102 ? -22.405 -9.139  1.583   1.00 45.53 ?  80  ASP A OD1 1 
ATOM   642  O OD2 . ASP A 1 102 ? -23.415 -10.875 2.519   1.00 49.58 ?  80  ASP A OD2 1 
ATOM   643  N N   . LEU A 1 103 ? -18.165 -9.145  3.319   1.00 44.81 ?  81  LEU A N   1 
ATOM   644  C CA  . LEU A 1 103 ? -17.510 -8.713  4.572   1.00 45.02 ?  81  LEU A CA  1 
ATOM   645  C C   . LEU A 1 103 ? -18.256 -7.548  5.221   1.00 42.58 ?  81  LEU A C   1 
ATOM   646  O O   . LEU A 1 103 ? -18.910 -6.768  4.507   1.00 39.96 ?  81  LEU A O   1 
ATOM   647  C CB  . LEU A 1 103 ? -16.062 -8.350  4.247   1.00 48.33 ?  81  LEU A CB  1 
ATOM   648  C CG  . LEU A 1 103 ? -15.222 -9.506  3.708   1.00 53.96 ?  81  LEU A CG  1 
ATOM   649  C CD1 . LEU A 1 103 ? -13.845 -9.034  3.274   1.00 52.34 ?  81  LEU A CD1 1 
ATOM   650  C CD2 . LEU A 1 103 ? -15.118 -10.627 4.739   1.00 57.40 ?  81  LEU A CD2 1 
ATOM   651  N N   . SER A 1 104 ? -18.203 -7.493  6.542   1.00 41.43 ?  82  SER A N   1 
ATOM   652  C CA  . SER A 1 104 ? -18.550 -6.303  7.340   1.00 43.97 ?  82  SER A CA  1 
ATOM   653  C C   . SER A 1 104 ? -17.328 -5.971  8.191   1.00 43.22 ?  82  SER A C   1 
ATOM   654  O O   . SER A 1 104 ? -16.415 -6.832  8.289   1.00 40.21 ?  82  SER A O   1 
ATOM   655  C CB  . SER A 1 104 ? -19.802 -6.517  8.169   1.00 47.38 ?  82  SER A CB  1 
ATOM   656  O OG  . SER A 1 104 ? -20.186 -5.325  8.848   1.00 47.54 ?  82  SER A OG  1 
ATOM   657  N N   . ALA A 1 105 ? -17.319 -4.748  8.721   1.00 42.30 ?  83  ALA A N   1 
ATOM   658  C CA  . ALA A 1 105 ? -16.338 -4.212  9.683   1.00 40.51 ?  83  ALA A CA  1 
ATOM   659  C C   . ALA A 1 105 ? -17.059 -3.835  10.967  1.00 37.69 ?  83  ALA A C   1 
ATOM   660  O O   . ALA A 1 105 ? -18.273 -3.685  10.988  1.00 35.94 ?  83  ALA A O   1 
ATOM   661  C CB  . ALA A 1 105 ? -15.660 -3.012  9.081   1.00 39.98 ?  83  ALA A CB  1 
ATOM   662  N N   . PRO A 1 106 ? -16.328 -3.658  12.078  1.00 38.55 ?  84  PRO A N   1 
ATOM   663  C CA  . PRO A 1 106 ? -16.876 -2.965  13.239  1.00 42.25 ?  84  PRO A CA  1 
ATOM   664  C C   . PRO A 1 106 ? -17.683 -1.700  12.904  1.00 41.92 ?  84  PRO A C   1 
ATOM   665  O O   . PRO A 1 106 ? -17.205 -0.868  12.152  1.00 43.02 ?  84  PRO A O   1 
ATOM   666  C CB  . PRO A 1 106 ? -15.596 -2.602  14.007  1.00 42.82 ?  84  PRO A CB  1 
ATOM   667  C CG  . PRO A 1 106 ? -14.677 -3.773  13.731  1.00 41.49 ?  84  PRO A CG  1 
ATOM   668  C CD  . PRO A 1 106 ? -14.959 -4.137  12.289  1.00 39.92 ?  84  PRO A CD  1 
ATOM   669  N N   . ALA A 1 107 ? -18.900 -1.608  13.447  1.00 43.85 ?  85  ALA A N   1 
ATOM   670  C CA  . ALA A 1 107 ? -19.948 -0.648  13.024  1.00 43.79 ?  85  ALA A CA  1 
ATOM   671  C C   . ALA A 1 107 ? -19.595 0.786   13.411  1.00 42.62 ?  85  ALA A C   1 
ATOM   672  O O   . ALA A 1 107 ? -20.321 1.709   13.004  1.00 42.03 ?  85  ALA A O   1 
ATOM   673  C CB  . ALA A 1 107 ? -21.269 -1.085  13.616  1.00 43.65 ?  85  ALA A CB  1 
ATOM   674  N N   . ASN A 1 108 ? -18.511 0.950   14.167  1.00 40.72 ?  86  ASN A N   1 
ATOM   675  C CA  . ASN A 1 108 ? -17.926 2.267   14.506  1.00 41.80 ?  86  ASN A CA  1 
ATOM   676  C C   . ASN A 1 108 ? -16.986 2.730   13.379  1.00 42.76 ?  86  ASN A C   1 
ATOM   677  O O   . ASN A 1 108 ? -17.001 3.946   13.091  1.00 40.37 ?  86  ASN A O   1 
ATOM   678  C CB  . ASN A 1 108 ? -17.194 2.184   15.843  1.00 42.72 ?  86  ASN A CB  1 
ATOM   679  C CG  . ASN A 1 108 ? -15.959 1.306   15.782  1.00 41.94 ?  86  ASN A CG  1 
ATOM   680  O OD1 . ASN A 1 108 ? -16.002 0.198   15.256  1.00 36.21 ?  86  ASN A OD1 1 
ATOM   681  N ND2 . ASN A 1 108 ? -14.852 1.797   16.311  1.00 44.66 ?  86  ASN A ND2 1 
ATOM   682  N N   . LEU A 1 109 ? -16.215 1.804   12.773  1.00 42.30 ?  87  LEU A N   1 
ATOM   683  C CA  . LEU A 1 109 ? -15.083 2.077   11.828  1.00 41.55 ?  87  LEU A CA  1 
ATOM   684  C C   . LEU A 1 109 ? -15.586 2.559   10.448  1.00 37.30 ?  87  LEU A C   1 
ATOM   685  O O   . LEU A 1 109 ? -16.650 2.064   10.009  1.00 37.80 ?  87  LEU A O   1 
ATOM   686  C CB  . LEU A 1 109 ? -14.247 0.800   11.671  1.00 43.33 ?  87  LEU A CB  1 
ATOM   687  C CG  . LEU A 1 109 ? -13.429 0.359   12.892  1.00 46.78 ?  87  LEU A CG  1 
ATOM   688  C CD1 . LEU A 1 109 ? -12.681 -0.930  12.605  1.00 48.09 ?  87  LEU A CD1 1 
ATOM   689  C CD2 . LEU A 1 109 ? -12.438 1.427   13.344  1.00 47.91 ?  87  LEU A CD2 1 
ATOM   690  N N   . ASP A 1 110 ? -14.823 3.451   9.788   1.00 31.03 ?  88  ASP A N   1 
ATOM   691  C CA  . ASP A 1 110 ? -15.154 4.130   8.497   1.00 29.22 ?  88  ASP A CA  1 
ATOM   692  C C   . ASP A 1 110 ? -14.556 3.333   7.329   1.00 27.97 ?  88  ASP A C   1 
ATOM   693  O O   . ASP A 1 110 ? -13.359 3.510   6.996   1.00 30.91 ?  88  ASP A O   1 
ATOM   694  C CB  . ASP A 1 110 ? -14.649 5.583   8.482   1.00 28.15 ?  88  ASP A CB  1 
ATOM   695  C CG  . ASP A 1 110 ? -14.966 6.330   7.197   1.00 25.92 ?  88  ASP A CG  1 
ATOM   696  O OD1 . ASP A 1 110 ? -15.291 5.668   6.218   1.00 24.55 ?  88  ASP A OD1 1 
ATOM   697  O OD2 . ASP A 1 110 ? -14.895 7.564   7.193   1.00 26.15 ?  88  ASP A OD2 1 
ATOM   698  N N   . ILE A 1 111 ? -15.342 2.423   6.808   1.00 25.16 ?  89  ILE A N   1 
ATOM   699  C CA  . ILE A 1 111 ? -14.920 1.482   5.839   1.00 25.33 ?  89  ILE A CA  1 
ATOM   700  C C   . ILE A 1 111 ? -16.055 1.194   4.899   1.00 27.18 ?  89  ILE A C   1 
ATOM   701  O O   . ILE A 1 111 ? -17.161 1.065   5.306   1.00 27.21 ?  89  ILE A O   1 
ATOM   702  C CB  . ILE A 1 111 ? -14.515 0.193   6.573   1.00 24.22 ?  89  ILE A CB  1 
ATOM   703  C CG1 . ILE A 1 111 ? -13.226 0.383   7.299   1.00 25.25 ?  89  ILE A CG1 1 
ATOM   704  C CG2 . ILE A 1 111 ? -14.334 -0.974  5.657   1.00 24.04 ?  89  ILE A CG2 1 
ATOM   705  C CD1 . ILE A 1 111 ? -13.166 -0.333  8.598   1.00 26.07 ?  89  ILE A CD1 1 
ATOM   706  N N   . THR A 1 112 ? -15.742 1.098   3.616   1.00 27.64 ?  90  THR A N   1 
ATOM   707  C CA  . THR A 1 112 ? -16.677 0.861   2.556   1.00 26.86 ?  90  THR A CA  1 
ATOM   708  C C   . THR A 1 112 ? -16.193 -0.201  1.613   1.00 28.99 ?  90  THR A C   1 
ATOM   709  O O   . THR A 1 112 ? -15.226 -0.024  0.963   1.00 29.98 ?  90  THR A O   1 
ATOM   710  C CB  . THR A 1 112 ? -16.725 2.089   1.708   1.00 25.59 ?  90  THR A CB  1 
ATOM   711  O OG1 . THR A 1 112 ? -16.811 3.233   2.542   1.00 24.02 ?  90  THR A OG1 1 
ATOM   712  C CG2 . THR A 1 112 ? -17.877 2.056   0.821   1.00 26.92 ?  90  THR A CG2 1 
ATOM   713  N N   . PHE A 1 113 ? -16.907 -1.293  1.495   1.00 30.86 ?  91  PHE A N   1 
ATOM   714  C CA  . PHE A 1 113 ? -16.509 -2.384  0.626   1.00 31.10 ?  91  PHE A CA  1 
ATOM   715  C C   . PHE A 1 113 ? -16.958 -2.245  -0.823  1.00 31.37 ?  91  PHE A C   1 
ATOM   716  O O   . PHE A 1 113 ? -18.111 -2.181  -1.086  1.00 31.61 ?  91  PHE A O   1 
ATOM   717  C CB  . PHE A 1 113 ? -17.001 -3.705  1.220   1.00 29.44 ?  91  PHE A CB  1 
ATOM   718  C CG  . PHE A 1 113 ? -16.483 -3.990  2.596   1.00 29.47 ?  91  PHE A CG  1 
ATOM   719  C CD1 . PHE A 1 113 ? -17.044 -3.423  3.678   1.00 30.76 ?  91  PHE A CD1 1 
ATOM   720  C CD2 . PHE A 1 113 ? -15.454 -4.851  2.795   1.00 30.01 ?  91  PHE A CD2 1 
ATOM   721  C CE1 . PHE A 1 113 ? -16.577 -3.683  4.931   1.00 30.13 ?  91  PHE A CE1 1 
ATOM   722  C CE2 . PHE A 1 113 ? -14.988 -5.120  4.048   1.00 29.52 ?  91  PHE A CE2 1 
ATOM   723  C CZ  . PHE A 1 113 ? -15.551 -4.537  5.111   1.00 28.50 ?  91  PHE A CZ  1 
ATOM   724  N N   . LEU A 1 114 ? -16.032 -2.229  -1.769  1.00 30.10 ?  92  LEU A N   1 
ATOM   725  C CA  . LEU A 1 114 ? -16.387 -2.076  -3.203  1.00 30.37 ?  92  LEU A CA  1 
ATOM   726  C C   . LEU A 1 114 ? -15.890 -3.305  -3.955  1.00 31.82 ?  92  LEU A C   1 
ATOM   727  O O   . LEU A 1 114 ? -15.265 -4.158  -3.323  1.00 29.14 ?  92  LEU A O   1 
ATOM   728  C CB  . LEU A 1 114 ? -15.764 -0.799  -3.770  1.00 30.15 ?  92  LEU A CB  1 
ATOM   729  C CG  . LEU A 1 114 ? -15.995 0.460   -2.947  1.00 30.58 ?  92  LEU A CG  1 
ATOM   730  C CD1 . LEU A 1 114 ? -14.946 1.510   -3.283  1.00 30.27 ?  92  LEU A CD1 1 
ATOM   731  C CD2 . LEU A 1 114 ? -17.406 0.997   -3.154  1.00 31.48 ?  92  LEU A CD2 1 
ATOM   732  N N   . ARG A 1 115 ? -16.141 -3.365  -5.264  1.00 35.68 ?  93  ARG A N   1 
ATOM   733  C CA  . ARG A 1 115 ? -15.682 -4.479  -6.129  1.00 37.42 ?  93  ARG A CA  1 
ATOM   734  C C   . ARG A 1 115 ? -15.720 -4.077  -7.605  1.00 39.97 ?  93  ARG A C   1 
ATOM   735  O O   . ARG A 1 115 ? -16.014 -2.893  -7.907  1.00 39.68 ?  93  ARG A O   1 
ATOM   736  C CB  . ARG A 1 115 ? -16.555 -5.710  -5.893  1.00 37.90 ?  93  ARG A CB  1 
ATOM   737  C CG  . ARG A 1 115 ? -18.029 -5.481  -6.180  1.00 38.28 ?  93  ARG A CG  1 
ATOM   738  C CD  . ARG A 1 115 ? -18.863 -6.557  -5.499  1.00 42.06 ?  93  ARG A CD  1 
ATOM   739  N NE  . ARG A 1 115 ? -18.845 -6.494  -4.033  1.00 41.00 ?  93  ARG A NE  1 
ATOM   740  C CZ  . ARG A 1 115 ? -19.366 -7.408  -3.217  1.00 38.53 ?  93  ARG A CZ  1 
ATOM   741  N NH1 . ARG A 1 115 ? -19.964 -8.478  -3.714  1.00 37.11 ?  93  ARG A NH1 1 
ATOM   742  N NH2 . ARG A 1 115 ? -19.284 -7.250  -1.904  1.00 39.72 ?  93  ARG A NH2 1 
ATOM   743  N N   . GLY A 1 116 ? -15.369 -5.007  -8.470  1.00 41.68 ?  94  GLY A N   1 
ATOM   744  C CA  . GLY A 1 116 ? -15.346 -4.770  -9.883  1.00 40.23 ?  94  GLY A CA  1 
ATOM   745  C C   . GLY A 1 116 ? -14.248 -3.867  -10.369 1.00 38.52 ?  94  GLY A C   1 
ATOM   746  O O   . GLY A 1 116 ? -13.165 -3.800  -9.848  1.00 33.43 ?  94  GLY A O   1 
ATOM   747  N N   . ASP A 1 117 ? -14.555 -3.150  -11.420 1.00 38.24 ?  95  ASP A N   1 
ATOM   748  C CA  . ASP A 1 117 ? -13.610 -2.258  -12.027 1.00 36.73 ?  95  ASP A CA  1 
ATOM   749  C C   . ASP A 1 117 ? -12.991 -1.247  -11.057 1.00 36.15 ?  95  ASP A C   1 
ATOM   750  O O   . ASP A 1 117 ? -13.562 -0.909  -10.056 1.00 35.17 ?  95  ASP A O   1 
ATOM   751  C CB  . ASP A 1 117 ? -14.184 -1.733  -13.350 1.00 35.89 ?  95  ASP A CB  1 
ATOM   752  C CG  . ASP A 1 117 ? -14.414 -0.282  -13.382 1.00 34.87 ?  95  ASP A CG  1 
ATOM   753  O OD1 . ASP A 1 117 ? -13.502 0.443   -13.712 1.00 35.92 ?  95  ASP A OD1 1 
ATOM   754  O OD2 . ASP A 1 117 ? -15.532 0.145   -13.190 1.00 37.53 ?  95  ASP A OD2 1 
ATOM   755  N N   . ALA A 1 118 ? -11.780 -0.829  -11.374 1.00 34.03 ?  96  ALA A N   1 
ATOM   756  C CA  . ALA A 1 118 ? -10.983 0.043   -10.560 1.00 33.26 ?  96  ALA A CA  1 
ATOM   757  C C   . ALA A 1 118 ? -10.998 1.512   -10.875 1.00 32.41 ?  96  ALA A C   1 
ATOM   758  O O   . ALA A 1 118 ? -10.565 2.305   -10.105 1.00 29.69 ?  96  ALA A O   1 
ATOM   759  C CB  . ALA A 1 118 ? -9.572  -0.494  -10.544 1.00 34.45 ?  96  ALA A CB  1 
ATOM   760  N N   . SER A 1 119 ? -11.418 1.865   -12.055 1.00 34.75 ?  97  SER A N   1 
ATOM   761  C CA  . SER A 1 119 ? -11.593 3.290   -12.424 1.00 35.68 ?  97  SER A CA  1 
ATOM   762  C C   . SER A 1 119 ? -12.668 3.873   -11.509 1.00 34.30 ?  97  SER A C   1 
ATOM   763  O O   . SER A 1 119 ? -12.429 4.935   -10.934 1.00 33.35 ?  97  SER A O   1 
ATOM   764  C CB  . SER A 1 119 ? -11.944 3.430   -13.880 1.00 36.91 ?  97  SER A CB  1 
ATOM   765  O OG  . SER A 1 119 ? -10.861 3.002   -14.685 1.00 38.81 ?  97  SER A OG  1 
ATOM   766  N N   . ALA A 1 120 ? -13.778 3.146   -11.365 1.00 35.07 ?  98  ALA A N   1 
ATOM   767  C CA  . ALA A 1 120 ? -14.978 3.512   -10.581 1.00 37.51 ?  98  ALA A CA  1 
ATOM   768  C C   . ALA A 1 120 ? -14.590 3.640   -9.112  1.00 37.77 ?  98  ALA A C   1 
ATOM   769  O O   . ALA A 1 120 ? -14.927 4.688   -8.497  1.00 43.47 ?  98  ALA A O   1 
ATOM   770  C CB  . ALA A 1 120 ? -16.058 2.473   -10.771 1.00 38.86 ?  98  ALA A CB  1 
ATOM   771  N N   . ILE A 1 121 ? -13.884 2.625   -8.598  1.00 33.99 ?  99  ILE A N   1 
ATOM   772  C CA  . ILE A 1 121 ? -13.304 2.598   -7.220  1.00 32.55 ?  99  ILE A CA  1 
ATOM   773  C C   . ILE A 1 121 ? -12.356 3.800   -7.049  1.00 32.78 ?  99  ILE A C   1 
ATOM   774  O O   . ILE A 1 121 ? -12.517 4.607   -6.098  1.00 31.39 ?  99  ILE A O   1 
ATOM   775  C CB  . ILE A 1 121 ? -12.610 1.244   -6.969  1.00 31.28 ?  99  ILE A CB  1 
ATOM   776  C CG1 . ILE A 1 121 ? -13.586 0.076   -7.134  1.00 32.53 ?  99  ILE A CG1 1 
ATOM   777  C CG2 . ILE A 1 121 ? -11.939 1.219   -5.610  1.00 31.80 ?  99  ILE A CG2 1 
ATOM   778  C CD1 . ILE A 1 121 ? -12.991 -1.283  -6.874  1.00 32.61 ?  99  ILE A CD1 1 
ATOM   779  N N   . ALA A 1 122 ? -11.394 3.934   -7.947  1.00 33.09 ?  100 ALA A N   1 
ATOM   780  C CA  . ALA A 1 122 ? -10.447 5.065   -7.944  1.00 37.16 ?  100 ALA A CA  1 
ATOM   781  C C   . ALA A 1 122 ? -11.217 6.386   -7.747  1.00 38.38 ?  100 ALA A C   1 
ATOM   782  O O   . ALA A 1 122 ? -10.915 7.106   -6.764  1.00 37.55 ?  100 ALA A O   1 
ATOM   783  C CB  . ALA A 1 122 ? -9.639  5.048   -9.221  1.00 38.82 ?  100 ALA A CB  1 
ATOM   784  N N   . VAL A 1 123 ? -12.187 6.695   -8.617  1.00 37.03 ?  101 VAL A N   1 
ATOM   785  C CA  . VAL A 1 123 ? -12.832 8.045   -8.659  1.00 38.54 ?  101 VAL A CA  1 
ATOM   786  C C   . VAL A 1 123 ? -13.541 8.301   -7.323  1.00 37.53 ?  101 VAL A C   1 
ATOM   787  O O   . VAL A 1 123 ? -13.474 9.444   -6.807  1.00 32.59 ?  101 VAL A O   1 
ATOM   788  C CB  . VAL A 1 123 ? -13.838 8.213   -9.814  1.00 37.31 ?  101 VAL A CB  1 
ATOM   789  C CG1 . VAL A 1 123 ? -14.517 9.569   -9.681  1.00 37.66 ?  101 VAL A CG1 1 
ATOM   790  C CG2 . VAL A 1 123 ? -13.211 8.042   -11.193 1.00 36.10 ?  101 VAL A CG2 1 
ATOM   791  N N   . ARG A 1 124 ? -14.234 7.270   -6.839  1.00 37.07 ?  102 ARG A N   1 
ATOM   792  C CA  . ARG A 1 124 ? -14.869 7.225   -5.505  1.00 36.67 ?  102 ARG A CA  1 
ATOM   793  C C   . ARG A 1 124 ? -13.814 7.561   -4.448  1.00 36.52 ?  102 ARG A C   1 
ATOM   794  O O   . ARG A 1 124 ? -14.035 8.497   -3.672  1.00 40.62 ?  102 ARG A O   1 
ATOM   795  C CB  . ARG A 1 124 ? -15.456 5.833   -5.280  1.00 37.11 ?  102 ARG A CB  1 
ATOM   796  C CG  . ARG A 1 124 ? -16.046 5.654   -3.895  1.00 39.04 ?  102 ARG A CG  1 
ATOM   797  C CD  . ARG A 1 124 ? -17.542 5.854   -3.927  1.00 39.25 ?  102 ARG A CD  1 
ATOM   798  N NE  . ARG A 1 124 ? -18.058 5.817   -2.575  1.00 37.29 ?  102 ARG A NE  1 
ATOM   799  C CZ  . ARG A 1 124 ? -19.027 5.017   -2.175  1.00 40.07 ?  102 ARG A CZ  1 
ATOM   800  N NH1 . ARG A 1 124 ? -19.619 4.214   -3.046  1.00 38.46 ?  102 ARG A NH1 1 
ATOM   801  N NH2 . ARG A 1 124 ? -19.408 5.037   -0.903  1.00 41.43 ?  102 ARG A NH2 1 
ATOM   802  N N   . ALA A 1 125 ? -12.694 6.838   -4.462  1.00 36.22 ?  103 ALA A N   1 
ATOM   803  C CA  . ALA A 1 125 ? -11.568 6.991   -3.512  1.00 35.91 ?  103 ALA A CA  1 
ATOM   804  C C   . ALA A 1 125 ? -10.975 8.400   -3.567  1.00 34.89 ?  103 ALA A C   1 
ATOM   805  O O   . ALA A 1 125 ? -10.551 8.873   -2.515  1.00 31.20 ?  103 ALA A O   1 
ATOM   806  C CB  . ALA A 1 125 ? -10.511 5.957   -3.807  1.00 38.00 ?  103 ALA A CB  1 
ATOM   807  N N   . ARG A 1 126 ? -10.812 8.954   -4.765  1.00 38.86 ?  104 ARG A N   1 
ATOM   808  C CA  . ARG A 1 126 ? -10.194 10.263  -4.941  1.00 40.00 ?  104 ARG A CA  1 
ATOM   809  C C   . ARG A 1 126 ? -11.025 11.381  -4.346  1.00 37.60 ?  104 ARG A C   1 
ATOM   810  O O   . ARG A 1 126 ? -10.492 12.334  -3.780  1.00 37.15 ?  104 ARG A O   1 
ATOM   811  C CB  . ARG A 1 126 ? -9.938  10.537  -6.425  1.00 40.25 ?  104 ARG A CB  1 
ATOM   812  C CG  . ARG A 1 126 ? -8.486  10.834  -6.759  1.00 42.34 ?  104 ARG A CG  1 
ATOM   813  C CD  . ARG A 1 126 ? -8.130  10.350  -8.155  1.00 42.63 ?  104 ARG A CD  1 
ATOM   814  N NE  . ARG A 1 126 ? -7.475  9.046   -8.131  1.00 41.73 ?  104 ARG A NE  1 
ATOM   815  C CZ  . ARG A 1 126 ? -7.239  8.308   -9.211  1.00 43.70 ?  104 ARG A CZ  1 
ATOM   816  N NH1 . ARG A 1 126 ? -7.606  8.745   -10.408 1.00 42.30 ?  104 ARG A NH1 1 
ATOM   817  N NH2 . ARG A 1 126 ? -6.636  7.133   -9.095  1.00 44.40 ?  104 ARG A NH2 1 
ATOM   818  N N   . GLN A 1 127 ? -12.337 11.257  -4.479  1.00 34.78 ?  105 GLN A N   1 
ATOM   819  C CA  . GLN A 1 127 ? -13.210 12.242  -3.975  1.00 35.90 ?  105 GLN A CA  1 
ATOM   820  C C   . GLN A 1 127 ? -13.092 12.294  -2.467  1.00 35.00 ?  105 GLN A C   1 
ATOM   821  O O   . GLN A 1 127 ? -12.809 13.312  -1.910  1.00 31.80 ?  105 GLN A O   1 
ATOM   822  C CB  . GLN A 1 127 ? -14.597 11.788  -4.268  1.00 36.89 ?  105 GLN A CB  1 
ATOM   823  C CG  . GLN A 1 127 ? -15.656 12.713  -3.753  1.00 39.22 ?  105 GLN A CG  1 
ATOM   824  C CD  . GLN A 1 127 ? -16.985 12.373  -4.319  1.00 43.15 ?  105 GLN A CD  1 
ATOM   825  O OE1 . GLN A 1 127 ? -17.449 11.271  -4.165  1.00 46.01 ?  105 GLN A OE1 1 
ATOM   826  N NE2 . GLN A 1 127 ? -17.581 13.300  -5.009  1.00 43.51 ?  105 GLN A NE2 1 
ATOM   827  N N   . ALA A 1 128 ? -13.292 11.153  -1.835  1.00 34.03 ?  106 ALA A N   1 
ATOM   828  C CA  . ALA A 1 128 ? -13.252 10.985  -0.412  1.00 32.53 ?  106 ALA A CA  1 
ATOM   829  C C   . ALA A 1 128 ? -11.961 11.464  0.192   1.00 33.10 ?  106 ALA A C   1 
ATOM   830  O O   . ALA A 1 128 ? -11.881 11.741  1.364   1.00 32.16 ?  106 ALA A O   1 
ATOM   831  C CB  . ALA A 1 128 ? -13.547 9.557   -0.082  1.00 32.08 ?  106 ALA A CB  1 
ATOM   832  N N   . ALA A 1 129 ? -10.926 11.484  -0.597  1.00 35.24 ?  107 ALA A N   1 
ATOM   833  C CA  . ALA A 1 129 ? -9.609  12.068  -0.236  1.00 36.34 ?  107 ALA A CA  1 
ATOM   834  C C   . ALA A 1 129 ? -9.678  13.589  -0.097  1.00 36.36 ?  107 ALA A C   1 
ATOM   835  O O   . ALA A 1 129 ? -8.896  14.153  0.677   1.00 33.10 ?  107 ALA A O   1 
ATOM   836  C CB  . ALA A 1 129 ? -8.574  11.670  -1.251  1.00 38.01 ?  107 ALA A CB  1 
ATOM   837  N N   . LYS A 1 130 ? -10.600 14.207  -0.840  1.00 42.19 ?  108 LYS A N   1 
ATOM   838  C CA  . LYS A 1 130 ? -11.020 15.632  -0.713  1.00 42.74 ?  108 LYS A CA  1 
ATOM   839  C C   . LYS A 1 130 ? -9.848  16.467  -1.234  1.00 41.48 ?  108 LYS A C   1 
ATOM   840  O O   . LYS A 1 130 ? -9.542  17.494  -0.585  1.00 42.72 ?  108 LYS A O   1 
ATOM   841  C CB  . LYS A 1 130 ? -11.386 15.984  0.746   1.00 44.16 ?  108 LYS A CB  1 
ATOM   842  C CG  . LYS A 1 130 ? -12.694 15.390  1.276   1.00 43.77 ?  108 LYS A CG  1 
ATOM   843  C CD  . LYS A 1 130 ? -12.719 15.148  2.789   1.00 45.76 ?  108 LYS A CD  1 
ATOM   844  C CE  . LYS A 1 130 ? -13.954 14.415  3.299   1.00 48.06 ?  108 LYS A CE  1 
ATOM   845  N NZ  . LYS A 1 130 ? -14.190 13.121  2.599   1.00 47.35 ?  108 LYS A NZ  1 
ATOM   846  N N   . GLY A 1 131 ? -9.208  16.007  -2.327  1.00 39.28 ?  109 GLY A N   1 
ATOM   847  C CA  . GLY A 1 131 ? -8.036  16.644  -2.965  1.00 36.17 ?  109 GLY A CA  1 
ATOM   848  C C   . GLY A 1 131 ? -6.682  16.318  -2.335  1.00 34.24 ?  109 GLY A C   1 
ATOM   849  O O   . GLY A 1 131 ? -5.650  16.726  -2.907  1.00 36.67 ?  109 GLY A O   1 
ATOM   850  N N   . LYS A 1 132 ? -6.641  15.635  -1.193  1.00 30.16 ?  110 LYS A N   1 
ATOM   851  C CA  . LYS A 1 132 ? -5.410  14.943  -0.725  1.00 29.44 ?  110 LYS A CA  1 
ATOM   852  C C   . LYS A 1 132 ? -5.266  13.649  -1.527  1.00 27.81 ?  110 LYS A C   1 
ATOM   853  O O   . LYS A 1 132 ? -6.156  13.384  -2.335  1.00 27.43 ?  110 LYS A O   1 
ATOM   854  C CB  . LYS A 1 132 ? -5.481  14.641  0.771   1.00 30.36 ?  110 LYS A CB  1 
ATOM   855  C CG  . LYS A 1 132 ? -4.879  15.707  1.657   1.00 29.91 ?  110 LYS A CG  1 
ATOM   856  C CD  . LYS A 1 132 ? -4.982  15.354  3.090   1.00 31.29 ?  110 LYS A CD  1 
ATOM   857  C CE  . LYS A 1 132 ? -4.218  16.314  3.959   1.00 32.56 ?  110 LYS A CE  1 
ATOM   858  N NZ  . LYS A 1 132 ? -4.266  15.856  5.364   1.00 35.58 ?  110 LYS A NZ  1 
ATOM   859  N N   . ASN A 1 133 ? -4.206  12.871  -1.305  1.00 26.99 ?  111 ASN A N   1 
ATOM   860  C CA  . ASN A 1 133 ? -3.917  11.652  -2.112  1.00 27.74 ?  111 ASN A CA  1 
ATOM   861  C C   . ASN A 1 133 ? -4.656  10.409  -1.575  1.00 28.86 ?  111 ASN A C   1 
ATOM   862  O O   . ASN A 1 133 ? -4.920  10.319  -0.345  1.00 28.96 ?  111 ASN A O   1 
ATOM   863  C CB  . ASN A 1 133 ? -2.430  11.325  -2.129  1.00 26.85 ?  111 ASN A CB  1 
ATOM   864  C CG  . ASN A 1 133 ? -1.581  12.392  -2.774  1.00 25.72 ?  111 ASN A CG  1 
ATOM   865  O OD1 . ASN A 1 133 ? -2.016  13.070  -3.713  1.00 23.17 ?  111 ASN A OD1 1 
ATOM   866  N ND2 . ASN A 1 133 ? -0.352  12.492  -2.285  1.00 25.24 ?  111 ASN A ND2 1 
ATOM   867  N N   . VAL A 1 134 ? -4.927  9.453   -2.466  1.00 26.81 ?  112 VAL A N   1 
ATOM   868  C CA  . VAL A 1 134 ? -5.451  8.102   -2.126  1.00 26.50 ?  112 VAL A CA  1 
ATOM   869  C C   . VAL A 1 134 ? -4.231  7.197   -1.905  1.00 28.52 ?  112 VAL A C   1 
ATOM   870  O O   . VAL A 1 134 ? -3.388  7.122   -2.821  1.00 35.58 ?  112 VAL A O   1 
ATOM   871  C CB  . VAL A 1 134 ? -6.381  7.576   -3.235  1.00 25.45 ?  112 VAL A CB  1 
ATOM   872  C CG1 . VAL A 1 134 ? -6.967  6.230   -2.864  1.00 26.65 ?  112 VAL A CG1 1 
ATOM   873  C CG2 . VAL A 1 134 ? -7.498  8.551   -3.581  1.00 23.97 ?  112 VAL A CG2 1 
ATOM   874  N N   . TRP A 1 135 ? -4.093  6.596   -0.718  1.00 27.34 ?  113 TRP A N   1 
ATOM   875  C CA  . TRP A 1 135 ? -2.953  5.719   -0.349  1.00 24.78 ?  113 TRP A CA  1 
ATOM   876  C C   . TRP A 1 135 ? -3.384  4.283   -0.555  1.00 23.92 ?  113 TRP A C   1 
ATOM   877  O O   . TRP A 1 135 ? -4.143  3.789   0.291   1.00 25.55 ?  113 TRP A O   1 
ATOM   878  C CB  . TRP A 1 135 ? -2.502  5.944   1.102   1.00 25.73 ?  113 TRP A CB  1 
ATOM   879  C CG  . TRP A 1 135 ? -1.553  4.907   1.648   1.00 25.68 ?  113 TRP A CG  1 
ATOM   880  C CD1 . TRP A 1 135 ? -0.756  4.037   0.951   1.00 25.48 ?  113 TRP A CD1 1 
ATOM   881  C CD2 . TRP A 1 135 ? -1.277  4.651   3.039   1.00 24.68 ?  113 TRP A CD2 1 
ATOM   882  N NE1 . TRP A 1 135 ? -0.016  3.265   1.807   1.00 24.38 ?  113 TRP A NE1 1 
ATOM   883  C CE2 . TRP A 1 135 ? -0.324  3.606   3.090   1.00 24.13 ?  113 TRP A CE2 1 
ATOM   884  C CE3 . TRP A 1 135 ? -1.776  5.178   4.240   1.00 23.80 ?  113 TRP A CE3 1 
ATOM   885  C CZ2 . TRP A 1 135 ? 0.148   3.088   4.293   1.00 24.83 ?  113 TRP A CZ2 1 
ATOM   886  C CZ3 . TRP A 1 135 ? -1.298  4.681   5.427   1.00 24.15 ?  113 TRP A CZ3 1 
ATOM   887  C CH2 . TRP A 1 135 ? -0.338  3.658   5.452   1.00 25.87 ?  113 TRP A CH2 1 
ATOM   888  N N   . LEU A 1 136 ? -2.903  3.653   -1.625  1.00 23.92 ?  114 LEU A N   1 
ATOM   889  C CA  . LEU A 1 136 ? -3.084  2.200   -1.892  1.00 21.76 ?  114 LEU A CA  1 
ATOM   890  C C   . LEU A 1 136 ? -2.151  1.445   -0.947  1.00 21.17 ?  114 LEU A C   1 
ATOM   891  O O   . LEU A 1 136 ? -0.972  1.332   -1.247  1.00 21.35 ?  114 LEU A O   1 
ATOM   892  C CB  . LEU A 1 136 ? -2.791  1.894   -3.361  1.00 20.61 ?  114 LEU A CB  1 
ATOM   893  C CG  . LEU A 1 136 ? -3.127  0.474   -3.801  1.00 20.79 ?  114 LEU A CG  1 
ATOM   894  C CD1 . LEU A 1 136 ? -3.581  0.459   -5.234  1.00 21.61 ?  114 LEU A CD1 1 
ATOM   895  C CD2 . LEU A 1 136 ? -1.949  -0.467  -3.631  1.00 21.15 ?  114 LEU A CD2 1 
ATOM   896  N N   . VAL A 1 137 ? -2.685  0.987   0.178   1.00 21.44 ?  115 VAL A N   1 
ATOM   897  C CA  . VAL A 1 137 ? -1.907  0.387   1.299   1.00 22.10 ?  115 VAL A CA  1 
ATOM   898  C C   . VAL A 1 137 ? -1.426  -0.983  0.841   1.00 23.17 ?  115 VAL A C   1 
ATOM   899  O O   . VAL A 1 137 ? -0.399  -1.451  1.352   1.00 22.45 ?  115 VAL A O   1 
ATOM   900  C CB  . VAL A 1 137 ? -2.755  0.266   2.574   1.00 21.68 ?  115 VAL A CB  1 
ATOM   901  C CG1 . VAL A 1 137 ? -1.936  -0.269  3.746   1.00 21.66 ?  115 VAL A CG1 1 
ATOM   902  C CG2 . VAL A 1 137 ? -3.425  1.589   2.910   1.00 21.61 ?  115 VAL A CG2 1 
ATOM   903  N N   . GLY A 1 138 ? -2.189  -1.589  -0.068  1.00 23.93 ?  116 GLY A N   1 
ATOM   904  C CA  . GLY A 1 138 ? -1.834  -2.854  -0.726  1.00 24.13 ?  116 GLY A CA  1 
ATOM   905  C C   . GLY A 1 138 ? -3.009  -3.821  -0.663  1.00 23.33 ?  116 GLY A C   1 
ATOM   906  O O   . GLY A 1 138 ? -4.092  -3.437  -0.228  1.00 24.12 ?  116 GLY A O   1 
ATOM   907  N N   . GLY A 1 139 ? -2.749  -5.085  -1.016  1.00 21.68 ?  117 GLY A N   1 
ATOM   908  C CA  . GLY A 1 139 ? -1.393  -5.564  -1.233  1.00 21.07 ?  117 GLY A CA  1 
ATOM   909  C C   . GLY A 1 139 ? -1.017  -5.551  -2.698  1.00 20.17 ?  117 GLY A C   1 
ATOM   910  O O   . GLY A 1 139 ? -1.445  -4.628  -3.431  1.00 20.30 ?  117 GLY A O   1 
ATOM   911  N N   . GLY A 1 140 ? -0.272  -6.570  -3.118  1.00 19.00 ?  118 GLY A N   1 
ATOM   912  C CA  . GLY A 1 140 ? 0.202   -6.699  -4.502  1.00 18.96 ?  118 GLY A CA  1 
ATOM   913  C C   . GLY A 1 140 ? -0.960  -6.891  -5.443  1.00 18.96 ?  118 GLY A C   1 
ATOM   914  O O   . GLY A 1 140 ? -1.075  -6.102  -6.414  1.00 18.83 ?  118 GLY A O   1 
ATOM   915  N N   . LYS A 1 141 ? -1.747  -7.897  -5.177  1.00 18.88 ?  119 LYS A N   1 
ATOM   916  C CA  . LYS A 1 141 ? -2.844  -8.262  -5.998  1.00 18.82 ?  119 LYS A CA  1 
ATOM   917  C C   . LYS A 1 141 ? -3.677  -7.106  -6.315  1.00 17.37 ?  119 LYS A C   1 
ATOM   918  O O   . LYS A 1 141 ? -4.099  -6.936  -7.397  1.00 15.06 ?  119 LYS A O   1 
ATOM   919  C CB  . LYS A 1 141 ? -3.652  -9.287  -5.274  1.00 20.80 ?  119 LYS A CB  1 
ATOM   920  C CG  . LYS A 1 141 ? -3.326  -10.679 -5.681  1.00 22.41 ?  119 LYS A CG  1 
ATOM   921  C CD  . LYS A 1 141 ? -4.023  -11.709 -4.840  1.00 24.24 ?  119 LYS A CD  1 
ATOM   922  C CE  . LYS A 1 141 ? -4.402  -12.827 -5.746  1.00 24.81 ?  119 LYS A CE  1 
ATOM   923  N NZ  . LYS A 1 141 ? -4.374  -14.102 -5.040  1.00 26.27 ?  119 LYS A NZ  1 
ATOM   924  N N   . THR A 1 142 ? -3.904  -6.302  -5.322  1.00 17.57 ?  120 THR A N   1 
ATOM   925  C CA  . THR A 1 142 ? -4.725  -5.109  -5.473  1.00 18.98 ?  120 THR A CA  1 
ATOM   926  C C   . THR A 1 142 ? -4.010  -4.006  -6.248  1.00 20.80 ?  120 THR A C   1 
ATOM   927  O O   . THR A 1 142 ? -4.582  -3.420  -7.167  1.00 20.77 ?  120 THR A O   1 
ATOM   928  C CB  . THR A 1 142 ? -5.165  -4.553  -4.105  1.00 18.95 ?  120 THR A CB  1 
ATOM   929  O OG1 . THR A 1 142 ? -6.211  -5.373  -3.568  1.00 18.29 ?  120 THR A OG1 1 
ATOM   930  C CG2 . THR A 1 142 ? -5.669  -3.125  -4.248  1.00 18.51 ?  120 THR A CG2 1 
ATOM   931  N N   . ALA A 1 143 ? -2.763  -3.723  -5.881  1.00 20.95 ?  121 ALA A N   1 
ATOM   932  C CA  . ALA A 1 143 ? -2.030  -2.692  -6.554  1.00 21.41 ?  121 ALA A CA  1 
ATOM   933  C C   . ALA A 1 143 ? -1.988  -3.059  -8.029  1.00 22.71 ?  121 ALA A C   1 
ATOM   934  O O   . ALA A 1 143 ? -2.249  -2.250  -8.873  1.00 21.51 ?  121 ALA A O   1 
ATOM   935  C CB  . ALA A 1 143 ? -0.658  -2.618  -5.981  1.00 22.16 ?  121 ALA A CB  1 
ATOM   936  N N   . ALA A 1 144 ? -1.579  -4.286  -8.319  1.00 24.85 ?  122 ALA A N   1 
ATOM   937  C CA  . ALA A 1 144 ? -1.624  -4.884  -9.678  1.00 26.80 ?  122 ALA A CA  1 
ATOM   938  C C   . ALA A 1 144 ? -2.934  -4.571  -10.423 1.00 27.93 ?  122 ALA A C   1 
ATOM   939  O O   . ALA A 1 144 ? -2.891  -4.183  -11.615 1.00 30.09 ?  122 ALA A O   1 
ATOM   940  C CB  . ALA A 1 144 ? -1.508  -6.387  -9.603  1.00 26.12 ?  122 ALA A CB  1 
ATOM   941  N N   . CYS A 1 145 ? -4.057  -4.709  -9.723  1.00 27.38 ?  123 CYS A N   1 
ATOM   942  C CA  . CYS A 1 145 ? -5.413  -4.495  -10.267 1.00 28.68 ?  123 CYS A CA  1 
ATOM   943  C C   . CYS A 1 145 ? -5.508  -3.049  -10.764 1.00 28.06 ?  123 CYS A C   1 
ATOM   944  O O   . CYS A 1 145 ? -6.068  -2.859  -11.857 1.00 27.71 ?  123 CYS A O   1 
ATOM   945  C CB  . CYS A 1 145 ? -6.481  -4.744  -9.217  1.00 29.66 ?  123 CYS A CB  1 
ATOM   946  S SG  . CYS A 1 145 ? -8.102  -4.179  -9.773  1.00 33.35 ?  123 CYS A SG  1 
ATOM   947  N N   . PHE A 1 146 ? -4.991  -2.079  -10.002 1.00 27.70 ?  124 PHE A N   1 
ATOM   948  C CA  . PHE A 1 146 ? -5.119  -0.630  -10.327 1.00 28.34 ?  124 PHE A CA  1 
ATOM   949  C C   . PHE A 1 146 ? -4.222  -0.324  -11.528 1.00 27.74 ?  124 PHE A C   1 
ATOM   950  O O   . PHE A 1 146 ? -4.758  0.161   -12.552 1.00 25.71 ?  124 PHE A O   1 
ATOM   951  C CB  . PHE A 1 146 ? -4.848  0.264   -9.108  1.00 29.12 ?  124 PHE A CB  1 
ATOM   952  C CG  . PHE A 1 146 ? -6.054  0.453   -8.219  1.00 30.87 ?  124 PHE A CG  1 
ATOM   953  C CD1 . PHE A 1 146 ? -7.119  1.252   -8.615  1.00 30.74 ?  124 PHE A CD1 1 
ATOM   954  C CD2 . PHE A 1 146 ? -6.157  -0.211  -7.002  1.00 32.31 ?  124 PHE A CD2 1 
ATOM   955  C CE1 . PHE A 1 146 ? -8.233  1.403   -7.799  1.00 31.92 ?  124 PHE A CE1 1 
ATOM   956  C CE2 . PHE A 1 146 ? -7.268  -0.049  -6.189  1.00 31.44 ?  124 PHE A CE2 1 
ATOM   957  C CZ  . PHE A 1 146 ? -8.308  0.753   -6.590  1.00 30.74 ?  124 PHE A CZ  1 
ATOM   958  N N   . ALA A 1 147 ? -2.931  -0.660  -11.407 1.00 27.36 ?  125 ALA A N   1 
ATOM   959  C CA  . ALA A 1 147 ? -1.915  -0.639  -12.485 1.00 26.24 ?  125 ALA A CA  1 
ATOM   960  C C   . ALA A 1 147 ? -2.462  -1.212  -13.790 1.00 26.85 ?  125 ALA A C   1 
ATOM   961  O O   . ALA A 1 147 ? -2.364  -0.524  -14.812 1.00 23.75 ?  125 ALA A O   1 
ATOM   962  C CB  . ALA A 1 147 ? -0.718  -1.457  -12.076 1.00 26.64 ?  125 ALA A CB  1 
ATOM   963  N N   . ASN A 1 148 ? -3.027  -2.424  -13.737 1.00 29.73 ?  126 ASN A N   1 
ATOM   964  C CA  . ASN A 1 148 ? -3.626  -3.127  -14.907 1.00 32.42 ?  126 ASN A CA  1 
ATOM   965  C C   . ASN A 1 148 ? -4.639  -2.191  -15.588 1.00 31.88 ?  126 ASN A C   1 
ATOM   966  O O   . ASN A 1 148 ? -4.774  -2.292  -16.823 1.00 30.55 ?  126 ASN A O   1 
ATOM   967  C CB  . ASN A 1 148 ? -4.304  -4.440  -14.489 1.00 34.59 ?  126 ASN A CB  1 
ATOM   968  C CG  . ASN A 1 148 ? -3.381  -5.634  -14.578 1.00 36.44 ?  126 ASN A CG  1 
ATOM   969  O OD1 . ASN A 1 148 ? -2.662  -5.788  -15.561 1.00 40.08 ?  126 ASN A OD1 1 
ATOM   970  N ND2 . ASN A 1 148 ? -3.397  -6.489  -13.567 1.00 37.32 ?  126 ASN A ND2 1 
ATOM   971  N N   . ALA A 1 149 ? -5.322  -1.327  -14.814 1.00 29.72 ?  127 ALA A N   1 
ATOM   972  C CA  . ALA A 1 149 ? -6.365  -0.383  -15.284 1.00 28.30 ?  127 ALA A CA  1 
ATOM   973  C C   . ALA A 1 149 ? -5.793  1.011   -15.600 1.00 26.14 ?  127 ALA A C   1 
ATOM   974  O O   . ALA A 1 149 ? -6.603  1.896   -15.892 1.00 23.08 ?  127 ALA A O   1 
ATOM   975  C CB  . ALA A 1 149 ? -7.461  -0.307  -14.248 1.00 29.75 ?  127 ALA A CB  1 
ATOM   976  N N   . GLY A 1 150 ? -4.466  1.196   -15.528 1.00 27.14 ?  128 GLY A N   1 
ATOM   977  C CA  . GLY A 1 150 ? -3.742  2.467   -15.771 1.00 27.35 ?  128 GLY A CA  1 
ATOM   978  C C   . GLY A 1 150 ? -4.071  3.544   -14.744 1.00 28.15 ?  128 GLY A C   1 
ATOM   979  O O   . GLY A 1 150 ? -3.794  4.739   -15.019 1.00 29.94 ?  128 GLY A O   1 
ATOM   980  N N   . GLU A 1 151 ? -4.654  3.148   -13.608 1.00 27.75 ?  129 GLU A N   1 
ATOM   981  C CA  . GLU A 1 151 ? -5.265  4.049   -12.590 1.00 25.90 ?  129 GLU A CA  1 
ATOM   982  C C   . GLU A 1 151 ? -4.250  4.352   -11.491 1.00 25.16 ?  129 GLU A C   1 
ATOM   983  O O   . GLU A 1 151 ? -4.463  5.372   -10.808 1.00 25.14 ?  129 GLU A O   1 
ATOM   984  C CB  . GLU A 1 151 ? -6.523  3.444   -11.966 1.00 25.33 ?  129 GLU A CB  1 
ATOM   985  C CG  . GLU A 1 151 ? -7.784  3.699   -12.775 1.00 25.85 ?  129 GLU A CG  1 
ATOM   986  C CD  . GLU A 1 151 ? -8.014  5.165   -13.094 1.00 26.09 ?  129 GLU A CD  1 
ATOM   987  O OE1 . GLU A 1 151 ? -7.844  6.010   -12.179 1.00 25.55 ?  129 GLU A OE1 1 
ATOM   988  O OE2 . GLU A 1 151 ? -8.305  5.468   -14.267 1.00 26.50 ?  129 GLU A OE2 1 
ATOM   989  N N   . LEU A 1 152 ? -3.211  3.509   -11.341 1.00 24.95 ?  130 LEU A N   1 
ATOM   990  C CA  . LEU A 1 152 ? -2.106  3.701   -10.360 1.00 23.61 ?  130 LEU A CA  1 
ATOM   991  C C   . LEU A 1 152 ? -1.108  4.707   -10.937 1.00 23.23 ?  130 LEU A C   1 
ATOM   992  O O   . LEU A 1 152 ? -0.749  4.575   -12.105 1.00 22.25 ?  130 LEU A O   1 
ATOM   993  C CB  . LEU A 1 152 ? -1.457  2.353   -10.058 1.00 23.33 ?  130 LEU A CB  1 
ATOM   994  C CG  . LEU A 1 152 ? -0.139  2.403   -9.284  1.00 24.01 ?  130 LEU A CG  1 
ATOM   995  C CD1 . LEU A 1 152 ? -0.340  2.733   -7.798  1.00 25.10 ?  130 LEU A CD1 1 
ATOM   996  C CD2 . LEU A 1 152 ? 0.576   1.079   -9.426  1.00 22.83 ?  130 LEU A CD2 1 
ATOM   997  N N   . GLN A 1 153 ? -0.706  5.689   -10.133 1.00 24.91 ?  131 GLN A N   1 
ATOM   998  C CA  . GLN A 1 153 ? -0.026  6.926   -10.600 1.00 26.01 ?  131 GLN A CA  1 
ATOM   999  C C   . GLN A 1 153 ? 1.445   6.951   -10.160 1.00 24.65 ?  131 GLN A C   1 
ATOM   1000 O O   . GLN A 1 153 ? 2.300   7.166   -11.035 1.00 25.74 ?  131 GLN A O   1 
ATOM   1001 C CB  . GLN A 1 153 ? -0.801  8.157   -10.120 1.00 28.41 ?  131 GLN A CB  1 
ATOM   1002 C CG  . GLN A 1 153 ? -2.001  8.489   -11.005 1.00 30.41 ?  131 GLN A CG  1 
ATOM   1003 C CD  . GLN A 1 153 ? -3.137  9.122   -10.232 1.00 34.96 ?  131 GLN A CD  1 
ATOM   1004 O OE1 . GLN A 1 153 ? -3.999  8.428   -9.691  1.00 36.41 ?  131 GLN A OE1 1 
ATOM   1005 N NE2 . GLN A 1 153 ? -3.137  10.446  -10.138 1.00 37.59 ?  131 GLN A NE2 1 
ATOM   1006 N N   . GLN A 1 154 ? 1.745   6.744   -8.875  1.00 23.31 ?  132 GLN A N   1 
ATOM   1007 C CA  . GLN A 1 154 ? 3.135   6.794   -8.338  1.00 22.55 ?  132 GLN A CA  1 
ATOM   1008 C C   . GLN A 1 154 ? 3.335   5.623   -7.360  1.00 21.48 ?  132 GLN A C   1 
ATOM   1009 O O   . GLN A 1 154 ? 2.322   5.029   -6.956  1.00 20.01 ?  132 GLN A O   1 
ATOM   1010 C CB  . GLN A 1 154 ? 3.348   8.204   -7.770  1.00 24.00 ?  132 GLN A CB  1 
ATOM   1011 C CG  . GLN A 1 154 ? 4.503   8.357   -6.783  1.00 24.40 ?  132 GLN A CG  1 
ATOM   1012 C CD  . GLN A 1 154 ? 4.295   9.526   -5.854  1.00 24.39 ?  132 GLN A CD  1 
ATOM   1013 O OE1 . GLN A 1 154 ? 3.912   9.354   -4.696  1.00 25.99 ?  132 GLN A OE1 1 
ATOM   1014 N NE2 . GLN A 1 154 ? 4.509   10.731  -6.362  1.00 23.44 ?  132 GLN A NE2 1 
ATOM   1015 N N   . LEU A 1 155 ? 4.596   5.257   -7.062  1.00 22.35 ?  133 LEU A N   1 
ATOM   1016 C CA  . LEU A 1 155 ? 4.992   4.196   -6.075  1.00 21.47 ?  133 LEU A CA  1 
ATOM   1017 C C   . LEU A 1 155 ? 6.003   4.729   -5.066  1.00 19.83 ?  133 LEU A C   1 
ATOM   1018 O O   . LEU A 1 155 ? 6.924   5.383   -5.482  1.00 20.87 ?  133 LEU A O   1 
ATOM   1019 C CB  . LEU A 1 155 ? 5.637   3.004   -6.788  1.00 21.52 ?  133 LEU A CB  1 
ATOM   1020 C CG  . LEU A 1 155 ? 4.654   1.970   -7.329  1.00 21.88 ?  133 LEU A CG  1 
ATOM   1021 C CD1 . LEU A 1 155 ? 3.820   2.578   -8.441  1.00 22.24 ?  133 LEU A CD1 1 
ATOM   1022 C CD2 . LEU A 1 155 ? 5.378   0.725   -7.811  1.00 22.25 ?  133 LEU A CD2 1 
ATOM   1023 N N   . PHE A 1 156 ? 5.901   4.322   -3.809  1.00 19.75 ?  134 PHE A N   1 
ATOM   1024 C CA  . PHE A 1 156 ? 6.880   4.662   -2.746  1.00 20.01 ?  134 PHE A CA  1 
ATOM   1025 C C   . PHE A 1 156 ? 7.314   3.380   -2.027  1.00 19.98 ?  134 PHE A C   1 
ATOM   1026 O O   . PHE A 1 156 ? 6.596   2.909   -1.122  1.00 19.94 ?  134 PHE A O   1 
ATOM   1027 C CB  . PHE A 1 156 ? 6.211   5.685   -1.836  1.00 20.76 ?  134 PHE A CB  1 
ATOM   1028 C CG  . PHE A 1 156 ? 7.083   6.419   -0.857  1.00 20.04 ?  134 PHE A CG  1 
ATOM   1029 C CD1 . PHE A 1 156 ? 8.186   5.824   -0.275  1.00 19.74 ?  134 PHE A CD1 1 
ATOM   1030 C CD2 . PHE A 1 156 ? 6.718   7.695   -0.458  1.00 20.58 ?  134 PHE A CD2 1 
ATOM   1031 C CE1 . PHE A 1 156 ? 8.949   6.529   0.636   1.00 20.68 ?  134 PHE A CE1 1 
ATOM   1032 C CE2 . PHE A 1 156 ? 7.473   8.397   0.460   1.00 20.01 ?  134 PHE A CE2 1 
ATOM   1033 C CZ  . PHE A 1 156 ? 8.587   7.807   1.007   1.00 21.09 ?  134 PHE A CZ  1 
ATOM   1034 N N   . ILE A 1 157 ? 8.465   2.829   -2.425  1.00 20.78 ?  135 ILE A N   1 
ATOM   1035 C CA  . ILE A 1 157 ? 8.986   1.509   -1.956  1.00 20.98 ?  135 ILE A CA  1 
ATOM   1036 C C   . ILE A 1 157 ? 10.138  1.766   -0.983  1.00 21.82 ?  135 ILE A C   1 
ATOM   1037 O O   . ILE A 1 157 ? 11.187  2.244   -1.432  1.00 21.54 ?  135 ILE A O   1 
ATOM   1038 C CB  . ILE A 1 157 ? 9.457   0.623   -3.132  1.00 20.93 ?  135 ILE A CB  1 
ATOM   1039 C CG1 . ILE A 1 157 ? 8.305   0.201   -4.044  1.00 21.06 ?  135 ILE A CG1 1 
ATOM   1040 C CG2 . ILE A 1 157 ? 10.228  -0.586  -2.626  1.00 21.35 ?  135 ILE A CG2 1 
ATOM   1041 C CD1 . ILE A 1 157 ? 8.731   -0.441  -5.342  1.00 20.87 ?  135 ILE A CD1 1 
ATOM   1042 N N   . THR A 1 158 ? 10.022  1.293   0.238   1.00 23.02 ?  136 THR A N   1 
ATOM   1043 C CA  . THR A 1 158 ? 11.112  1.280   1.181   1.00 23.77 ?  136 THR A CA  1 
ATOM   1044 C C   . THR A 1 158 ? 11.632  -0.145  0.994   1.00 25.02 ?  136 THR A C   1 
ATOM   1045 O O   . THR A 1 158 ? 10.892  -1.064  1.111   1.00 23.98 ?  136 THR A O   1 
ATOM   1046 C CB  . THR A 1 158 ? 10.644  1.458   2.614   1.00 21.65 ?  136 THR A CB  1 
ATOM   1047 O OG1 . THR A 1 158 ? 9.767   2.563   2.671   1.00 21.64 ?  136 THR A OG1 1 
ATOM   1048 C CG2 . THR A 1 158 ? 11.787  1.667   3.521   1.00 20.08 ?  136 THR A CG2 1 
ATOM   1049 N N   . THR A 1 159 ? 12.912  -0.310  0.690   1.00 25.04 ?  137 THR A N   1 
ATOM   1050 C CA  . THR A 1 159 ? 13.486  -1.621  0.437   1.00 25.26 ?  137 THR A CA  1 
ATOM   1051 C C   . THR A 1 159 ? 14.393  -2.125  1.562   1.00 25.08 ?  137 THR A C   1 
ATOM   1052 O O   . THR A 1 159 ? 15.245  -1.443  1.995   1.00 23.95 ?  137 THR A O   1 
ATOM   1053 C CB  . THR A 1 159 ? 14.228  -1.653  -0.891  1.00 24.45 ?  137 THR A CB  1 
ATOM   1054 O OG1 . THR A 1 159 ? 13.339  -1.369  -1.962  1.00 23.33 ?  137 THR A OG1 1 
ATOM   1055 C CG2 . THR A 1 159 ? 14.776  -2.953  -1.103  1.00 24.73 ?  137 THR A CG2 1 
ATOM   1056 N N   . ILE A 1 160 ? 14.223  -3.366  1.975   1.00 26.57 ?  138 ILE A N   1 
ATOM   1057 C CA  . ILE A 1 160 ? 14.973  -3.910  3.141   1.00 28.11 ?  138 ILE A CA  1 
ATOM   1058 C C   . ILE A 1 160 ? 16.100  -4.774  2.589   1.00 28.45 ?  138 ILE A C   1 
ATOM   1059 O O   . ILE A 1 160 ? 15.866  -5.517  1.644   1.00 28.36 ?  138 ILE A O   1 
ATOM   1060 C CB  . ILE A 1 160 ? 14.005  -4.680  4.061   1.00 29.72 ?  138 ILE A CB  1 
ATOM   1061 C CG1 . ILE A 1 160 ? 12.670  -3.953  4.251   1.00 28.87 ?  138 ILE A CG1 1 
ATOM   1062 C CG2 . ILE A 1 160 ? 14.652  -4.973  5.403   1.00 30.74 ?  138 ILE A CG2 1 
ATOM   1063 C CD1 . ILE A 1 160 ? 12.792  -2.605  4.928   1.00 28.01 ?  138 ILE A CD1 1 
ATOM   1064 N N   . PRO A 1 161 ? 17.338  -4.697  3.146   1.00 29.82 ?  139 PRO A N   1 
ATOM   1065 C CA  . PRO A 1 161 ? 18.506  -5.410  2.606   1.00 30.48 ?  139 PRO A CA  1 
ATOM   1066 C C   . PRO A 1 161 ? 18.472  -6.926  2.893   1.00 29.99 ?  139 PRO A C   1 
ATOM   1067 O O   . PRO A 1 161 ? 19.226  -7.420  3.783   1.00 24.98 ?  139 PRO A O   1 
ATOM   1068 C CB  . PRO A 1 161 ? 19.677  -4.755  3.365   1.00 31.35 ?  139 PRO A CB  1 
ATOM   1069 C CG  . PRO A 1 161 ? 19.079  -4.466  4.726   1.00 30.14 ?  139 PRO A CG  1 
ATOM   1070 C CD  . PRO A 1 161 ? 17.681  -3.978  4.388   1.00 30.66 ?  139 PRO A CD  1 
ATOM   1071 N N   . THR A 1 162 ? 17.603  -7.632  2.157   1.00 28.72 ?  140 THR A N   1 
ATOM   1072 C CA  . THR A 1 162 ? 17.306  -9.065  2.369   1.00 28.47 ?  140 THR A CA  1 
ATOM   1073 C C   . THR A 1 162 ? 16.505  -9.610  1.201   1.00 26.27 ?  140 THR A C   1 
ATOM   1074 O O   . THR A 1 162 ? 15.731  -8.865  0.622   1.00 24.65 ?  140 THR A O   1 
ATOM   1075 C CB  . THR A 1 162 ? 16.521  -9.299  3.662   1.00 30.31 ?  140 THR A CB  1 
ATOM   1076 O OG1 . THR A 1 162 ? 16.231  -10.698 3.738   1.00 34.49 ?  140 THR A OG1 1 
ATOM   1077 C CG2 . THR A 1 162 ? 15.234  -8.507  3.722   1.00 31.89 ?  140 THR A CG2 1 
ATOM   1078 N N   . PHE A 1 163 ? 16.702  -10.893 0.924   1.00 27.49 ?  141 PHE A N   1 
ATOM   1079 C CA  . PHE A 1 163 ? 15.909  -11.717 -0.020  1.00 28.09 ?  141 PHE A CA  1 
ATOM   1080 C C   . PHE A 1 163 ? 15.242  -12.817 0.784   1.00 27.25 ?  141 PHE A C   1 
ATOM   1081 O O   . PHE A 1 163 ? 15.953  -13.399 1.619   1.00 27.94 ?  141 PHE A O   1 
ATOM   1082 C CB  . PHE A 1 163 ? 16.806  -12.372 -1.066  1.00 27.37 ?  141 PHE A CB  1 
ATOM   1083 C CG  . PHE A 1 163 ? 17.736  -11.406 -1.736  1.00 28.26 ?  141 PHE A CG  1 
ATOM   1084 C CD1 . PHE A 1 163 ? 18.898  -10.981 -1.102  1.00 28.45 ?  141 PHE A CD1 1 
ATOM   1085 C CD2 . PHE A 1 163 ? 17.439  -10.912 -2.995  1.00 28.22 ?  141 PHE A CD2 1 
ATOM   1086 C CE1 . PHE A 1 163 ? 19.753  -10.083 -1.720  1.00 28.13 ?  141 PHE A CE1 1 
ATOM   1087 C CE2 . PHE A 1 163 ? 18.302  -10.022 -3.616  1.00 28.77 ?  141 PHE A CE2 1 
ATOM   1088 C CZ  . PHE A 1 163 ? 19.452  -9.606  -2.979  1.00 28.35 ?  141 PHE A CZ  1 
ATOM   1089 N N   . ILE A 1 164 ? 13.959  -13.013 0.590   1.00 25.33 ?  142 ILE A N   1 
ATOM   1090 C CA  . ILE A 1 164 ? 13.229  -14.043 1.267   1.00 26.17 ?  142 ILE A CA  1 
ATOM   1091 C C   . ILE A 1 164 ? 12.957  -15.211 0.333   1.00 25.46 ?  142 ILE A C   1 
ATOM   1092 O O   . ILE A 1 164 ? 12.547  -16.246 0.748   1.00 22.30 ?  142 ILE A O   1 
ATOM   1093 C CB  . ILE A 1 164 ? 11.973  -13.484 1.910   1.00 26.64 ?  142 ILE A CB  1 
ATOM   1094 C CG1 . ILE A 1 164 ? 11.042  -12.934 0.849   1.00 27.55 ?  142 ILE A CG1 1 
ATOM   1095 C CG2 . ILE A 1 164 ? 12.370  -12.422 2.905   1.00 26.06 ?  142 ILE A CG2 1 
ATOM   1096 C CD1 . ILE A 1 164 ? 9.690   -12.575 1.357   1.00 28.31 ?  142 ILE A CD1 1 
ATOM   1097 N N   . GLY A 1 165 ? 13.196  -14.995 -0.948  1.00 26.15 ?  143 GLY A N   1 
ATOM   1098 C CA  . GLY A 1 165 ? 13.064  -15.980 -1.976  1.00 26.46 ?  143 GLY A CA  1 
ATOM   1099 C C   . GLY A 1 165 ? 11.739  -16.219 -2.605  1.00 27.89 ?  143 GLY A C   1 
ATOM   1100 O O   . GLY A 1 165 ? 11.645  -16.478 -3.762  1.00 25.27 ?  143 GLY A O   1 
ATOM   1101 N N   . THR A 1 166 ? 10.704  -16.101 -1.815  1.00 28.95 ?  144 THR A N   1 
ATOM   1102 C CA  . THR A 1 166 ? 9.381   -16.373 -2.251  1.00 29.66 ?  144 THR A CA  1 
ATOM   1103 C C   . THR A 1 166 ? 8.431   -15.568 -1.460  1.00 28.29 ?  144 THR A C   1 
ATOM   1104 O O   . THR A 1 166 ? 8.656   -15.362 -0.332  1.00 30.26 ?  144 THR A O   1 
ATOM   1105 C CB  . THR A 1 166 ? 9.110   -17.822 -1.963  1.00 30.47 ?  144 THR A CB  1 
ATOM   1106 O OG1 . THR A 1 166 ? 7.875   -18.172 -2.557  1.00 36.94 ?  144 THR A OG1 1 
ATOM   1107 C CG2 . THR A 1 166 ? 9.049   -18.028 -0.519  1.00 29.78 ?  144 THR A CG2 1 
ATOM   1108 N N   . GLY A 1 167 ? 7.345   -15.117 -2.042  1.00 28.29 ?  145 GLY A N   1 
ATOM   1109 C CA  . GLY A 1 167 ? 6.440   -14.301 -1.283  1.00 27.72 ?  145 GLY A CA  1 
ATOM   1110 C C   . GLY A 1 167 ? 5.305   -13.674 -2.005  1.00 25.88 ?  145 GLY A C   1 
ATOM   1111 O O   . GLY A 1 167 ? 4.925   -14.135 -3.030  1.00 24.38 ?  145 GLY A O   1 
ATOM   1112 N N   . VAL A 1 168 ? 4.747   -12.627 -1.434  1.00 26.00 ?  146 VAL A N   1 
ATOM   1113 C CA  . VAL A 1 168 ? 3.598   -11.907 -2.041  1.00 26.02 ?  146 VAL A CA  1 
ATOM   1114 C C   . VAL A 1 168 ? 4.187   -10.950 -3.063  1.00 27.01 ?  146 VAL A C   1 
ATOM   1115 O O   . VAL A 1 168 ? 4.960   -10.066 -2.709  1.00 26.80 ?  146 VAL A O   1 
ATOM   1116 C CB  . VAL A 1 168 ? 2.753   -11.167 -0.988  1.00 24.39 ?  146 VAL A CB  1 
ATOM   1117 C CG1 . VAL A 1 168 ? 1.554   -10.469 -1.613  1.00 23.16 ?  146 VAL A CG1 1 
ATOM   1118 C CG2 . VAL A 1 168 ? 2.312   -12.107 0.116   1.00 24.43 ?  146 VAL A CG2 1 
ATOM   1119 N N   . PRO A 1 169 ? 3.903   -11.135 -4.364  1.00 28.10 ?  147 PRO A N   1 
ATOM   1120 C CA  . PRO A 1 169 ? 4.445   -10.230 -5.368  1.00 29.15 ?  147 PRO A CA  1 
ATOM   1121 C C   . PRO A 1 169 ? 3.956   -8.814  -5.044  1.00 29.26 ?  147 PRO A C   1 
ATOM   1122 O O   . PRO A 1 169 ? 2.774   -8.629  -4.760  1.00 27.54 ?  147 PRO A O   1 
ATOM   1123 C CB  . PRO A 1 169 ? 3.942   -10.782 -6.713  1.00 30.01 ?  147 PRO A CB  1 
ATOM   1124 C CG  . PRO A 1 169 ? 2.803   -11.711 -6.351  1.00 30.40 ?  147 PRO A CG  1 
ATOM   1125 C CD  . PRO A 1 169 ? 3.094   -12.210 -4.948  1.00 29.60 ?  147 PRO A CD  1 
ATOM   1126 N N   . VAL A 1 170 ? 4.898   -7.872  -5.074  1.00 28.96 ?  148 VAL A N   1 
ATOM   1127 C CA  . VAL A 1 170 ? 4.677   -6.417  -4.826  1.00 27.11 ?  148 VAL A CA  1 
ATOM   1128 C C   . VAL A 1 170 ? 3.726   -5.813  -5.870  1.00 25.93 ?  148 VAL A C   1 
ATOM   1129 O O   . VAL A 1 170 ? 2.925   -4.952  -5.480  1.00 27.81 ?  148 VAL A O   1 
ATOM   1130 C CB  . VAL A 1 170 ? 6.024   -5.677  -4.779  1.00 26.90 ?  148 VAL A CB  1 
ATOM   1131 C CG1 . VAL A 1 170 ? 6.750   -5.758  -6.116  1.00 26.54 ?  148 VAL A CG1 1 
ATOM   1132 C CG2 . VAL A 1 170 ? 5.872   -4.227  -4.299  1.00 26.03 ?  148 VAL A CG2 1 
ATOM   1133 N N   . LEU A 1 171 ? 3.806   -6.201  -7.141  1.00 25.34 ?  149 LEU A N   1 
ATOM   1134 C CA  . LEU A 1 171 ? 2.961   -5.583  -8.202  1.00 26.20 ?  149 LEU A CA  1 
ATOM   1135 C C   . LEU A 1 171 ? 2.753   -6.544  -9.366  1.00 25.96 ?  149 LEU A C   1 
ATOM   1136 O O   . LEU A 1 171 ? 3.303   -6.354  -10.435 1.00 29.42 ?  149 LEU A O   1 
ATOM   1137 C CB  . LEU A 1 171 ? 3.650   -4.308  -8.688  1.00 25.90 ?  149 LEU A CB  1 
ATOM   1138 C CG  . LEU A 1 171 ? 2.935   -3.598  -9.833  1.00 25.72 ?  149 LEU A CG  1 
ATOM   1139 C CD1 . LEU A 1 171 ? 1.557   -3.121  -9.398  1.00 25.21 ?  149 LEU A CD1 1 
ATOM   1140 C CD2 . LEU A 1 171 ? 3.772   -2.444  -10.348 1.00 25.40 ?  149 LEU A CD2 1 
ATOM   1141 N N   . PRO A 1 172 ? 1.992   -7.577  -9.154  1.00 24.36 ?  150 PRO A N   1 
ATOM   1142 C CA  . PRO A 1 172 ? 1.881   -8.540  -10.215 1.00 23.69 ?  150 PRO A CA  1 
ATOM   1143 C C   . PRO A 1 172 ? 1.124   -8.140  -11.433 1.00 24.24 ?  150 PRO A C   1 
ATOM   1144 O O   . PRO A 1 172 ? 0.142   -8.756  -11.734 1.00 22.48 ?  150 PRO A O   1 
ATOM   1145 C CB  . PRO A 1 172 ? 1.225   -9.700  -9.527  1.00 24.95 ?  150 PRO A CB  1 
ATOM   1146 C CG  . PRO A 1 172 ? 0.601   -9.159  -8.329  1.00 24.62 ?  150 PRO A CG  1 
ATOM   1147 C CD  . PRO A 1 172 ? 1.463   -8.080  -7.902  1.00 24.75 ?  150 PRO A CD  1 
ATOM   1148 N N   . VAL A 1 173 ? 1.628   -7.168  -12.172 1.00 26.65 ?  151 VAL A N   1 
ATOM   1149 C CA  . VAL A 1 173 ? 0.971   -6.700  -13.383 1.00 28.74 ?  151 VAL A CA  1 
ATOM   1150 C C   . VAL A 1 173 ? 0.900   -7.723  -14.489 1.00 29.88 ?  151 VAL A C   1 
ATOM   1151 O O   . VAL A 1 173 ? 1.679   -8.622  -14.560 1.00 29.93 ?  151 VAL A O   1 
ATOM   1152 C CB  . VAL A 1 173 ? 1.585   -5.411  -13.934 1.00 27.53 ?  151 VAL A CB  1 
ATOM   1153 C CG1 . VAL A 1 173 ? 1.405   -4.278  -12.970 1.00 27.73 ?  151 VAL A CG1 1 
ATOM   1154 C CG2 . VAL A 1 173 ? 3.022   -5.608  -14.269 1.00 28.43 ?  151 VAL A CG2 1 
ATOM   1155 N N   . ASP A 1 174 ? -0.037  -7.536  -15.391 1.00 33.02 ?  152 ASP A N   1 
ATOM   1156 C CA  . ASP A 1 174 ? -0.247  -8.474  -16.457 1.00 33.94 ?  152 ASP A CA  1 
ATOM   1157 C C   . ASP A 1 174 ? 0.849   -8.328  -17.424 1.00 31.25 ?  152 ASP A C   1 
ATOM   1158 O O   . ASP A 1 174 ? 1.423   -9.284  -17.863 1.00 29.00 ?  152 ASP A O   1 
ATOM   1159 C CB  . ASP A 1 174 ? -1.564  -8.201  -17.132 1.00 35.32 ?  152 ASP A CB  1 
ATOM   1160 C CG  . ASP A 1 174 ? -2.733  -8.731  -16.374 1.00 36.14 ?  152 ASP A CG  1 
ATOM   1161 O OD1 . ASP A 1 174 ? -2.612  -9.527  -15.456 1.00 32.31 ?  152 ASP A OD1 1 
ATOM   1162 O OD2 . ASP A 1 174 ? -3.819  -8.313  -16.717 1.00 40.55 ?  152 ASP A OD2 1 
ATOM   1163 N N   . ARG A 1 175 ? 1.092   -7.086  -17.772 1.00 34.00 ?  153 ARG A N   1 
ATOM   1164 C CA  . ARG A 1 175 ? 2.215   -6.663  -18.666 1.00 38.04 ?  153 ARG A CA  1 
ATOM   1165 C C   . ARG A 1 175 ? 3.128   -5.644  -17.957 1.00 34.67 ?  153 ARG A C   1 
ATOM   1166 O O   . ARG A 1 175 ? 2.701   -5.057  -16.931 1.00 30.61 ?  153 ARG A O   1 
ATOM   1167 C CB  . ARG A 1 175 ? 1.695   -6.068  -19.984 1.00 39.62 ?  153 ARG A CB  1 
ATOM   1168 C CG  . ARG A 1 175 ? 0.685   -6.940  -20.724 1.00 43.13 ?  153 ARG A CG  1 
ATOM   1169 C CD  . ARG A 1 175 ? -0.393  -6.128  -21.417 1.00 46.12 ?  153 ARG A CD  1 
ATOM   1170 N NE  . ARG A 1 175 ? -0.868  -5.032  -20.563 1.00 50.86 ?  153 ARG A NE  1 
ATOM   1171 C CZ  . ARG A 1 175 ? -1.794  -5.101  -19.593 1.00 51.66 ?  153 ARG A CZ  1 
ATOM   1172 N NH1 . ARG A 1 175 ? -2.420  -6.236  -19.323 1.00 56.42 ?  153 ARG A NH1 1 
ATOM   1173 N NH2 . ARG A 1 175 ? -2.104  -4.017  -18.894 1.00 48.30 ?  153 ARG A NH2 1 
ATOM   1174 N N   . ALA A 1 176 ? 4.333   -5.444  -18.519 1.00 32.19 ?  154 ALA A N   1 
ATOM   1175 C CA  . ALA A 1 176 ? 5.416   -4.583  -17.994 1.00 27.93 ?  154 ALA A CA  1 
ATOM   1176 C C   . ALA A 1 176 ? 4.931   -3.148  -17.854 1.00 26.81 ?  154 ALA A C   1 
ATOM   1177 O O   . ALA A 1 176 ? 4.401   -2.613  -18.838 1.00 23.77 ?  154 ALA A O   1 
ATOM   1178 C CB  . ALA A 1 176 ? 6.620   -4.621  -18.883 1.00 27.52 ?  154 ALA A CB  1 
ATOM   1179 N N   . LEU A 1 177 ? 5.177   -2.582  -16.671 1.00 28.58 ?  155 LEU A N   1 
ATOM   1180 C CA  . LEU A 1 177 ? 4.835   -1.202  -16.266 1.00 29.71 ?  155 LEU A CA  1 
ATOM   1181 C C   . LEU A 1 177 ? 6.097   -0.321  -16.216 1.00 31.96 ?  155 LEU A C   1 
ATOM   1182 O O   . LEU A 1 177 ? 6.887   -0.430  -15.272 1.00 30.43 ?  155 LEU A O   1 
ATOM   1183 C CB  . LEU A 1 177 ? 4.151   -1.271  -14.903 1.00 27.68 ?  155 LEU A CB  1 
ATOM   1184 C CG  . LEU A 1 177 ? 3.524   0.045   -14.476 1.00 26.89 ?  155 LEU A CG  1 
ATOM   1185 C CD1 . LEU A 1 177 ? 2.330   0.369   -15.353 1.00 26.02 ?  155 LEU A CD1 1 
ATOM   1186 C CD2 . LEU A 1 177 ? 3.138   0.011   -13.009 1.00 28.13 ?  155 LEU A CD2 1 
ATOM   1187 N N   . GLU A 1 178 ? 6.255   0.555   -17.207 1.00 38.40 ?  156 GLU A N   1 
ATOM   1188 C CA  . GLU A 1 178 ? 7.339   1.571   -17.268 1.00 40.25 ?  156 GLU A CA  1 
ATOM   1189 C C   . GLU A 1 178 ? 7.096   2.615   -16.172 1.00 34.90 ?  156 GLU A C   1 
ATOM   1190 O O   . GLU A 1 178 ? 5.986   3.198   -16.137 1.00 33.41 ?  156 GLU A O   1 
ATOM   1191 C CB  . GLU A 1 178 ? 7.405   2.211   -18.667 1.00 47.03 ?  156 GLU A CB  1 
ATOM   1192 C CG  . GLU A 1 178 ? 8.080   1.348   -19.722 1.00 50.42 ?  156 GLU A CG  1 
ATOM   1193 C CD  . GLU A 1 178 ? 9.199   0.488   -19.154 1.00 59.34 ?  156 GLU A CD  1 
ATOM   1194 O OE1 . GLU A 1 178 ? 10.174  1.068   -18.607 1.00 57.26 ?  156 GLU A OE1 1 
ATOM   1195 O OE2 . GLU A 1 178 ? 9.072   -0.766  -19.210 1.00 71.22 ?  156 GLU A OE2 1 
ATOM   1196 N N   . VAL A 1 179 ? 8.095   2.817   -15.307 1.00 32.72 ?  157 VAL A N   1 
ATOM   1197 C CA  . VAL A 1 179 ? 8.125   3.907   -14.288 1.00 31.57 ?  157 VAL A CA  1 
ATOM   1198 C C   . VAL A 1 179 ? 9.405   4.744   -14.444 1.00 33.34 ?  157 VAL A C   1 
ATOM   1199 O O   . VAL A 1 179 ? 10.371  4.272   -15.116 1.00 34.42 ?  157 VAL A O   1 
ATOM   1200 C CB  . VAL A 1 179 ? 7.993   3.362   -12.854 1.00 28.37 ?  157 VAL A CB  1 
ATOM   1201 C CG1 . VAL A 1 179 ? 6.651   2.700   -12.632 1.00 27.97 ?  157 VAL A CG1 1 
ATOM   1202 C CG2 . VAL A 1 179 ? 9.125   2.428   -12.476 1.00 28.86 ?  157 VAL A CG2 1 
ATOM   1203 N N   . VAL A 1 180 ? 9.416   5.897   -13.761 1.00 32.81 ?  158 VAL A N   1 
ATOM   1204 C CA  . VAL A 1 180 ? 10.351  7.048   -13.918 1.00 35.02 ?  158 VAL A CA  1 
ATOM   1205 C C   . VAL A 1 180 ? 10.896  7.442   -12.539 1.00 34.84 ?  158 VAL A C   1 
ATOM   1206 O O   . VAL A 1 180 ? 10.191  8.124   -11.790 1.00 38.20 ?  158 VAL A O   1 
ATOM   1207 C CB  . VAL A 1 180 ? 9.606   8.238   -14.558 1.00 38.02 ?  158 VAL A CB  1 
ATOM   1208 C CG1 . VAL A 1 180 ? 10.464  9.495   -14.583 1.00 38.45 ?  158 VAL A CG1 1 
ATOM   1209 C CG2 . VAL A 1 180 ? 9.065   7.910   -15.948 1.00 39.13 ?  158 VAL A CG2 1 
ATOM   1210 N N   . LEU A 1 181 ? 12.076  7.034   -12.174 1.00 36.75 ?  159 LEU A N   1 
ATOM   1211 C CA  . LEU A 1 181 ? 12.603  7.389   -10.888 1.00 41.86 ?  159 LEU A CA  1 
ATOM   1212 C C   . LEU A 1 181 ? 12.545  8.857   -10.655 1.00 45.78 ?  159 LEU A C   1 
ATOM   1213 O O   . LEU A 1 181 ? 13.033  9.603   -11.451 1.00 50.23 ?  159 LEU A O   1 
ATOM   1214 C CB  . LEU A 1 181 ? 14.052  6.950   -10.811 1.00 43.20 ?  159 LEU A CB  1 
ATOM   1215 C CG  . LEU A 1 181 ? 14.862  7.278   -9.584  1.00 44.46 ?  159 LEU A CG  1 
ATOM   1216 C CD1 . LEU A 1 181 ? 14.014  7.008   -8.386  1.00 46.95 ?  159 LEU A CD1 1 
ATOM   1217 C CD2 . LEU A 1 181 ? 16.095  6.425   -9.530  1.00 45.58 ?  159 LEU A CD2 1 
ATOM   1218 N N   . ARG A 1 182 ? 11.979  9.269   -9.531  1.00 50.30 ?  160 ARG A N   1 
ATOM   1219 C CA  . ARG A 1 182 ? 11.876  10.667  -9.181  1.00 51.99 ?  160 ARG A CA  1 
ATOM   1220 C C   . ARG A 1 182 ? 12.687  11.054  -7.957  1.00 48.78 ?  160 ARG A C   1 
ATOM   1221 O O   . ARG A 1 182 ? 13.250  12.091  -7.945  1.00 49.59 ?  160 ARG A O   1 
ATOM   1222 C CB  . ARG A 1 182 ? 10.429  11.068  -8.991  1.00 58.05 ?  160 ARG A CB  1 
ATOM   1223 C CG  . ARG A 1 182 ? 10.281  12.530  -8.647  1.00 68.62 ?  160 ARG A CG  1 
ATOM   1224 C CD  . ARG A 1 182 ? 8.843   13.011  -8.514  1.00 72.98 ?  160 ARG A CD  1 
ATOM   1225 N NE  . ARG A 1 182 ? 8.789   14.424  -8.207  1.00 77.11 ?  160 ARG A NE  1 
ATOM   1226 C CZ  . ARG A 1 182 ? 7.708   15.182  -8.211  1.00 75.35 ?  160 ARG A CZ  1 
ATOM   1227 N NH1 . ARG A 1 182 ? 6.530   14.690  -8.502  1.00 69.39 ?  160 ARG A NH1 1 
ATOM   1228 N NH2 . ARG A 1 182 ? 7.833   16.462  -7.916  1.00 77.88 ?  160 ARG A NH2 1 
ATOM   1229 N N   . GLU A 1 183 ? 12.737  10.221  -6.934  1.00 47.64 ?  161 GLU A N   1 
ATOM   1230 C CA  . GLU A 1 183 ? 13.491  10.481  -5.708  1.00 49.71 ?  161 GLU A CA  1 
ATOM   1231 C C   . GLU A 1 183 ? 14.066  9.178   -5.273  1.00 42.35 ?  161 GLU A C   1 
ATOM   1232 O O   . GLU A 1 183 ? 13.474  8.184   -5.441  1.00 42.21 ?  161 GLU A O   1 
ATOM   1233 C CB  . GLU A 1 183 ? 12.587  11.028  -4.592  1.00 58.97 ?  161 GLU A CB  1 
ATOM   1234 C CG  . GLU A 1 183 ? 11.969  12.438  -4.785  1.00 67.23 ?  161 GLU A CG  1 
ATOM   1235 C CD  . GLU A 1 183 ? 11.016  12.892  -3.661  1.00 70.17 ?  161 GLU A CD  1 
ATOM   1236 O OE1 . GLU A 1 183 ? 10.660  12.064  -2.801  1.00 58.47 ?  161 GLU A OE1 1 
ATOM   1237 O OE2 . GLU A 1 183 ? 10.632  14.085  -3.616  1.00 77.28 ?  161 GLU A OE2 1 
ATOM   1238 N N   . GLN A 1 184 ? 15.220  9.201   -4.664  1.00 40.55 ?  162 GLN A N   1 
ATOM   1239 C CA  . GLN A 1 184 ? 15.918  7.963   -4.229  1.00 41.57 ?  162 GLN A CA  1 
ATOM   1240 C C   . GLN A 1 184 ? 16.839  8.307   -3.053  1.00 38.40 ?  162 GLN A C   1 
ATOM   1241 O O   . GLN A 1 184 ? 17.746  9.116   -3.221  1.00 38.73 ?  162 GLN A O   1 
ATOM   1242 C CB  . GLN A 1 184 ? 16.735  7.372   -5.385  1.00 44.11 ?  162 GLN A CB  1 
ATOM   1243 C CG  . GLN A 1 184 ? 17.071  5.885   -5.244  1.00 46.84 ?  162 GLN A CG  1 
ATOM   1244 C CD  . GLN A 1 184 ? 18.195  5.554   -4.285  1.00 47.47 ?  162 GLN A CD  1 
ATOM   1245 O OE1 . GLN A 1 184 ? 19.146  6.312   -4.105  1.00 48.74 ?  162 GLN A OE1 1 
ATOM   1246 N NE2 . GLN A 1 184 ? 18.093  4.397   -3.650  1.00 47.03 ?  162 GLN A NE2 1 
ATOM   1247 N N   . ARG A 1 185 ? 16.619  7.715   -1.891  1.00 38.74 ?  163 ARG A N   1 
ATOM   1248 C CA  . ARG A 1 185 ? 17.524  7.886   -0.729  1.00 39.69 ?  163 ARG A CA  1 
ATOM   1249 C C   . ARG A 1 185 ? 18.097  6.505   -0.421  1.00 35.57 ?  163 ARG A C   1 
ATOM   1250 O O   . ARG A 1 185 ? 17.475  5.525   -0.848  1.00 38.55 ?  163 ARG A O   1 
ATOM   1251 C CB  . ARG A 1 185 ? 16.773  8.552   0.435   1.00 40.98 ?  163 ARG A CB  1 
ATOM   1252 C CG  . ARG A 1 185 ? 15.963  9.786   0.043   1.00 39.27 ?  163 ARG A CG  1 
ATOM   1253 C CD  . ARG A 1 185 ? 15.494  10.605  1.240   1.00 40.61 ?  163 ARG A CD  1 
ATOM   1254 N NE  . ARG A 1 185 ? 16.429  10.517  2.361   1.00 42.33 ?  163 ARG A NE  1 
ATOM   1255 C CZ  . ARG A 1 185 ? 16.182  10.023  3.582   1.00 42.97 ?  163 ARG A CZ  1 
ATOM   1256 N NH1 . ARG A 1 185 ? 14.989  9.566   3.935   1.00 42.92 ?  163 ARG A NH1 1 
ATOM   1257 N NH2 . ARG A 1 185 ? 17.152  10.013  4.478   1.00 44.08 ?  163 ARG A NH2 1 
ATOM   1258 N N   . THR A 1 186 ? 19.273  6.454   0.202   1.00 35.37 ?  164 THR A N   1 
ATOM   1259 C CA  . THR A 1 186 ? 19.927  5.238   0.775   1.00 36.58 ?  164 THR A CA  1 
ATOM   1260 C C   . THR A 1 186 ? 20.169  5.545   2.259   1.00 35.66 ?  164 THR A C   1 
ATOM   1261 O O   . THR A 1 186 ? 20.713  6.624   2.552   1.00 34.60 ?  164 THR A O   1 
ATOM   1262 C CB  . THR A 1 186 ? 21.214  4.861   0.006   1.00 36.77 ?  164 THR A CB  1 
ATOM   1263 O OG1 . THR A 1 186 ? 20.943  4.659   -1.386  1.00 35.63 ?  164 THR A OG1 1 
ATOM   1264 C CG2 . THR A 1 186 ? 21.910  3.622   0.531   1.00 35.85 ?  164 THR A CG2 1 
ATOM   1265 N N   . LEU A 1 187 ? 19.753  4.668   3.159   1.00 36.45 ?  165 LEU A N   1 
ATOM   1266 C CA  . LEU A 1 187 ? 19.893  4.904   4.584   1.00 35.96 ?  165 LEU A CA  1 
ATOM   1267 C C   . LEU A 1 187 ? 21.119  4.264   5.171   1.00 34.57 ?  165 LEU A C   1 
ATOM   1268 O O   . LEU A 1 187 ? 21.656  3.377   4.597   1.00 33.93 ?  165 LEU A O   1 
ATOM   1269 C CB  . LEU A 1 187 ? 18.620  4.485   5.313   1.00 36.09 ?  165 LEU A CB  1 
ATOM   1270 C CG  . LEU A 1 187 ? 17.302  4.932   4.680   1.00 36.37 ?  165 LEU A CG  1 
ATOM   1271 C CD1 . LEU A 1 187 ? 16.105  4.130   5.070   1.00 37.80 ?  165 LEU A CD1 1 
ATOM   1272 C CD2 . LEU A 1 187 ? 16.969  6.379   4.836   1.00 35.34 ?  165 LEU A CD2 1 
ATOM   1273 N N   . GLN A 1 188 ? 21.547  4.745   6.309   1.00 38.79 ?  166 GLN A N   1 
ATOM   1274 C CA  . GLN A 1 188 ? 22.720  4.240   6.987   1.00 40.90 ?  166 GLN A CA  1 
ATOM   1275 C C   . GLN A 1 188 ? 22.554  2.830   7.418   1.00 41.99 ?  166 GLN A C   1 
ATOM   1276 O O   . GLN A 1 188 ? 23.499  2.183   7.809   1.00 46.99 ?  166 GLN A O   1 
ATOM   1277 C CB  . GLN A 1 188 ? 22.951  5.035   8.248   1.00 41.15 ?  166 GLN A CB  1 
ATOM   1278 C CG  . GLN A 1 188 ? 23.332  6.462   8.012   1.00 44.88 ?  166 GLN A CG  1 
ATOM   1279 C CD  . GLN A 1 188 ? 23.482  7.243   9.305   1.00 47.75 ?  166 GLN A CD  1 
ATOM   1280 O OE1 . GLN A 1 188 ? 22.889  6.897   10.326  1.00 41.40 ?  166 GLN A OE1 1 
ATOM   1281 N NE2 . GLN A 1 188 ? 24.298  8.293   9.277   1.00 41.23 ?  166 GLN A NE2 1 
ATOM   1282 N N   . SER A 1 189 ? 21.326  2.368   7.357   1.00 39.11 ?  167 SER A N   1 
ATOM   1283 C CA  . SER A 1 189 ? 20.941  1.001   7.806   1.00 37.48 ?  167 SER A CA  1 
ATOM   1284 C C   . SER A 1 189 ? 21.067  -0.024  6.661   1.00 35.16 ?  167 SER A C   1 
ATOM   1285 O O   . SER A 1 189 ? 20.953  -1.243  6.946   1.00 36.76 ?  167 SER A O   1 
ATOM   1286 C CB  . SER A 1 189 ? 19.553  0.992   8.426   1.00 35.02 ?  167 SER A CB  1 
ATOM   1287 O OG  . SER A 1 189 ? 18.631  1.745   7.651   1.00 34.69 ?  167 SER A OG  1 
ATOM   1288 N N   . GLY A 1 190 ? 21.301  0.425   5.426   1.00 30.60 ?  168 GLY A N   1 
ATOM   1289 C CA  . GLY A 1 190 ? 21.260  -0.437  4.229   1.00 29.34 ?  168 GLY A CA  1 
ATOM   1290 C C   . GLY A 1 190 ? 19.863  -0.474  3.621   1.00 27.92 ?  168 GLY A C   1 
ATOM   1291 O O   . GLY A 1 190 ? 19.714  -0.927  2.474   1.00 25.85 ?  168 GLY A O   1 
ATOM   1292 N N   . ALA A 1 191 ? 18.851  -0.022  4.359   1.00 27.02 ?  169 ALA A N   1 
ATOM   1293 C CA  . ALA A 1 191 ? 17.483  0.172   3.829   1.00 28.16 ?  169 ALA A CA  1 
ATOM   1294 C C   . ALA A 1 191 ? 17.534  1.233   2.734   1.00 27.54 ?  169 ALA A C   1 
ATOM   1295 O O   . ALA A 1 191 ? 18.540  1.973   2.680   1.00 32.37 ?  169 ALA A O   1 
ATOM   1296 C CB  . ALA A 1 191 ? 16.527  0.565   4.923   1.00 28.15 ?  169 ALA A CB  1 
ATOM   1297 N N   . MET A 1 192 ? 16.501  1.295   1.903   1.00 26.84 ?  170 MET A N   1 
ATOM   1298 C CA  . MET A 1 192 ? 16.476  2.158   0.693   1.00 29.83 ?  170 MET A CA  1 
ATOM   1299 C C   . MET A 1 192 ? 15.030  2.561   0.409   1.00 28.90 ?  170 MET A C   1 
ATOM   1300 O O   . MET A 1 192 ? 14.128  1.746   0.697   1.00 27.28 ?  170 MET A O   1 
ATOM   1301 C CB  . MET A 1 192 ? 17.054  1.444   -0.538  1.00 31.82 ?  170 MET A CB  1 
ATOM   1302 C CG  . MET A 1 192 ? 18.511  0.968   -0.369  1.00 32.52 ?  170 MET A CG  1 
ATOM   1303 S SD  . MET A 1 192 ? 19.190  0.048   -1.799  1.00 33.04 ?  170 MET A SD  1 
ATOM   1304 C CE  . MET A 1 192 ? 18.716  1.127   -3.157  1.00 33.33 ?  170 MET A CE  1 
ATOM   1305 N N   . GLU A 1 193 ? 14.854  3.783   -0.105  1.00 27.02 ?  171 GLU A N   1 
ATOM   1306 C CA  . GLU A 1 193 ? 13.556  4.450   -0.370  1.00 25.63 ?  171 GLU A CA  1 
ATOM   1307 C C   . GLU A 1 193 ? 13.662  5.071   -1.753  1.00 26.36 ?  171 GLU A C   1 
ATOM   1308 O O   . GLU A 1 193 ? 14.773  5.521   -2.102  1.00 26.37 ?  171 GLU A O   1 
ATOM   1309 C CB  . GLU A 1 193 ? 13.260  5.591   0.605   1.00 26.26 ?  171 GLU A CB  1 
ATOM   1310 C CG  . GLU A 1 193 ? 13.374  5.246   2.079   1.00 27.10 ?  171 GLU A CG  1 
ATOM   1311 C CD  . GLU A 1 193 ? 12.835  6.327   3.008   1.00 28.82 ?  171 GLU A CD  1 
ATOM   1312 O OE1 . GLU A 1 193 ? 13.336  7.478   2.957   1.00 30.17 ?  171 GLU A OE1 1 
ATOM   1313 O OE2 . GLU A 1 193 ? 11.885  6.031   3.761   1.00 30.31 ?  171 GLU A OE2 1 
ATOM   1314 N N   . CYS A 1 194 ? 12.587  5.084   -2.517  1.00 26.12 ?  172 CYS A N   1 
ATOM   1315 C CA  . CYS A 1 194 ? 12.554  5.610   -3.851  1.00 25.71 ?  172 CYS A CA  1 
ATOM   1316 C C   . CYS A 1 194 ? 11.144  5.903   -4.227  1.00 27.43 ?  172 CYS A C   1 
ATOM   1317 O O   . CYS A 1 194 ? 10.287  5.232   -3.795  1.00 30.73 ?  172 CYS A O   1 
ATOM   1318 C CB  . CYS A 1 194 ? 13.103  4.596   -4.830  1.00 27.69 ?  172 CYS A CB  1 
ATOM   1319 S SG  . CYS A 1 194 ? 12.394  2.958   -4.814  1.00 28.74 ?  172 CYS A SG  1 
ATOM   1320 N N   . ILE A 1 195 ? 10.912  6.937   -5.019  1.00 28.99 ?  173 ILE A N   1 
ATOM   1321 C CA  . ILE A 1 195 ? 9.589   7.317   -5.486  1.00 30.05 ?  173 ILE A CA  1 
ATOM   1322 C C   . ILE A 1 195 ? 9.631   7.116   -6.977  1.00 31.92 ?  173 ILE A C   1 
ATOM   1323 O O   . ILE A 1 195 ? 10.587  7.487   -7.578  1.00 36.29 ?  173 ILE A O   1 
ATOM   1324 C CB  . ILE A 1 195 ? 9.295   8.801   -5.216  1.00 30.03 ?  173 ILE A CB  1 
ATOM   1325 C CG1 . ILE A 1 195 ? 9.425   9.143   -3.761  1.00 31.27 ?  173 ILE A CG1 1 
ATOM   1326 C CG2 . ILE A 1 195 ? 7.872   9.148   -5.539  1.00 29.97 ?  173 ILE A CG2 1 
ATOM   1327 C CD1 . ILE A 1 195 ? 8.527   8.371   -2.870  1.00 31.84 ?  173 ILE A CD1 1 
ATOM   1328 N N   . LEU A 1 196 ? 8.631   6.482   -7.572  1.00 29.63 ?  174 LEU A N   1 
ATOM   1329 C CA  . LEU A 1 196 ? 8.594   6.226   -9.001  1.00 28.31 ?  174 LEU A CA  1 
ATOM   1330 C C   . LEU A 1 196 ? 7.282   6.594   -9.631  1.00 27.56 ?  174 LEU A C   1 
ATOM   1331 O O   . LEU A 1 196 ? 6.256   6.295   -9.115  1.00 26.53 ?  174 LEU A O   1 
ATOM   1332 C CB  . LEU A 1 196 ? 8.837   4.755   -9.241  1.00 28.76 ?  174 LEU A CB  1 
ATOM   1333 C CG  . LEU A 1 196 ? 9.979   4.112   -8.501  1.00 30.59 ?  174 LEU A CG  1 
ATOM   1334 C CD1 . LEU A 1 196 ? 9.522   2.916   -7.739  1.00 31.16 ?  174 LEU A CD1 1 
ATOM   1335 C CD2 . LEU A 1 196 ? 11.044  3.721   -9.462  1.00 29.72 ?  174 LEU A CD2 1 
ATOM   1336 N N   . ASP A 1 197 ? 7.312   7.219   -10.788 1.00 26.46 ?  175 ASP A N   1 
ATOM   1337 C CA  . ASP A 1 197 ? 6.087   7.628   -11.432 1.00 26.58 ?  175 ASP A CA  1 
ATOM   1338 C C   . ASP A 1 197 ? 5.748   6.807   -12.621 1.00 24.44 ?  175 ASP A C   1 
ATOM   1339 O O   . ASP A 1 197 ? 6.567   6.559   -13.418 1.00 24.49 ?  175 ASP A O   1 
ATOM   1340 C CB  . ASP A 1 197 ? 6.168   9.094   -11.872 1.00 27.64 ?  175 ASP A CB  1 
ATOM   1341 C CG  . ASP A 1 197 ? 6.307   10.064  -10.726 1.00 27.25 ?  175 ASP A CG  1 
ATOM   1342 O OD1 . ASP A 1 197 ? 5.866   9.769   -9.660  1.00 29.35 ?  175 ASP A OD1 1 
ATOM   1343 O OD2 . ASP A 1 197 ? 6.853   11.136  -10.883 1.00 26.56 ?  175 ASP A OD2 1 
ATOM   1344 N N   . VAL A 1 198 ? 4.501   6.411   -12.731 1.00 23.59 ?  176 VAL A N   1 
ATOM   1345 C CA  . VAL A 1 198 ? 3.978   5.608   -13.876 1.00 22.89 ?  176 VAL A CA  1 
ATOM   1346 C C   . VAL A 1 198 ? 3.879   6.526   -15.103 1.00 22.37 ?  176 VAL A C   1 
ATOM   1347 O O   . VAL A 1 198 ? 3.368   7.643   -14.896 1.00 21.21 ?  176 VAL A O   1 
ATOM   1348 C CB  . VAL A 1 198 ? 2.629   4.972   -13.485 1.00 21.65 ?  176 VAL A CB  1 
ATOM   1349 C CG1 . VAL A 1 198 ? 1.972   4.250   -14.654 1.00 22.79 ?  176 VAL A CG1 1 
ATOM   1350 C CG2 . VAL A 1 198 ? 2.772   4.056   -12.281 1.00 20.07 ?  176 VAL A CG2 1 
HETATM 1351 P PA  . NDP B 2 .   ? -4.513  -7.909  -1.303  1.00 33.19 ?  201 NDP A PA  1 
HETATM 1352 O O1A . NDP B 2 .   ? -4.842  -6.897  -2.274  1.00 30.07 -1 201 NDP A O1A 1 
HETATM 1353 O O2A . NDP B 2 .   ? -4.192  -7.490  0.030   1.00 29.38 ?  201 NDP A O2A 1 
HETATM 1354 O O5B . NDP B 2 .   ? -5.795  -8.795  -1.248  1.00 34.75 ?  201 NDP A O5B 1 
HETATM 1355 C C5B . NDP B 2 .   ? -6.267  -9.528  -2.362  1.00 37.78 ?  201 NDP A C5B 1 
HETATM 1356 C C4B . NDP B 2 .   ? -7.786  -9.631  -2.453  1.00 39.76 ?  201 NDP A C4B 1 
HETATM 1357 O O4B . NDP B 2 .   ? -8.363  -8.408  -2.801  1.00 42.41 ?  201 NDP A O4B 1 
HETATM 1358 C C3B . NDP B 2 .   ? -8.340  -10.494 -3.545  1.00 39.40 ?  201 NDP A C3B 1 
HETATM 1359 O O3B . NDP B 2 .   ? -8.144  -11.834 -3.177  1.00 40.48 ?  201 NDP A O3B 1 
HETATM 1360 C C2B . NDP B 2 .   ? -9.783  -10.084 -3.558  1.00 42.63 ?  201 NDP A C2B 1 
HETATM 1361 O O2B . NDP B 2 .   ? -10.464 -10.567 -2.390  1.00 52.09 ?  201 NDP A O2B 1 
HETATM 1362 C C1B . NDP B 2 .   ? -9.638  -8.605  -3.333  1.00 44.38 ?  201 NDP A C1B 1 
HETATM 1363 N N9A . NDP B 2 .   ? -9.725  -7.720  -4.506  1.00 43.24 ?  201 NDP A N9A 1 
HETATM 1364 C C8A . NDP B 2 .   ? -8.704  -7.134  -5.082  1.00 40.83 ?  201 NDP A C8A 1 
HETATM 1365 N N7A . NDP B 2 .   ? -9.092  -6.408  -6.119  1.00 40.43 ?  201 NDP A N7A 1 
HETATM 1366 C C5A . NDP B 2 .   ? -10.404 -6.488  -6.223  1.00 40.09 ?  201 NDP A C5A 1 
HETATM 1367 C C6A . NDP B 2 .   ? -11.460 -5.963  -7.089  1.00 38.89 ?  201 NDP A C6A 1 
HETATM 1368 N N6A . NDP B 2 .   ? -11.272 -5.150  -8.120  1.00 38.52 ?  201 NDP A N6A 1 
HETATM 1369 N N1A . NDP B 2 .   ? -12.691 -6.329  -6.840  1.00 39.31 ?  201 NDP A N1A 1 
HETATM 1370 C C2A . NDP B 2 .   ? -12.984 -7.128  -5.857  1.00 42.88 ?  201 NDP A C2A 1 
HETATM 1371 N N3A . NDP B 2 .   ? -12.099 -7.631  -5.031  1.00 45.57 ?  201 NDP A N3A 1 
HETATM 1372 C C4A . NDP B 2 .   ? -10.808 -7.355  -5.151  1.00 43.12 ?  201 NDP A C4A 1 
HETATM 1373 O O3  . NDP B 2 .   ? -3.425  -8.890  -1.898  1.00 36.73 ?  201 NDP A O3  1 
HETATM 1374 P PN  . NDP B 2 .   ? -2.123  -9.641  -1.361  1.00 39.81 ?  201 NDP A PN  1 
HETATM 1375 O O1N . NDP B 2 .   ? -2.468  -10.950 -0.863  1.00 40.37 -1 201 NDP A O1N 1 
HETATM 1376 O O2N . NDP B 2 .   ? -1.210  -9.656  -2.473  1.00 36.16 ?  201 NDP A O2N 1 
HETATM 1377 O O5D . NDP B 2 .   ? -1.416  -8.908  -0.199  1.00 34.74 ?  201 NDP A O5D 1 
HETATM 1378 C C5D . NDP B 2 .   ? -1.792  -9.157  1.109   1.00 36.62 ?  201 NDP A C5D 1 
HETATM 1379 C C4D . NDP B 2 .   ? -0.603  -9.183  2.033   1.00 37.60 ?  201 NDP A C4D 1 
HETATM 1380 O O4D . NDP B 2 .   ? 0.289   -8.146  1.789   1.00 39.95 ?  201 NDP A O4D 1 
HETATM 1381 C C3D . NDP B 2 .   ? -0.998  -8.922  3.431   1.00 36.85 ?  201 NDP A C3D 1 
HETATM 1382 O O3D . NDP B 2 .   ? -1.450  -10.148 3.935   1.00 42.74 ?  201 NDP A O3D 1 
HETATM 1383 C C2D . NDP B 2 .   ? 0.265   -8.430  4.038   1.00 36.76 ?  201 NDP A C2D 1 
HETATM 1384 O O2D . NDP B 2 .   ? 1.022   -9.525  4.472   1.00 39.27 ?  201 NDP A O2D 1 
HETATM 1385 C C1D . NDP B 2 .   ? 1.069   -7.887  2.917   1.00 36.82 ?  201 NDP A C1D 1 
HETATM 1386 N N1N . NDP B 2 .   ? 1.239   -6.459  2.949   1.00 39.48 ?  201 NDP A N1N 1 
HETATM 1387 C C2N . NDP B 2 .   ? 2.416   -5.886  3.056   1.00 42.39 ?  201 NDP A C2N 1 
HETATM 1388 C C3N . NDP B 2 .   ? 2.549   -4.518  3.058   1.00 43.65 ?  201 NDP A C3N 1 
HETATM 1389 C C7N . NDP B 2 .   ? 3.887   -3.918  3.190   1.00 47.25 ?  201 NDP A C7N 1 
HETATM 1390 O O7N . NDP B 2 .   ? 4.797   -4.630  2.995   1.00 51.75 ?  201 NDP A O7N 1 
HETATM 1391 N N7N . NDP B 2 .   ? 4.077   -2.658  3.499   1.00 47.89 ?  201 NDP A N7N 1 
HETATM 1392 C C4N . NDP B 2 .   ? 1.394   -3.611  2.909   1.00 42.53 ?  201 NDP A C4N 1 
HETATM 1393 C C5N . NDP B 2 .   ? 0.192   -4.364  2.800   1.00 41.60 ?  201 NDP A C5N 1 
HETATM 1394 C C6N . NDP B 2 .   ? 0.177   -5.721  2.808   1.00 40.83 ?  201 NDP A C6N 1 
HETATM 1395 P P2B . NDP B 2 .   ? -11.857 -11.342 -2.224  1.00 54.31 ?  201 NDP A P2B 1 
HETATM 1396 O O1X . NDP B 2 .   ? -12.448 -10.758 -1.048  1.00 54.79 ?  201 NDP A O1X 1 
HETATM 1397 O O2X . NDP B 2 .   ? -11.637 -12.710 -1.819  1.00 54.85 -1 201 NDP A O2X 1 
HETATM 1398 O O3X . NDP B 2 .   ? -12.511 -11.167 -3.522  1.00 47.38 ?  201 NDP A O3X 1 
HETATM 1399 O O   . HOH C 3 .   ? -14.794 -7.165  9.819   1.00 18.24 ?  301 HOH A O   1 
HETATM 1400 O O   . HOH C 3 .   ? 3.389   -15.803 -3.462  1.00 11.78 ?  302 HOH A O   1 
HETATM 1401 O O   . HOH C 3 .   ? 6.709   -9.666  12.106  1.00 43.13 ?  303 HOH A O   1 
HETATM 1402 O O   . HOH C 3 .   ? -11.569 -11.607 3.016   1.00 20.69 ?  304 HOH A O   1 
HETATM 1403 O O   . HOH C 3 .   ? -18.348 -6.404  11.095  1.00 34.92 ?  305 HOH A O   1 
HETATM 1404 O O   . HOH C 3 .   ? 7.360   -14.791 12.225  1.00 18.90 ?  306 HOH A O   1 
HETATM 1405 O O   . HOH C 3 .   ? 7.256   -16.961 6.386   1.00 18.38 ?  307 HOH A O   1 
HETATM 1406 O O   . HOH C 3 .   ? -10.302 -0.424  20.363  1.00 30.94 ?  308 HOH A O   1 
HETATM 1407 O O   . HOH C 3 .   ? 13.466  1.398   -2.951  1.00 3.31  ?  309 HOH A O   1 
HETATM 1408 O O   . HOH C 3 .   ? -12.361 4.213   11.049  1.00 35.04 ?  310 HOH A O   1 
HETATM 1409 O O   . HOH C 3 .   ? 9.863   15.345  -1.076  1.00 4.15  ?  311 HOH A O   1 
HETATM 1410 O O   . HOH C 3 .   ? -4.463  1.249   22.363  1.00 43.23 ?  312 HOH A O   1 
HETATM 1411 O O   . HOH C 3 .   ? -2.837  -1.849  19.625  1.00 18.06 ?  313 HOH A O   1 
HETATM 1412 O O   . HOH C 3 .   ? 9.340   -13.555 13.473  1.00 36.44 ?  314 HOH A O   1 
HETATM 1413 O O   . HOH C 3 .   ? 27.010  3.016   8.377   1.00 39.35 ?  315 HOH A O   1 
HETATM 1414 O O   . HOH C 3 .   ? 12.136  12.984  0.574   1.00 11.18 ?  316 HOH A O   1 
HETATM 1415 O O   . HOH C 3 .   ? 14.109  13.850  1.533   1.00 53.88 ?  317 HOH A O   1 
# 
loop_
_pdbx_poly_seq_scheme.asym_id 
_pdbx_poly_seq_scheme.entity_id 
_pdbx_poly_seq_scheme.seq_id 
_pdbx_poly_seq_scheme.mon_id 
_pdbx_poly_seq_scheme.ndb_seq_num 
_pdbx_poly_seq_scheme.pdb_seq_num 
_pdbx_poly_seq_scheme.auth_seq_num 
_pdbx_poly_seq_scheme.pdb_mon_id 
_pdbx_poly_seq_scheme.auth_mon_id 
_pdbx_poly_seq_scheme.pdb_strand_id 
_pdbx_poly_seq_scheme.pdb_ins_code 
_pdbx_poly_seq_scheme.hetero 
A 1 1   MET 1   -21 ?   ?   ?   A . n 
A 1 2   GLY 2   -20 ?   ?   ?   A . n 
A 1 3   SER 3   -19 ?   ?   ?   A . n 
A 1 4   SER 4   -18 ?   ?   ?   A . n 
A 1 5   HIS 5   -17 ?   ?   ?   A . n 
A 1 6   HIS 6   -16 ?   ?   ?   A . n 
A 1 7   HIS 7   -15 ?   ?   ?   A . n 
A 1 8   HIS 8   -14 ?   ?   ?   A . n 
A 1 9   HIS 9   -13 ?   ?   ?   A . n 
A 1 10  HIS 10  -12 ?   ?   ?   A . n 
A 1 11  SER 11  -11 ?   ?   ?   A . n 
A 1 12  SER 12  -10 ?   ?   ?   A . n 
A 1 13  GLY 13  -9  ?   ?   ?   A . n 
A 1 14  LEU 14  -8  ?   ?   ?   A . n 
A 1 15  VAL 15  -7  ?   ?   ?   A . n 
A 1 16  PRO 16  -6  ?   ?   ?   A . n 
A 1 17  ARG 17  -5  ?   ?   ?   A . n 
A 1 18  GLY 18  -4  ?   ?   ?   A . n 
A 1 19  SER 19  -3  ?   ?   ?   A . n 
A 1 20  HIS 20  -2  ?   ?   ?   A . n 
A 1 21  MET 21  -1  ?   ?   ?   A . n 
A 1 22  ALA 22  0   ?   ?   ?   A . n 
A 1 23  MET 23  1   1   MET MET A . n 
A 1 24  SER 24  2   2   SER SER A . n 
A 1 25  THR 25  3   3   THR THR A . n 
A 1 26  LEU 26  4   4   LEU LEU A . n 
A 1 27  VAL 27  5   5   VAL VAL A . n 
A 1 28  TYR 28  6   6   TYR TYR A . n 
A 1 29  TYR 29  7   7   TYR TYR A . n 
A 1 30  VAL 30  8   8   VAL VAL A . n 
A 1 31  ALA 31  9   9   ALA ALA A . n 
A 1 32  ALA 32  10  10  ALA ALA A . n 
A 1 33  THR 33  11  11  THR THR A . n 
A 1 34  LEU 34  12  12  LEU LEU A . n 
A 1 35  ASP 35  13  13  ASP ASP A . n 
A 1 36  GLY 36  14  14  GLY GLY A . n 
A 1 37  TYR 37  15  15  TYR TYR A . n 
A 1 38  ILE 38  16  16  ILE ILE A . n 
A 1 39  ALA 39  17  17  ALA ALA A . n 
A 1 40  THR 40  18  18  THR THR A . n 
A 1 41  GLN 41  19  19  GLN GLN A . n 
A 1 42  GLN 42  20  20  GLN GLN A . n 
A 1 43  HIS 43  21  21  HIS HIS A . n 
A 1 44  LYS 44  22  22  LYS LYS A . n 
A 1 45  LEU 45  23  23  LEU LEU A . n 
A 1 46  ASP 46  24  24  ASP ASP A . n 
A 1 47  TRP 47  25  25  TRP TRP A . n 
A 1 48  LEU 48  26  26  LEU LEU A . n 
A 1 49  GLU 49  27  27  GLU GLU A . n 
A 1 50  ASN 50  28  28  ASN ASN A . n 
A 1 51  PHE 51  29  29  PHE PHE A . n 
A 1 52  ALA 52  30  30  ALA ALA A . n 
A 1 53  LEU 53  31  31  LEU LEU A . n 
A 1 54  GLY 54  32  32  GLY GLY A . n 
A 1 55  ASP 55  33  33  ASP ASP A . n 
A 1 56  ASP 56  34  34  ASP ASP A . n 
A 1 57  ALA 57  35  35  ALA ALA A . n 
A 1 58  THR 58  36  36  THR THR A . n 
A 1 59  ALA 59  37  37  ALA ALA A . n 
A 1 60  TYR 60  38  38  TYR TYR A . n 
A 1 61  ASP 61  39  39  ASP ASP A . n 
A 1 62  ASP 62  40  40  ASP ASP A . n 
A 1 63  PHE 63  41  41  PHE PHE A . n 
A 1 64  TYR 64  42  42  TYR TYR A . n 
A 1 65  GLN 65  43  43  GLN GLN A . n 
A 1 66  THR 66  44  44  THR THR A . n 
A 1 67  ILE 67  45  45  ILE ILE A . n 
A 1 68  GLY 68  46  46  GLY GLY A . n 
A 1 69  ALA 69  47  47  ALA ALA A . n 
A 1 70  VAL 70  48  48  VAL VAL A . n 
A 1 71  VAL 71  49  49  VAL VAL A . n 
A 1 72  MET 72  50  50  MET MET A . n 
A 1 73  GLY 73  51  51  GLY GLY A . n 
A 1 74  SER 74  52  52  SER SER A . n 
A 1 75  GLN 75  53  53  GLN GLN A . n 
A 1 76  THR 76  54  54  THR THR A . n 
A 1 77  TYR 77  55  55  TYR TYR A . n 
A 1 78  GLU 78  56  56  GLU GLU A . n 
A 1 79  TRP 79  57  57  TRP TRP A . n 
A 1 80  ILE 80  58  58  ILE ILE A . n 
A 1 81  MET 81  59  59  MET MET A . n 
A 1 82  SER 82  60  60  SER SER A . n 
A 1 83  ASN 83  61  61  ASN ASN A . n 
A 1 84  ALA 84  62  62  ALA ALA A . n 
A 1 85  PRO 85  63  63  PRO PRO A . n 
A 1 86  ASP 86  64  64  ASP ASP A . n 
A 1 87  ASP 87  65  65  ASP ASP A . n 
A 1 88  TRP 88  66  66  TRP TRP A . n 
A 1 89  PRO 89  67  67  PRO PRO A . n 
A 1 90  TYR 90  68  68  TYR TYR A . n 
A 1 91  GLN 91  69  69  GLN GLN A . n 
A 1 92  ASP 92  70  70  ASP ASP A . n 
A 1 93  VAL 93  71  71  VAL VAL A . n 
A 1 94  PRO 94  72  72  PRO PRO A . n 
A 1 95  ALA 95  73  73  ALA ALA A . n 
A 1 96  PHE 96  74  74  PHE PHE A . n 
A 1 97  VAL 97  75  75  VAL VAL A . n 
A 1 98  MET 98  76  76  MET MET A . n 
A 1 99  SER 99  77  77  SER SER A . n 
A 1 100 ASN 100 78  78  ASN ASN A . n 
A 1 101 ARG 101 79  79  ARG ARG A . n 
A 1 102 ASP 102 80  80  ASP ASP A . n 
A 1 103 LEU 103 81  81  LEU LEU A . n 
A 1 104 SER 104 82  82  SER SER A . n 
A 1 105 ALA 105 83  83  ALA ALA A . n 
A 1 106 PRO 106 84  84  PRO PRO A . n 
A 1 107 ALA 107 85  85  ALA ALA A . n 
A 1 108 ASN 108 86  86  ASN ASN A . n 
A 1 109 LEU 109 87  87  LEU LEU A . n 
A 1 110 ASP 110 88  88  ASP ASP A . n 
A 1 111 ILE 111 89  89  ILE ILE A . n 
A 1 112 THR 112 90  90  THR THR A . n 
A 1 113 PHE 113 91  91  PHE PHE A . n 
A 1 114 LEU 114 92  92  LEU LEU A . n 
A 1 115 ARG 115 93  93  ARG ARG A . n 
A 1 116 GLY 116 94  94  GLY GLY A . n 
A 1 117 ASP 117 95  95  ASP ASP A . n 
A 1 118 ALA 118 96  96  ALA ALA A . n 
A 1 119 SER 119 97  97  SER SER A . n 
A 1 120 ALA 120 98  98  ALA ALA A . n 
A 1 121 ILE 121 99  99  ILE ILE A . n 
A 1 122 ALA 122 100 100 ALA ALA A . n 
A 1 123 VAL 123 101 101 VAL VAL A . n 
A 1 124 ARG 124 102 102 ARG ARG A . n 
A 1 125 ALA 125 103 103 ALA ALA A . n 
A 1 126 ARG 126 104 104 ARG ARG A . n 
A 1 127 GLN 127 105 105 GLN GLN A . n 
A 1 128 ALA 128 106 106 ALA ALA A . n 
A 1 129 ALA 129 107 107 ALA ALA A . n 
A 1 130 LYS 130 108 108 LYS LYS A . n 
A 1 131 GLY 131 109 109 GLY GLY A . n 
A 1 132 LYS 132 110 110 LYS LYS A . n 
A 1 133 ASN 133 111 111 ASN ASN A . n 
A 1 134 VAL 134 112 112 VAL VAL A . n 
A 1 135 TRP 135 113 113 TRP TRP A . n 
A 1 136 LEU 136 114 114 LEU LEU A . n 
A 1 137 VAL 137 115 115 VAL VAL A . n 
A 1 138 GLY 138 116 116 GLY GLY A . n 
A 1 139 GLY 139 117 117 GLY GLY A . n 
A 1 140 GLY 140 118 118 GLY GLY A . n 
A 1 141 LYS 141 119 119 LYS LYS A . n 
A 1 142 THR 142 120 120 THR THR A . n 
A 1 143 ALA 143 121 121 ALA ALA A . n 
A 1 144 ALA 144 122 122 ALA ALA A . n 
A 1 145 CYS 145 123 123 CYS CYS A . n 
A 1 146 PHE 146 124 124 PHE PHE A . n 
A 1 147 ALA 147 125 125 ALA ALA A . n 
A 1 148 ASN 148 126 126 ASN ASN A . n 
A 1 149 ALA 149 127 127 ALA ALA A . n 
A 1 150 GLY 150 128 128 GLY GLY A . n 
A 1 151 GLU 151 129 129 GLU GLU A . n 
A 1 152 LEU 152 130 130 LEU LEU A . n 
A 1 153 GLN 153 131 131 GLN GLN A . n 
A 1 154 GLN 154 132 132 GLN GLN A . n 
A 1 155 LEU 155 133 133 LEU LEU A . n 
A 1 156 PHE 156 134 134 PHE PHE A . n 
A 1 157 ILE 157 135 135 ILE ILE A . n 
A 1 158 THR 158 136 136 THR THR A . n 
A 1 159 THR 159 137 137 THR THR A . n 
A 1 160 ILE 160 138 138 ILE ILE A . n 
A 1 161 PRO 161 139 139 PRO PRO A . n 
A 1 162 THR 162 140 140 THR THR A . n 
A 1 163 PHE 163 141 141 PHE PHE A . n 
A 1 164 ILE 164 142 142 ILE ILE A . n 
A 1 165 GLY 165 143 143 GLY GLY A . n 
A 1 166 THR 166 144 144 THR THR A . n 
A 1 167 GLY 167 145 145 GLY GLY A . n 
A 1 168 VAL 168 146 146 VAL VAL A . n 
A 1 169 PRO 169 147 147 PRO PRO A . n 
A 1 170 VAL 170 148 148 VAL VAL A . n 
A 1 171 LEU 171 149 149 LEU LEU A . n 
A 1 172 PRO 172 150 150 PRO PRO A . n 
A 1 173 VAL 173 151 151 VAL VAL A . n 
A 1 174 ASP 174 152 152 ASP ASP A . n 
A 1 175 ARG 175 153 153 ARG ARG A . n 
A 1 176 ALA 176 154 154 ALA ALA A . n 
A 1 177 LEU 177 155 155 LEU LEU A . n 
A 1 178 GLU 178 156 156 GLU GLU A . n 
A 1 179 VAL 179 157 157 VAL VAL A . n 
A 1 180 VAL 180 158 158 VAL VAL A . n 
A 1 181 LEU 181 159 159 LEU LEU A . n 
A 1 182 ARG 182 160 160 ARG ARG A . n 
A 1 183 GLU 183 161 161 GLU GLU A . n 
A 1 184 GLN 184 162 162 GLN GLN A . n 
A 1 185 ARG 185 163 163 ARG ARG A . n 
A 1 186 THR 186 164 164 THR THR A . n 
A 1 187 LEU 187 165 165 LEU LEU A . n 
A 1 188 GLN 188 166 166 GLN GLN A . n 
A 1 189 SER 189 167 167 SER SER A . n 
A 1 190 GLY 190 168 168 GLY GLY A . n 
A 1 191 ALA 191 169 169 ALA ALA A . n 
A 1 192 MET 192 170 170 MET MET A . n 
A 1 193 GLU 193 171 171 GLU GLU A . n 
A 1 194 CYS 194 172 172 CYS CYS A . n 
A 1 195 ILE 195 173 173 ILE ILE A . n 
A 1 196 LEU 196 174 174 LEU LEU A . n 
A 1 197 ASP 197 175 175 ASP ASP A . n 
A 1 198 VAL 198 176 176 VAL VAL A . n 
A 1 199 LYS 199 177 ?   ?   ?   A . n 
A 1 200 LYS 200 178 ?   ?   ?   A . n 
A 1 201 ALA 201 179 ?   ?   ?   A . n 
A 1 202 ASP 202 180 ?   ?   ?   A . n 
# 
loop_
_pdbx_contact_author.id 
_pdbx_contact_author.email 
_pdbx_contact_author.name_first 
_pdbx_contact_author.name_last 
_pdbx_contact_author.name_mi 
_pdbx_contact_author.role 
_pdbx_contact_author.identifier_ORCID 
2 mma@bjmu.edu.cn   Ming    Ma   ? 'principal investigator/group leader' 0000-0001-8311-3892 
3 gltang@sioc.ac.cn Gong-Li Tang ? 'principal investigator/group leader' 0000-0003-3149-4683 
# 
loop_
_pdbx_nonpoly_scheme.asym_id 
_pdbx_nonpoly_scheme.entity_id 
_pdbx_nonpoly_scheme.mon_id 
_pdbx_nonpoly_scheme.ndb_seq_num 
_pdbx_nonpoly_scheme.pdb_seq_num 
_pdbx_nonpoly_scheme.auth_seq_num 
_pdbx_nonpoly_scheme.pdb_mon_id 
_pdbx_nonpoly_scheme.auth_mon_id 
_pdbx_nonpoly_scheme.pdb_strand_id 
_pdbx_nonpoly_scheme.pdb_ins_code 
B 2 NDP 1  201 181 NDP NDP A . 
C 3 HOH 1  301 6   HOH HOH A . 
C 3 HOH 2  302 14  HOH HOH A . 
C 3 HOH 3  303 25  HOH HOH A . 
C 3 HOH 4  304 8   HOH HOH A . 
C 3 HOH 5  305 24  HOH HOH A . 
C 3 HOH 6  306 13  HOH HOH A . 
C 3 HOH 7  307 9   HOH HOH A . 
C 3 HOH 8  308 11  HOH HOH A . 
C 3 HOH 9  309 3   HOH HOH A . 
C 3 HOH 10 310 10  HOH HOH A . 
C 3 HOH 11 311 2   HOH HOH A . 
C 3 HOH 12 312 27  HOH HOH A . 
C 3 HOH 13 313 15  HOH HOH A . 
C 3 HOH 14 314 22  HOH HOH A . 
C 3 HOH 15 315 16  HOH HOH A . 
C 3 HOH 16 316 7   HOH HOH A . 
C 3 HOH 17 317 26  HOH HOH A . 
# 
_pdbx_struct_assembly.id                   1 
_pdbx_struct_assembly.details              author_defined_assembly 
_pdbx_struct_assembly.method_details       ? 
_pdbx_struct_assembly.oligomeric_details   monomeric 
_pdbx_struct_assembly.oligomeric_count     1 
# 
_pdbx_struct_assembly_gen.assembly_id       1 
_pdbx_struct_assembly_gen.oper_expression   1 
_pdbx_struct_assembly_gen.asym_id_list      A,B,C 
# 
_pdbx_struct_oper_list.id                   1 
_pdbx_struct_oper_list.type                 'identity operation' 
_pdbx_struct_oper_list.name                 1_555 
_pdbx_struct_oper_list.symmetry_operation   x,y,z 
_pdbx_struct_oper_list.matrix[1][1]         1.0000000000 
_pdbx_struct_oper_list.matrix[1][2]         0.0000000000 
_pdbx_struct_oper_list.matrix[1][3]         0.0000000000 
_pdbx_struct_oper_list.vector[1]            0.0000000000 
_pdbx_struct_oper_list.matrix[2][1]         0.0000000000 
_pdbx_struct_oper_list.matrix[2][2]         1.0000000000 
_pdbx_struct_oper_list.matrix[2][3]         0.0000000000 
_pdbx_struct_oper_list.vector[2]            0.0000000000 
_pdbx_struct_oper_list.matrix[3][1]         0.0000000000 
_pdbx_struct_oper_list.matrix[3][2]         0.0000000000 
_pdbx_struct_oper_list.matrix[3][3]         1.0000000000 
_pdbx_struct_oper_list.vector[3]            0.0000000000 
# 
loop_
_pdbx_audit_revision_history.ordinal 
_pdbx_audit_revision_history.data_content_type 
_pdbx_audit_revision_history.major_revision 
_pdbx_audit_revision_history.minor_revision 
_pdbx_audit_revision_history.revision_date 
1 'Structure model' 1 0 2023-02-08 
2 'Structure model' 1 1 2023-04-12 
3 'Structure model' 1 2 2023-11-29 
# 
_pdbx_audit_revision_details.ordinal             1 
_pdbx_audit_revision_details.revision_ordinal    1 
_pdbx_audit_revision_details.data_content_type   'Structure model' 
_pdbx_audit_revision_details.provider            repository 
_pdbx_audit_revision_details.type                'Initial release' 
_pdbx_audit_revision_details.description         ? 
_pdbx_audit_revision_details.details             ? 
# 
loop_
_pdbx_audit_revision_group.ordinal 
_pdbx_audit_revision_group.revision_ordinal 
_pdbx_audit_revision_group.data_content_type 
_pdbx_audit_revision_group.group 
1 2 'Structure model' 'Database references'    
2 3 'Structure model' 'Data collection'        
3 3 'Structure model' 'Refinement description' 
# 
loop_
_pdbx_audit_revision_category.ordinal 
_pdbx_audit_revision_category.revision_ordinal 
_pdbx_audit_revision_category.data_content_type 
_pdbx_audit_revision_category.category 
1 2 'Structure model' citation                      
2 3 'Structure model' chem_comp_atom                
3 3 'Structure model' chem_comp_bond                
4 3 'Structure model' pdbx_initial_refinement_model 
# 
loop_
_pdbx_audit_revision_item.ordinal 
_pdbx_audit_revision_item.revision_ordinal 
_pdbx_audit_revision_item.data_content_type 
_pdbx_audit_revision_item.item 
1 2 'Structure model' '_citation.journal_id_ISSN'         
2 2 'Structure model' '_citation.journal_volume'          
3 2 'Structure model' '_citation.page_first'              
4 2 'Structure model' '_citation.page_last'               
5 2 'Structure model' '_citation.pdbx_database_id_PubMed' 
6 2 'Structure model' '_citation.title'                   
7 2 'Structure model' '_citation.year'                    
# 
loop_
_software.citation_id 
_software.classification 
_software.compiler_name 
_software.compiler_version 
_software.contact_author 
_software.contact_author_email 
_software.date 
_software.description 
_software.dependencies 
_software.hardware 
_software.language 
_software.location 
_software.mods 
_software.name 
_software.os 
_software.os_version 
_software.type 
_software.version 
_software.pdbx_ordinal 
? refinement        ? ? ? ? ? ? ? ? ? ? ? PHENIX      ? ? ? 1.19 1 
? 'data extraction' ? ? ? ? ? ? ? ? ? ? ? PDB_EXTRACT ? ? ? 3.27 2 
? 'data reduction'  ? ? ? ? ? ? ? ? ? ? ? CrysalisPro ? ? ? .    3 
? 'data scaling'    ? ? ? ? ? ? ? ? ? ? ? CrysalisPro ? ? ? .    4 
? phasing           ? ? ? ? ? ? ? ? ? ? ? PHENIX      ? ? ? .    5 
# 
_pdbx_entry_details.entry_id                 7XH2 
_pdbx_entry_details.nonpolymer_details       ? 
_pdbx_entry_details.sequence_details         ? 
_pdbx_entry_details.compound_details         ? 
_pdbx_entry_details.source_details           ? 
_pdbx_entry_details.has_ligand_of_interest   Y 
# 
loop_
_pdbx_validate_torsion.id 
_pdbx_validate_torsion.PDB_model_num 
_pdbx_validate_torsion.auth_comp_id 
_pdbx_validate_torsion.auth_asym_id 
_pdbx_validate_torsion.auth_seq_id 
_pdbx_validate_torsion.PDB_ins_code 
_pdbx_validate_torsion.label_alt_id 
_pdbx_validate_torsion.phi 
_pdbx_validate_torsion.psi 
1 1 LEU A 23  ? ? -143.73 27.07 
2 1 ASP A 64  ? ? -98.60  32.30 
3 1 ASP A 65  ? ? -160.24 93.35 
4 1 LYS A 108 ? ? 71.27   40.13 
5 1 LEU A 149 ? ? -154.40 70.43 
# 
loop_
_pdbx_unobs_or_zero_occ_residues.id 
_pdbx_unobs_or_zero_occ_residues.PDB_model_num 
_pdbx_unobs_or_zero_occ_residues.polymer_flag 
_pdbx_unobs_or_zero_occ_residues.occupancy_flag 
_pdbx_unobs_or_zero_occ_residues.auth_asym_id 
_pdbx_unobs_or_zero_occ_residues.auth_comp_id 
_pdbx_unobs_or_zero_occ_residues.auth_seq_id 
_pdbx_unobs_or_zero_occ_residues.PDB_ins_code 
_pdbx_unobs_or_zero_occ_residues.label_asym_id 
_pdbx_unobs_or_zero_occ_residues.label_comp_id 
_pdbx_unobs_or_zero_occ_residues.label_seq_id 
1  1 Y 1 A MET -21 ? A MET 1   
2  1 Y 1 A GLY -20 ? A GLY 2   
3  1 Y 1 A SER -19 ? A SER 3   
4  1 Y 1 A SER -18 ? A SER 4   
5  1 Y 1 A HIS -17 ? A HIS 5   
6  1 Y 1 A HIS -16 ? A HIS 6   
7  1 Y 1 A HIS -15 ? A HIS 7   
8  1 Y 1 A HIS -14 ? A HIS 8   
9  1 Y 1 A HIS -13 ? A HIS 9   
10 1 Y 1 A HIS -12 ? A HIS 10  
11 1 Y 1 A SER -11 ? A SER 11  
12 1 Y 1 A SER -10 ? A SER 12  
13 1 Y 1 A GLY -9  ? A GLY 13  
14 1 Y 1 A LEU -8  ? A LEU 14  
15 1 Y 1 A VAL -7  ? A VAL 15  
16 1 Y 1 A PRO -6  ? A PRO 16  
17 1 Y 1 A ARG -5  ? A ARG 17  
18 1 Y 1 A GLY -4  ? A GLY 18  
19 1 Y 1 A SER -3  ? A SER 19  
20 1 Y 1 A HIS -2  ? A HIS 20  
21 1 Y 1 A MET -1  ? A MET 21  
22 1 Y 1 A ALA 0   ? A ALA 22  
23 1 Y 1 A LYS 177 ? A LYS 199 
24 1 Y 1 A LYS 178 ? A LYS 200 
25 1 Y 1 A ALA 179 ? A ALA 201 
26 1 Y 1 A ASP 180 ? A ASP 202 
# 
loop_
_chem_comp_atom.comp_id 
_chem_comp_atom.atom_id 
_chem_comp_atom.type_symbol 
_chem_comp_atom.pdbx_aromatic_flag 
_chem_comp_atom.pdbx_stereo_config 
_chem_comp_atom.pdbx_ordinal 
ALA N    N N N 1   
ALA CA   C N S 2   
ALA C    C N N 3   
ALA O    O N N 4   
ALA CB   C N N 5   
ALA OXT  O N N 6   
ALA H    H N N 7   
ALA H2   H N N 8   
ALA HA   H N N 9   
ALA HB1  H N N 10  
ALA HB2  H N N 11  
ALA HB3  H N N 12  
ALA HXT  H N N 13  
ARG N    N N N 14  
ARG CA   C N S 15  
ARG C    C N N 16  
ARG O    O N N 17  
ARG CB   C N N 18  
ARG CG   C N N 19  
ARG CD   C N N 20  
ARG NE   N N N 21  
ARG CZ   C N N 22  
ARG NH1  N N N 23  
ARG NH2  N N N 24  
ARG OXT  O N N 25  
ARG H    H N N 26  
ARG H2   H N N 27  
ARG HA   H N N 28  
ARG HB2  H N N 29  
ARG HB3  H N N 30  
ARG HG2  H N N 31  
ARG HG3  H N N 32  
ARG HD2  H N N 33  
ARG HD3  H N N 34  
ARG HE   H N N 35  
ARG HH11 H N N 36  
ARG HH12 H N N 37  
ARG HH21 H N N 38  
ARG HH22 H N N 39  
ARG HXT  H N N 40  
ASN N    N N N 41  
ASN CA   C N S 42  
ASN C    C N N 43  
ASN O    O N N 44  
ASN CB   C N N 45  
ASN CG   C N N 46  
ASN OD1  O N N 47  
ASN ND2  N N N 48  
ASN OXT  O N N 49  
ASN H    H N N 50  
ASN H2   H N N 51  
ASN HA   H N N 52  
ASN HB2  H N N 53  
ASN HB3  H N N 54  
ASN HD21 H N N 55  
ASN HD22 H N N 56  
ASN HXT  H N N 57  
ASP N    N N N 58  
ASP CA   C N S 59  
ASP C    C N N 60  
ASP O    O N N 61  
ASP CB   C N N 62  
ASP CG   C N N 63  
ASP OD1  O N N 64  
ASP OD2  O N N 65  
ASP OXT  O N N 66  
ASP H    H N N 67  
ASP H2   H N N 68  
ASP HA   H N N 69  
ASP HB2  H N N 70  
ASP HB3  H N N 71  
ASP HD2  H N N 72  
ASP HXT  H N N 73  
CYS N    N N N 74  
CYS CA   C N R 75  
CYS C    C N N 76  
CYS O    O N N 77  
CYS CB   C N N 78  
CYS SG   S N N 79  
CYS OXT  O N N 80  
CYS H    H N N 81  
CYS H2   H N N 82  
CYS HA   H N N 83  
CYS HB2  H N N 84  
CYS HB3  H N N 85  
CYS HG   H N N 86  
CYS HXT  H N N 87  
GLN N    N N N 88  
GLN CA   C N S 89  
GLN C    C N N 90  
GLN O    O N N 91  
GLN CB   C N N 92  
GLN CG   C N N 93  
GLN CD   C N N 94  
GLN OE1  O N N 95  
GLN NE2  N N N 96  
GLN OXT  O N N 97  
GLN H    H N N 98  
GLN H2   H N N 99  
GLN HA   H N N 100 
GLN HB2  H N N 101 
GLN HB3  H N N 102 
GLN HG2  H N N 103 
GLN HG3  H N N 104 
GLN HE21 H N N 105 
GLN HE22 H N N 106 
GLN HXT  H N N 107 
GLU N    N N N 108 
GLU CA   C N S 109 
GLU C    C N N 110 
GLU O    O N N 111 
GLU CB   C N N 112 
GLU CG   C N N 113 
GLU CD   C N N 114 
GLU OE1  O N N 115 
GLU OE2  O N N 116 
GLU OXT  O N N 117 
GLU H    H N N 118 
GLU H2   H N N 119 
GLU HA   H N N 120 
GLU HB2  H N N 121 
GLU HB3  H N N 122 
GLU HG2  H N N 123 
GLU HG3  H N N 124 
GLU HE2  H N N 125 
GLU HXT  H N N 126 
GLY N    N N N 127 
GLY CA   C N N 128 
GLY C    C N N 129 
GLY O    O N N 130 
GLY OXT  O N N 131 
GLY H    H N N 132 
GLY H2   H N N 133 
GLY HA2  H N N 134 
GLY HA3  H N N 135 
GLY HXT  H N N 136 
HIS N    N N N 137 
HIS CA   C N S 138 
HIS C    C N N 139 
HIS O    O N N 140 
HIS CB   C N N 141 
HIS CG   C Y N 142 
HIS ND1  N Y N 143 
HIS CD2  C Y N 144 
HIS CE1  C Y N 145 
HIS NE2  N Y N 146 
HIS OXT  O N N 147 
HIS H    H N N 148 
HIS H2   H N N 149 
HIS HA   H N N 150 
HIS HB2  H N N 151 
HIS HB3  H N N 152 
HIS HD1  H N N 153 
HIS HD2  H N N 154 
HIS HE1  H N N 155 
HIS HE2  H N N 156 
HIS HXT  H N N 157 
HOH O    O N N 158 
HOH H1   H N N 159 
HOH H2   H N N 160 
ILE N    N N N 161 
ILE CA   C N S 162 
ILE C    C N N 163 
ILE O    O N N 164 
ILE CB   C N S 165 
ILE CG1  C N N 166 
ILE CG2  C N N 167 
ILE CD1  C N N 168 
ILE OXT  O N N 169 
ILE H    H N N 170 
ILE H2   H N N 171 
ILE HA   H N N 172 
ILE HB   H N N 173 
ILE HG12 H N N 174 
ILE HG13 H N N 175 
ILE HG21 H N N 176 
ILE HG22 H N N 177 
ILE HG23 H N N 178 
ILE HD11 H N N 179 
ILE HD12 H N N 180 
ILE HD13 H N N 181 
ILE HXT  H N N 182 
LEU N    N N N 183 
LEU CA   C N S 184 
LEU C    C N N 185 
LEU O    O N N 186 
LEU CB   C N N 187 
LEU CG   C N N 188 
LEU CD1  C N N 189 
LEU CD2  C N N 190 
LEU OXT  O N N 191 
LEU H    H N N 192 
LEU H2   H N N 193 
LEU HA   H N N 194 
LEU HB2  H N N 195 
LEU HB3  H N N 196 
LEU HG   H N N 197 
LEU HD11 H N N 198 
LEU HD12 H N N 199 
LEU HD13 H N N 200 
LEU HD21 H N N 201 
LEU HD22 H N N 202 
LEU HD23 H N N 203 
LEU HXT  H N N 204 
LYS N    N N N 205 
LYS CA   C N S 206 
LYS C    C N N 207 
LYS O    O N N 208 
LYS CB   C N N 209 
LYS CG   C N N 210 
LYS CD   C N N 211 
LYS CE   C N N 212 
LYS NZ   N N N 213 
LYS OXT  O N N 214 
LYS H    H N N 215 
LYS H2   H N N 216 
LYS HA   H N N 217 
LYS HB2  H N N 218 
LYS HB3  H N N 219 
LYS HG2  H N N 220 
LYS HG3  H N N 221 
LYS HD2  H N N 222 
LYS HD3  H N N 223 
LYS HE2  H N N 224 
LYS HE3  H N N 225 
LYS HZ1  H N N 226 
LYS HZ2  H N N 227 
LYS HZ3  H N N 228 
LYS HXT  H N N 229 
MET N    N N N 230 
MET CA   C N S 231 
MET C    C N N 232 
MET O    O N N 233 
MET CB   C N N 234 
MET CG   C N N 235 
MET SD   S N N 236 
MET CE   C N N 237 
MET OXT  O N N 238 
MET H    H N N 239 
MET H2   H N N 240 
MET HA   H N N 241 
MET HB2  H N N 242 
MET HB3  H N N 243 
MET HG2  H N N 244 
MET HG3  H N N 245 
MET HE1  H N N 246 
MET HE2  H N N 247 
MET HE3  H N N 248 
MET HXT  H N N 249 
NDP PA   P N S 250 
NDP O1A  O N N 251 
NDP O2A  O N N 252 
NDP O5B  O N N 253 
NDP C5B  C N N 254 
NDP C4B  C N R 255 
NDP O4B  O N N 256 
NDP C3B  C N R 257 
NDP O3B  O N N 258 
NDP C2B  C N R 259 
NDP O2B  O N N 260 
NDP C1B  C N R 261 
NDP N9A  N Y N 262 
NDP C8A  C Y N 263 
NDP N7A  N Y N 264 
NDP C5A  C Y N 265 
NDP C6A  C Y N 266 
NDP N6A  N N N 267 
NDP N1A  N Y N 268 
NDP C2A  C Y N 269 
NDP N3A  N Y N 270 
NDP C4A  C Y N 271 
NDP O3   O N N 272 
NDP PN   P N S 273 
NDP O1N  O N N 274 
NDP O2N  O N N 275 
NDP O5D  O N N 276 
NDP C5D  C N N 277 
NDP C4D  C N R 278 
NDP O4D  O N N 279 
NDP C3D  C N S 280 
NDP O3D  O N N 281 
NDP C2D  C N R 282 
NDP O2D  O N N 283 
NDP C1D  C N R 284 
NDP N1N  N N N 285 
NDP C2N  C N N 286 
NDP C3N  C N N 287 
NDP C7N  C N N 288 
NDP O7N  O N N 289 
NDP N7N  N N N 290 
NDP C4N  C N N 291 
NDP C5N  C N N 292 
NDP C6N  C N N 293 
NDP P2B  P N N 294 
NDP O1X  O N N 295 
NDP O2X  O N N 296 
NDP O3X  O N N 297 
NDP HOA2 H N N 298 
NDP H51A H N N 299 
NDP H52A H N N 300 
NDP H4B  H N N 301 
NDP H3B  H N N 302 
NDP HO3A H N N 303 
NDP H2B  H N N 304 
NDP H1B  H N N 305 
NDP H8A  H N N 306 
NDP H61A H N N 307 
NDP H62A H N N 308 
NDP H2A  H N N 309 
NDP H21N H N N 310 
NDP H51N H N N 311 
NDP H52N H N N 312 
NDP H4D  H N N 313 
NDP H3D  H N N 314 
NDP HO3N H N N 315 
NDP H2D  H N N 316 
NDP HO2N H N N 317 
NDP H1D  H N N 318 
NDP H2N  H N N 319 
NDP H71N H N N 320 
NDP H72N H N N 321 
NDP H41N H N N 322 
NDP H42N H N N 323 
NDP H5N  H N N 324 
NDP H6N  H N N 325 
NDP HOP2 H N N 326 
NDP HOP3 H N N 327 
PHE N    N N N 328 
PHE CA   C N S 329 
PHE C    C N N 330 
PHE O    O N N 331 
PHE CB   C N N 332 
PHE CG   C Y N 333 
PHE CD1  C Y N 334 
PHE CD2  C Y N 335 
PHE CE1  C Y N 336 
PHE CE2  C Y N 337 
PHE CZ   C Y N 338 
PHE OXT  O N N 339 
PHE H    H N N 340 
PHE H2   H N N 341 
PHE HA   H N N 342 
PHE HB2  H N N 343 
PHE HB3  H N N 344 
PHE HD1  H N N 345 
PHE HD2  H N N 346 
PHE HE1  H N N 347 
PHE HE2  H N N 348 
PHE HZ   H N N 349 
PHE HXT  H N N 350 
PRO N    N N N 351 
PRO CA   C N S 352 
PRO C    C N N 353 
PRO O    O N N 354 
PRO CB   C N N 355 
PRO CG   C N N 356 
PRO CD   C N N 357 
PRO OXT  O N N 358 
PRO H    H N N 359 
PRO HA   H N N 360 
PRO HB2  H N N 361 
PRO HB3  H N N 362 
PRO HG2  H N N 363 
PRO HG3  H N N 364 
PRO HD2  H N N 365 
PRO HD3  H N N 366 
PRO HXT  H N N 367 
SER N    N N N 368 
SER CA   C N S 369 
SER C    C N N 370 
SER O    O N N 371 
SER CB   C N N 372 
SER OG   O N N 373 
SER OXT  O N N 374 
SER H    H N N 375 
SER H2   H N N 376 
SER HA   H N N 377 
SER HB2  H N N 378 
SER HB3  H N N 379 
SER HG   H N N 380 
SER HXT  H N N 381 
THR N    N N N 382 
THR CA   C N S 383 
THR C    C N N 384 
THR O    O N N 385 
THR CB   C N R 386 
THR OG1  O N N 387 
THR CG2  C N N 388 
THR OXT  O N N 389 
THR H    H N N 390 
THR H2   H N N 391 
THR HA   H N N 392 
THR HB   H N N 393 
THR HG1  H N N 394 
THR HG21 H N N 395 
THR HG22 H N N 396 
THR HG23 H N N 397 
THR HXT  H N N 398 
TRP N    N N N 399 
TRP CA   C N S 400 
TRP C    C N N 401 
TRP O    O N N 402 
TRP CB   C N N 403 
TRP CG   C Y N 404 
TRP CD1  C Y N 405 
TRP CD2  C Y N 406 
TRP NE1  N Y N 407 
TRP CE2  C Y N 408 
TRP CE3  C Y N 409 
TRP CZ2  C Y N 410 
TRP CZ3  C Y N 411 
TRP CH2  C Y N 412 
TRP OXT  O N N 413 
TRP H    H N N 414 
TRP H2   H N N 415 
TRP HA   H N N 416 
TRP HB2  H N N 417 
TRP HB3  H N N 418 
TRP HD1  H N N 419 
TRP HE1  H N N 420 
TRP HE3  H N N 421 
TRP HZ2  H N N 422 
TRP HZ3  H N N 423 
TRP HH2  H N N 424 
TRP HXT  H N N 425 
TYR N    N N N 426 
TYR CA   C N S 427 
TYR C    C N N 428 
TYR O    O N N 429 
TYR CB   C N N 430 
TYR CG   C Y N 431 
TYR CD1  C Y N 432 
TYR CD2  C Y N 433 
TYR CE1  C Y N 434 
TYR CE2  C Y N 435 
TYR CZ   C Y N 436 
TYR OH   O N N 437 
TYR OXT  O N N 438 
TYR H    H N N 439 
TYR H2   H N N 440 
TYR HA   H N N 441 
TYR HB2  H N N 442 
TYR HB3  H N N 443 
TYR HD1  H N N 444 
TYR HD2  H N N 445 
TYR HE1  H N N 446 
TYR HE2  H N N 447 
TYR HH   H N N 448 
TYR HXT  H N N 449 
VAL N    N N N 450 
VAL CA   C N S 451 
VAL C    C N N 452 
VAL O    O N N 453 
VAL CB   C N N 454 
VAL CG1  C N N 455 
VAL CG2  C N N 456 
VAL OXT  O N N 457 
VAL H    H N N 458 
VAL H2   H N N 459 
VAL HA   H N N 460 
VAL HB   H N N 461 
VAL HG11 H N N 462 
VAL HG12 H N N 463 
VAL HG13 H N N 464 
VAL HG21 H N N 465 
VAL HG22 H N N 466 
VAL HG23 H N N 467 
VAL HXT  H N N 468 
# 
loop_
_chem_comp_bond.comp_id 
_chem_comp_bond.atom_id_1 
_chem_comp_bond.atom_id_2 
_chem_comp_bond.value_order 
_chem_comp_bond.pdbx_aromatic_flag 
_chem_comp_bond.pdbx_stereo_config 
_chem_comp_bond.pdbx_ordinal 
ALA N   CA   sing N N 1   
ALA N   H    sing N N 2   
ALA N   H2   sing N N 3   
ALA CA  C    sing N N 4   
ALA CA  CB   sing N N 5   
ALA CA  HA   sing N N 6   
ALA C   O    doub N N 7   
ALA C   OXT  sing N N 8   
ALA CB  HB1  sing N N 9   
ALA CB  HB2  sing N N 10  
ALA CB  HB3  sing N N 11  
ALA OXT HXT  sing N N 12  
ARG N   CA   sing N N 13  
ARG N   H    sing N N 14  
ARG N   H2   sing N N 15  
ARG CA  C    sing N N 16  
ARG CA  CB   sing N N 17  
ARG CA  HA   sing N N 18  
ARG C   O    doub N N 19  
ARG C   OXT  sing N N 20  
ARG CB  CG   sing N N 21  
ARG CB  HB2  sing N N 22  
ARG CB  HB3  sing N N 23  
ARG CG  CD   sing N N 24  
ARG CG  HG2  sing N N 25  
ARG CG  HG3  sing N N 26  
ARG CD  NE   sing N N 27  
ARG CD  HD2  sing N N 28  
ARG CD  HD3  sing N N 29  
ARG NE  CZ   sing N N 30  
ARG NE  HE   sing N N 31  
ARG CZ  NH1  sing N N 32  
ARG CZ  NH2  doub N N 33  
ARG NH1 HH11 sing N N 34  
ARG NH1 HH12 sing N N 35  
ARG NH2 HH21 sing N N 36  
ARG NH2 HH22 sing N N 37  
ARG OXT HXT  sing N N 38  
ASN N   CA   sing N N 39  
ASN N   H    sing N N 40  
ASN N   H2   sing N N 41  
ASN CA  C    sing N N 42  
ASN CA  CB   sing N N 43  
ASN CA  HA   sing N N 44  
ASN C   O    doub N N 45  
ASN C   OXT  sing N N 46  
ASN CB  CG   sing N N 47  
ASN CB  HB2  sing N N 48  
ASN CB  HB3  sing N N 49  
ASN CG  OD1  doub N N 50  
ASN CG  ND2  sing N N 51  
ASN ND2 HD21 sing N N 52  
ASN ND2 HD22 sing N N 53  
ASN OXT HXT  sing N N 54  
ASP N   CA   sing N N 55  
ASP N   H    sing N N 56  
ASP N   H2   sing N N 57  
ASP CA  C    sing N N 58  
ASP CA  CB   sing N N 59  
ASP CA  HA   sing N N 60  
ASP C   O    doub N N 61  
ASP C   OXT  sing N N 62  
ASP CB  CG   sing N N 63  
ASP CB  HB2  sing N N 64  
ASP CB  HB3  sing N N 65  
ASP CG  OD1  doub N N 66  
ASP CG  OD2  sing N N 67  
ASP OD2 HD2  sing N N 68  
ASP OXT HXT  sing N N 69  
CYS N   CA   sing N N 70  
CYS N   H    sing N N 71  
CYS N   H2   sing N N 72  
CYS CA  C    sing N N 73  
CYS CA  CB   sing N N 74  
CYS CA  HA   sing N N 75  
CYS C   O    doub N N 76  
CYS C   OXT  sing N N 77  
CYS CB  SG   sing N N 78  
CYS CB  HB2  sing N N 79  
CYS CB  HB3  sing N N 80  
CYS SG  HG   sing N N 81  
CYS OXT HXT  sing N N 82  
GLN N   CA   sing N N 83  
GLN N   H    sing N N 84  
GLN N   H2   sing N N 85  
GLN CA  C    sing N N 86  
GLN CA  CB   sing N N 87  
GLN CA  HA   sing N N 88  
GLN C   O    doub N N 89  
GLN C   OXT  sing N N 90  
GLN CB  CG   sing N N 91  
GLN CB  HB2  sing N N 92  
GLN CB  HB3  sing N N 93  
GLN CG  CD   sing N N 94  
GLN CG  HG2  sing N N 95  
GLN CG  HG3  sing N N 96  
GLN CD  OE1  doub N N 97  
GLN CD  NE2  sing N N 98  
GLN NE2 HE21 sing N N 99  
GLN NE2 HE22 sing N N 100 
GLN OXT HXT  sing N N 101 
GLU N   CA   sing N N 102 
GLU N   H    sing N N 103 
GLU N   H2   sing N N 104 
GLU CA  C    sing N N 105 
GLU CA  CB   sing N N 106 
GLU CA  HA   sing N N 107 
GLU C   O    doub N N 108 
GLU C   OXT  sing N N 109 
GLU CB  CG   sing N N 110 
GLU CB  HB2  sing N N 111 
GLU CB  HB3  sing N N 112 
GLU CG  CD   sing N N 113 
GLU CG  HG2  sing N N 114 
GLU CG  HG3  sing N N 115 
GLU CD  OE1  doub N N 116 
GLU CD  OE2  sing N N 117 
GLU OE2 HE2  sing N N 118 
GLU OXT HXT  sing N N 119 
GLY N   CA   sing N N 120 
GLY N   H    sing N N 121 
GLY N   H2   sing N N 122 
GLY CA  C    sing N N 123 
GLY CA  HA2  sing N N 124 
GLY CA  HA3  sing N N 125 
GLY C   O    doub N N 126 
GLY C   OXT  sing N N 127 
GLY OXT HXT  sing N N 128 
HIS N   CA   sing N N 129 
HIS N   H    sing N N 130 
HIS N   H2   sing N N 131 
HIS CA  C    sing N N 132 
HIS CA  CB   sing N N 133 
HIS CA  HA   sing N N 134 
HIS C   O    doub N N 135 
HIS C   OXT  sing N N 136 
HIS CB  CG   sing N N 137 
HIS CB  HB2  sing N N 138 
HIS CB  HB3  sing N N 139 
HIS CG  ND1  sing Y N 140 
HIS CG  CD2  doub Y N 141 
HIS ND1 CE1  doub Y N 142 
HIS ND1 HD1  sing N N 143 
HIS CD2 NE2  sing Y N 144 
HIS CD2 HD2  sing N N 145 
HIS CE1 NE2  sing Y N 146 
HIS CE1 HE1  sing N N 147 
HIS NE2 HE2  sing N N 148 
HIS OXT HXT  sing N N 149 
HOH O   H1   sing N N 150 
HOH O   H2   sing N N 151 
ILE N   CA   sing N N 152 
ILE N   H    sing N N 153 
ILE N   H2   sing N N 154 
ILE CA  C    sing N N 155 
ILE CA  CB   sing N N 156 
ILE CA  HA   sing N N 157 
ILE C   O    doub N N 158 
ILE C   OXT  sing N N 159 
ILE CB  CG1  sing N N 160 
ILE CB  CG2  sing N N 161 
ILE CB  HB   sing N N 162 
ILE CG1 CD1  sing N N 163 
ILE CG1 HG12 sing N N 164 
ILE CG1 HG13 sing N N 165 
ILE CG2 HG21 sing N N 166 
ILE CG2 HG22 sing N N 167 
ILE CG2 HG23 sing N N 168 
ILE CD1 HD11 sing N N 169 
ILE CD1 HD12 sing N N 170 
ILE CD1 HD13 sing N N 171 
ILE OXT HXT  sing N N 172 
LEU N   CA   sing N N 173 
LEU N   H    sing N N 174 
LEU N   H2   sing N N 175 
LEU CA  C    sing N N 176 
LEU CA  CB   sing N N 177 
LEU CA  HA   sing N N 178 
LEU C   O    doub N N 179 
LEU C   OXT  sing N N 180 
LEU CB  CG   sing N N 181 
LEU CB  HB2  sing N N 182 
LEU CB  HB3  sing N N 183 
LEU CG  CD1  sing N N 184 
LEU CG  CD2  sing N N 185 
LEU CG  HG   sing N N 186 
LEU CD1 HD11 sing N N 187 
LEU CD1 HD12 sing N N 188 
LEU CD1 HD13 sing N N 189 
LEU CD2 HD21 sing N N 190 
LEU CD2 HD22 sing N N 191 
LEU CD2 HD23 sing N N 192 
LEU OXT HXT  sing N N 193 
LYS N   CA   sing N N 194 
LYS N   H    sing N N 195 
LYS N   H2   sing N N 196 
LYS CA  C    sing N N 197 
LYS CA  CB   sing N N 198 
LYS CA  HA   sing N N 199 
LYS C   O    doub N N 200 
LYS C   OXT  sing N N 201 
LYS CB  CG   sing N N 202 
LYS CB  HB2  sing N N 203 
LYS CB  HB3  sing N N 204 
LYS CG  CD   sing N N 205 
LYS CG  HG2  sing N N 206 
LYS CG  HG3  sing N N 207 
LYS CD  CE   sing N N 208 
LYS CD  HD2  sing N N 209 
LYS CD  HD3  sing N N 210 
LYS CE  NZ   sing N N 211 
LYS CE  HE2  sing N N 212 
LYS CE  HE3  sing N N 213 
LYS NZ  HZ1  sing N N 214 
LYS NZ  HZ2  sing N N 215 
LYS NZ  HZ3  sing N N 216 
LYS OXT HXT  sing N N 217 
MET N   CA   sing N N 218 
MET N   H    sing N N 219 
MET N   H2   sing N N 220 
MET CA  C    sing N N 221 
MET CA  CB   sing N N 222 
MET CA  HA   sing N N 223 
MET C   O    doub N N 224 
MET C   OXT  sing N N 225 
MET CB  CG   sing N N 226 
MET CB  HB2  sing N N 227 
MET CB  HB3  sing N N 228 
MET CG  SD   sing N N 229 
MET CG  HG2  sing N N 230 
MET CG  HG3  sing N N 231 
MET SD  CE   sing N N 232 
MET CE  HE1  sing N N 233 
MET CE  HE2  sing N N 234 
MET CE  HE3  sing N N 235 
MET OXT HXT  sing N N 236 
NDP PA  O1A  doub N N 237 
NDP PA  O2A  sing N N 238 
NDP PA  O5B  sing N N 239 
NDP PA  O3   sing N N 240 
NDP O2A HOA2 sing N N 241 
NDP O5B C5B  sing N N 242 
NDP C5B C4B  sing N N 243 
NDP C5B H51A sing N N 244 
NDP C5B H52A sing N N 245 
NDP C4B O4B  sing N N 246 
NDP C4B C3B  sing N N 247 
NDP C4B H4B  sing N N 248 
NDP O4B C1B  sing N N 249 
NDP C3B O3B  sing N N 250 
NDP C3B C2B  sing N N 251 
NDP C3B H3B  sing N N 252 
NDP O3B HO3A sing N N 253 
NDP C2B O2B  sing N N 254 
NDP C2B C1B  sing N N 255 
NDP C2B H2B  sing N N 256 
NDP O2B P2B  sing N N 257 
NDP C1B N9A  sing N N 258 
NDP C1B H1B  sing N N 259 
NDP N9A C8A  sing Y N 260 
NDP N9A C4A  sing Y N 261 
NDP C8A N7A  doub Y N 262 
NDP C8A H8A  sing N N 263 
NDP N7A C5A  sing Y N 264 
NDP C5A C6A  sing Y N 265 
NDP C5A C4A  doub Y N 266 
NDP C6A N6A  sing N N 267 
NDP C6A N1A  doub Y N 268 
NDP N6A H61A sing N N 269 
NDP N6A H62A sing N N 270 
NDP N1A C2A  sing Y N 271 
NDP C2A N3A  doub Y N 272 
NDP C2A H2A  sing N N 273 
NDP N3A C4A  sing Y N 274 
NDP O3  PN   sing N N 275 
NDP PN  O1N  doub N N 276 
NDP PN  O2N  sing N N 277 
NDP PN  O5D  sing N N 278 
NDP O2N H21N sing N N 279 
NDP O5D C5D  sing N N 280 
NDP C5D C4D  sing N N 281 
NDP C5D H51N sing N N 282 
NDP C5D H52N sing N N 283 
NDP C4D O4D  sing N N 284 
NDP C4D C3D  sing N N 285 
NDP C4D H4D  sing N N 286 
NDP O4D C1D  sing N N 287 
NDP C3D O3D  sing N N 288 
NDP C3D C2D  sing N N 289 
NDP C3D H3D  sing N N 290 
NDP O3D HO3N sing N N 291 
NDP C2D O2D  sing N N 292 
NDP C2D C1D  sing N N 293 
NDP C2D H2D  sing N N 294 
NDP O2D HO2N sing N N 295 
NDP C1D N1N  sing N N 296 
NDP C1D H1D  sing N N 297 
NDP N1N C2N  sing N N 298 
NDP N1N C6N  sing N N 299 
NDP C2N C3N  doub N N 300 
NDP C2N H2N  sing N N 301 
NDP C3N C7N  sing N N 302 
NDP C3N C4N  sing N N 303 
NDP C7N O7N  doub N N 304 
NDP C7N N7N  sing N N 305 
NDP N7N H71N sing N N 306 
NDP N7N H72N sing N N 307 
NDP C4N C5N  sing N N 308 
NDP C4N H41N sing N N 309 
NDP C4N H42N sing N N 310 
NDP C5N C6N  doub N N 311 
NDP C5N H5N  sing N N 312 
NDP C6N H6N  sing N N 313 
NDP P2B O1X  doub N N 314 
NDP P2B O2X  sing N N 315 
NDP P2B O3X  sing N N 316 
NDP O2X HOP2 sing N N 317 
NDP O3X HOP3 sing N N 318 
PHE N   CA   sing N N 319 
PHE N   H    sing N N 320 
PHE N   H2   sing N N 321 
PHE CA  C    sing N N 322 
PHE CA  CB   sing N N 323 
PHE CA  HA   sing N N 324 
PHE C   O    doub N N 325 
PHE C   OXT  sing N N 326 
PHE CB  CG   sing N N 327 
PHE CB  HB2  sing N N 328 
PHE CB  HB3  sing N N 329 
PHE CG  CD1  doub Y N 330 
PHE CG  CD2  sing Y N 331 
PHE CD1 CE1  sing Y N 332 
PHE CD1 HD1  sing N N 333 
PHE CD2 CE2  doub Y N 334 
PHE CD2 HD2  sing N N 335 
PHE CE1 CZ   doub Y N 336 
PHE CE1 HE1  sing N N 337 
PHE CE2 CZ   sing Y N 338 
PHE CE2 HE2  sing N N 339 
PHE CZ  HZ   sing N N 340 
PHE OXT HXT  sing N N 341 
PRO N   CA   sing N N 342 
PRO N   CD   sing N N 343 
PRO N   H    sing N N 344 
PRO CA  C    sing N N 345 
PRO CA  CB   sing N N 346 
PRO CA  HA   sing N N 347 
PRO C   O    doub N N 348 
PRO C   OXT  sing N N 349 
PRO CB  CG   sing N N 350 
PRO CB  HB2  sing N N 351 
PRO CB  HB3  sing N N 352 
PRO CG  CD   sing N N 353 
PRO CG  HG2  sing N N 354 
PRO CG  HG3  sing N N 355 
PRO CD  HD2  sing N N 356 
PRO CD  HD3  sing N N 357 
PRO OXT HXT  sing N N 358 
SER N   CA   sing N N 359 
SER N   H    sing N N 360 
SER N   H2   sing N N 361 
SER CA  C    sing N N 362 
SER CA  CB   sing N N 363 
SER CA  HA   sing N N 364 
SER C   O    doub N N 365 
SER C   OXT  sing N N 366 
SER CB  OG   sing N N 367 
SER CB  HB2  sing N N 368 
SER CB  HB3  sing N N 369 
SER OG  HG   sing N N 370 
SER OXT HXT  sing N N 371 
THR N   CA   sing N N 372 
THR N   H    sing N N 373 
THR N   H2   sing N N 374 
THR CA  C    sing N N 375 
THR CA  CB   sing N N 376 
THR CA  HA   sing N N 377 
THR C   O    doub N N 378 
THR C   OXT  sing N N 379 
THR CB  OG1  sing N N 380 
THR CB  CG2  sing N N 381 
THR CB  HB   sing N N 382 
THR OG1 HG1  sing N N 383 
THR CG2 HG21 sing N N 384 
THR CG2 HG22 sing N N 385 
THR CG2 HG23 sing N N 386 
THR OXT HXT  sing N N 387 
TRP N   CA   sing N N 388 
TRP N   H    sing N N 389 
TRP N   H2   sing N N 390 
TRP CA  C    sing N N 391 
TRP CA  CB   sing N N 392 
TRP CA  HA   sing N N 393 
TRP C   O    doub N N 394 
TRP C   OXT  sing N N 395 
TRP CB  CG   sing N N 396 
TRP CB  HB2  sing N N 397 
TRP CB  HB3  sing N N 398 
TRP CG  CD1  doub Y N 399 
TRP CG  CD2  sing Y N 400 
TRP CD1 NE1  sing Y N 401 
TRP CD1 HD1  sing N N 402 
TRP CD2 CE2  doub Y N 403 
TRP CD2 CE3  sing Y N 404 
TRP NE1 CE2  sing Y N 405 
TRP NE1 HE1  sing N N 406 
TRP CE2 CZ2  sing Y N 407 
TRP CE3 CZ3  doub Y N 408 
TRP CE3 HE3  sing N N 409 
TRP CZ2 CH2  doub Y N 410 
TRP CZ2 HZ2  sing N N 411 
TRP CZ3 CH2  sing Y N 412 
TRP CZ3 HZ3  sing N N 413 
TRP CH2 HH2  sing N N 414 
TRP OXT HXT  sing N N 415 
TYR N   CA   sing N N 416 
TYR N   H    sing N N 417 
TYR N   H2   sing N N 418 
TYR CA  C    sing N N 419 
TYR CA  CB   sing N N 420 
TYR CA  HA   sing N N 421 
TYR C   O    doub N N 422 
TYR C   OXT  sing N N 423 
TYR CB  CG   sing N N 424 
TYR CB  HB2  sing N N 425 
TYR CB  HB3  sing N N 426 
TYR CG  CD1  doub Y N 427 
TYR CG  CD2  sing Y N 428 
TYR CD1 CE1  sing Y N 429 
TYR CD1 HD1  sing N N 430 
TYR CD2 CE2  doub Y N 431 
TYR CD2 HD2  sing N N 432 
TYR CE1 CZ   doub Y N 433 
TYR CE1 HE1  sing N N 434 
TYR CE2 CZ   sing Y N 435 
TYR CE2 HE2  sing N N 436 
TYR CZ  OH   sing N N 437 
TYR OH  HH   sing N N 438 
TYR OXT HXT  sing N N 439 
VAL N   CA   sing N N 440 
VAL N   H    sing N N 441 
VAL N   H2   sing N N 442 
VAL CA  C    sing N N 443 
VAL CA  CB   sing N N 444 
VAL CA  HA   sing N N 445 
VAL C   O    doub N N 446 
VAL C   OXT  sing N N 447 
VAL CB  CG1  sing N N 448 
VAL CB  CG2  sing N N 449 
VAL CB  HB   sing N N 450 
VAL CG1 HG11 sing N N 451 
VAL CG1 HG12 sing N N 452 
VAL CG1 HG13 sing N N 453 
VAL CG2 HG21 sing N N 454 
VAL CG2 HG22 sing N N 455 
VAL CG2 HG23 sing N N 456 
VAL OXT HXT  sing N N 457 
# 
_pdbx_audit_support.funding_organization   'National Natural Science Foundation of China (NSFC)' 
_pdbx_audit_support.country                China 
_pdbx_audit_support.grant_number           ? 
_pdbx_audit_support.ordinal                1 
# 
_pdbx_entity_instance_feature.ordinal        1 
_pdbx_entity_instance_feature.comp_id        NDP 
_pdbx_entity_instance_feature.asym_id        ? 
_pdbx_entity_instance_feature.seq_num        ? 
_pdbx_entity_instance_feature.auth_comp_id   NDP 
_pdbx_entity_instance_feature.auth_asym_id   ? 
_pdbx_entity_instance_feature.auth_seq_num   ? 
_pdbx_entity_instance_feature.feature_type   'SUBJECT OF INVESTIGATION' 
_pdbx_entity_instance_feature.details        ? 
# 
loop_
_pdbx_entity_nonpoly.entity_id 
_pdbx_entity_nonpoly.name 
_pdbx_entity_nonpoly.comp_id 
2 'NADPH DIHYDRO-NICOTINAMIDE-ADENINE-DINUCLEOTIDE PHOSPHATE' NDP 
3 water                                                       HOH 
# 
_pdbx_initial_refinement_model.id               1 
_pdbx_initial_refinement_model.entity_id_list   ? 
_pdbx_initial_refinement_model.type             'experimental model' 
_pdbx_initial_refinement_model.source_name      PDB 
_pdbx_initial_refinement_model.accession_code   2XW7 
_pdbx_initial_refinement_model.details          ? 
# 
_pdbx_struct_assembly_auth_evidence.id                     1 
_pdbx_struct_assembly_auth_evidence.assembly_id            1 
_pdbx_struct_assembly_auth_evidence.experimental_support   'gel filtration' 
_pdbx_struct_assembly_auth_evidence.details                ? 
# 
